data_1QMT
# 
_entry.id   1QMT 
# 
_audit_conform.dict_name       mmcif_pdbx.dic 
_audit_conform.dict_version    5.399 
_audit_conform.dict_location   http://mmcif.pdb.org/dictionaries/ascii/mmcif_pdbx.dic 
# 
loop_
_database_2.database_id 
_database_2.database_code 
_database_2.pdbx_database_accession 
_database_2.pdbx_DOI 
PDB   1QMT         pdb_00001qmt 10.2210/pdb1qmt/pdb 
PDBE  EBI-4188     ?            ?                   
WWPDB D_1290004188 ?            ?                   
# 
loop_
_pdbx_audit_revision_history.ordinal 
_pdbx_audit_revision_history.data_content_type 
_pdbx_audit_revision_history.major_revision 
_pdbx_audit_revision_history.minor_revision 
_pdbx_audit_revision_history.revision_date 
1 'Structure model' 1 0 2000-02-04 
2 'Structure model' 1 1 2011-05-08 
3 'Structure model' 1 2 2011-07-13 
4 'Structure model' 1 3 2024-05-01 
5 'Structure model' 1 4 2024-11-20 
# 
_pdbx_audit_revision_details.ordinal             1 
_pdbx_audit_revision_details.revision_ordinal    1 
_pdbx_audit_revision_details.data_content_type   'Structure model' 
_pdbx_audit_revision_details.provider            repository 
_pdbx_audit_revision_details.type                'Initial release' 
_pdbx_audit_revision_details.description         ? 
_pdbx_audit_revision_details.details             ? 
# 
loop_
_pdbx_audit_revision_group.ordinal 
_pdbx_audit_revision_group.revision_ordinal 
_pdbx_audit_revision_group.data_content_type 
_pdbx_audit_revision_group.group 
1 2 'Structure model' 'Version format compliance' 
2 3 'Structure model' 'Version format compliance' 
3 4 'Structure model' 'Data collection'           
4 4 'Structure model' 'Database references'       
5 4 'Structure model' 'Refinement description'    
6 5 'Structure model' 'Structure summary'         
# 
loop_
_pdbx_audit_revision_category.ordinal 
_pdbx_audit_revision_category.revision_ordinal 
_pdbx_audit_revision_category.data_content_type 
_pdbx_audit_revision_category.category 
1 4 'Structure model' chem_comp_atom                
2 4 'Structure model' chem_comp_bond                
3 4 'Structure model' database_2                    
4 4 'Structure model' pdbx_initial_refinement_model 
5 5 'Structure model' pdbx_entry_details            
6 5 'Structure model' pdbx_modification_feature     
# 
loop_
_pdbx_audit_revision_item.ordinal 
_pdbx_audit_revision_item.revision_ordinal 
_pdbx_audit_revision_item.data_content_type 
_pdbx_audit_revision_item.item 
1 4 'Structure model' '_database_2.pdbx_DOI'                         
2 4 'Structure model' '_database_2.pdbx_database_accession'          
3 5 'Structure model' '_pdbx_entry_details.has_protein_modification' 
# 
_pdbx_database_status.status_code                     REL 
_pdbx_database_status.entry_id                        1QMT 
_pdbx_database_status.deposit_site                    PDBE 
_pdbx_database_status.process_site                    PDBE 
_pdbx_database_status.SG_entry                        . 
_pdbx_database_status.recvd_initial_deposition_date   1999-10-06 
_pdbx_database_status.pdb_format_compatible           Y 
_pdbx_database_status.status_code_sf                  ? 
_pdbx_database_status.status_code_mr                  ? 
_pdbx_database_status.status_code_cs                  ? 
_pdbx_database_status.methods_development_category    ? 
_pdbx_database_status.status_code_nmr_data            ? 
# 
loop_
_audit_author.name 
_audit_author.pdbx_ordinal 
'Boix, E.'       1 
'Leonidas, D.D.' 2 
'Acharya, K.R.'  3 
# 
_citation.id                        primary 
_citation.title                     'The Crystal Structure of Eosinophil Cationic Protein at 2.4 A Resolution' 
_citation.journal_abbrev            Biochemistry 
_citation.journal_volume            38 
_citation.page_first                16794 
_citation.page_last                 ? 
_citation.year                      1999 
_citation.journal_id_ASTM           BICHAW 
_citation.country                   US 
_citation.journal_id_ISSN           0006-2960 
_citation.journal_id_CSD            0033 
_citation.book_publisher            ? 
_citation.pdbx_database_id_PubMed   10606511 
_citation.pdbx_database_id_DOI      10.1021/BI9919145 
# 
loop_
_citation_author.citation_id 
_citation_author.name 
_citation_author.ordinal 
_citation_author.identifier_ORCID 
primary 'Boix, E.'       1 ? 
primary 'Leonidas, D.D.' 2 ? 
primary 'Nikolovski, Z.' 3 ? 
primary 'Nogues, M.V.'   4 ? 
primary 'Cuchillo, C.M.' 5 ? 
primary 'Acharya, K.R.'  6 ? 
# 
loop_
_entity.id 
_entity.type 
_entity.src_method 
_entity.pdbx_description 
_entity.formula_weight 
_entity.pdbx_number_of_molecules 
_entity.pdbx_ec 
_entity.pdbx_mutation 
_entity.pdbx_fragment 
_entity.details 
1 polymer man 'EOSINOPHIL CATIONIC PROTEIN' 15730.072 1  ? ? ? ? 
2 water   nat water                         18.015    27 ? ? ? ? 
# 
_entity_name_com.entity_id   1 
_entity_name_com.name        'RIBONUCLEASE 3, RNASE 3' 
# 
_entity_poly.entity_id                      1 
_entity_poly.type                           'polypeptide(L)' 
_entity_poly.nstd_linkage                   no 
_entity_poly.nstd_monomer                   no 
_entity_poly.pdbx_seq_one_letter_code       
;MRPPQFTRAQWFAIQHISLNPPRCTIAMRAINNYRWRCKNQNTFLRTTFANVVNVCGNQSIRCPHNRTLNNCHRSRFRVP
LLHCDLINPGAQNISNCRYADRPGRRFYVVACDNRDPRDSPRYPVVPVHLDTTI
;
_entity_poly.pdbx_seq_one_letter_code_can   
;MRPPQFTRAQWFAIQHISLNPPRCTIAMRAINNYRWRCKNQNTFLRTTFANVVNVCGNQSIRCPHNRTLNNCHRSRFRVP
LLHCDLINPGAQNISNCRYADRPGRRFYVVACDNRDPRDSPRYPVVPVHLDTTI
;
_entity_poly.pdbx_strand_id                 A 
_entity_poly.pdbx_target_identifier         ? 
# 
_pdbx_entity_nonpoly.entity_id   2 
_pdbx_entity_nonpoly.name        water 
_pdbx_entity_nonpoly.comp_id     HOH 
# 
loop_
_entity_poly_seq.entity_id 
_entity_poly_seq.num 
_entity_poly_seq.mon_id 
_entity_poly_seq.hetero 
1 1   MET n 
1 2   ARG n 
1 3   PRO n 
1 4   PRO n 
1 5   GLN n 
1 6   PHE n 
1 7   THR n 
1 8   ARG n 
1 9   ALA n 
1 10  GLN n 
1 11  TRP n 
1 12  PHE n 
1 13  ALA n 
1 14  ILE n 
1 15  GLN n 
1 16  HIS n 
1 17  ILE n 
1 18  SER n 
1 19  LEU n 
1 20  ASN n 
1 21  PRO n 
1 22  PRO n 
1 23  ARG n 
1 24  CYS n 
1 25  THR n 
1 26  ILE n 
1 27  ALA n 
1 28  MET n 
1 29  ARG n 
1 30  ALA n 
1 31  ILE n 
1 32  ASN n 
1 33  ASN n 
1 34  TYR n 
1 35  ARG n 
1 36  TRP n 
1 37  ARG n 
1 38  CYS n 
1 39  LYS n 
1 40  ASN n 
1 41  GLN n 
1 42  ASN n 
1 43  THR n 
1 44  PHE n 
1 45  LEU n 
1 46  ARG n 
1 47  THR n 
1 48  THR n 
1 49  PHE n 
1 50  ALA n 
1 51  ASN n 
1 52  VAL n 
1 53  VAL n 
1 54  ASN n 
1 55  VAL n 
1 56  CYS n 
1 57  GLY n 
1 58  ASN n 
1 59  GLN n 
1 60  SER n 
1 61  ILE n 
1 62  ARG n 
1 63  CYS n 
1 64  PRO n 
1 65  HIS n 
1 66  ASN n 
1 67  ARG n 
1 68  THR n 
1 69  LEU n 
1 70  ASN n 
1 71  ASN n 
1 72  CYS n 
1 73  HIS n 
1 74  ARG n 
1 75  SER n 
1 76  ARG n 
1 77  PHE n 
1 78  ARG n 
1 79  VAL n 
1 80  PRO n 
1 81  LEU n 
1 82  LEU n 
1 83  HIS n 
1 84  CYS n 
1 85  ASP n 
1 86  LEU n 
1 87  ILE n 
1 88  ASN n 
1 89  PRO n 
1 90  GLY n 
1 91  ALA n 
1 92  GLN n 
1 93  ASN n 
1 94  ILE n 
1 95  SER n 
1 96  ASN n 
1 97  CYS n 
1 98  ARG n 
1 99  TYR n 
1 100 ALA n 
1 101 ASP n 
1 102 ARG n 
1 103 PRO n 
1 104 GLY n 
1 105 ARG n 
1 106 ARG n 
1 107 PHE n 
1 108 TYR n 
1 109 VAL n 
1 110 VAL n 
1 111 ALA n 
1 112 CYS n 
1 113 ASP n 
1 114 ASN n 
1 115 ARG n 
1 116 ASP n 
1 117 PRO n 
1 118 ARG n 
1 119 ASP n 
1 120 SER n 
1 121 PRO n 
1 122 ARG n 
1 123 TYR n 
1 124 PRO n 
1 125 VAL n 
1 126 VAL n 
1 127 PRO n 
1 128 VAL n 
1 129 HIS n 
1 130 LEU n 
1 131 ASP n 
1 132 THR n 
1 133 THR n 
1 134 ILE n 
# 
_entity_src_gen.entity_id                          1 
_entity_src_gen.pdbx_src_id                        1 
_entity_src_gen.pdbx_alt_source_flag               sample 
_entity_src_gen.pdbx_seq_type                      ? 
_entity_src_gen.pdbx_beg_seq_num                   ? 
_entity_src_gen.pdbx_end_seq_num                   ? 
_entity_src_gen.gene_src_common_name               HUMAN 
_entity_src_gen.gene_src_genus                     ? 
_entity_src_gen.pdbx_gene_src_gene                 ? 
_entity_src_gen.gene_src_species                   ? 
_entity_src_gen.gene_src_strain                    ? 
_entity_src_gen.gene_src_tissue                    BLOOD 
_entity_src_gen.gene_src_tissue_fraction           ? 
_entity_src_gen.gene_src_details                   ? 
_entity_src_gen.pdbx_gene_src_fragment             ? 
_entity_src_gen.pdbx_gene_src_scientific_name      'HOMO SAPIENS' 
_entity_src_gen.pdbx_gene_src_ncbi_taxonomy_id     9606 
_entity_src_gen.pdbx_gene_src_variant              ? 
_entity_src_gen.pdbx_gene_src_cell_line            ? 
_entity_src_gen.pdbx_gene_src_atcc                 ? 
_entity_src_gen.pdbx_gene_src_organ                ? 
_entity_src_gen.pdbx_gene_src_organelle            ? 
_entity_src_gen.pdbx_gene_src_cell                 EOSINOPHIL 
_entity_src_gen.pdbx_gene_src_cellular_location    ? 
_entity_src_gen.host_org_common_name               ? 
_entity_src_gen.pdbx_host_org_scientific_name      'ESCHERICHIA COLI' 
_entity_src_gen.pdbx_host_org_ncbi_taxonomy_id     469008 
_entity_src_gen.host_org_genus                     ? 
_entity_src_gen.pdbx_host_org_gene                 ? 
_entity_src_gen.pdbx_host_org_organ                ? 
_entity_src_gen.host_org_species                   ? 
_entity_src_gen.pdbx_host_org_tissue               ? 
_entity_src_gen.pdbx_host_org_tissue_fraction      ? 
_entity_src_gen.pdbx_host_org_strain               'BL21(DE3)' 
_entity_src_gen.pdbx_host_org_variant              ? 
_entity_src_gen.pdbx_host_org_cell_line            ? 
_entity_src_gen.pdbx_host_org_atcc                 ? 
_entity_src_gen.pdbx_host_org_culture_collection   ? 
_entity_src_gen.pdbx_host_org_cell                 ? 
_entity_src_gen.pdbx_host_org_organelle            ? 
_entity_src_gen.pdbx_host_org_cellular_location    ? 
_entity_src_gen.pdbx_host_org_vector_type          ? 
_entity_src_gen.pdbx_host_org_vector               ? 
_entity_src_gen.host_org_details                   ? 
_entity_src_gen.expression_system_id               ? 
_entity_src_gen.plasmid_name                       ? 
_entity_src_gen.plasmid_details                    ? 
_entity_src_gen.pdbx_description                   ? 
# 
loop_
_chem_comp.id 
_chem_comp.type 
_chem_comp.mon_nstd_flag 
_chem_comp.name 
_chem_comp.pdbx_synonyms 
_chem_comp.formula 
_chem_comp.formula_weight 
ALA 'L-peptide linking' y ALANINE         ? 'C3 H7 N O2'     89.093  
ARG 'L-peptide linking' y ARGININE        ? 'C6 H15 N4 O2 1' 175.209 
ASN 'L-peptide linking' y ASPARAGINE      ? 'C4 H8 N2 O3'    132.118 
ASP 'L-peptide linking' y 'ASPARTIC ACID' ? 'C4 H7 N O4'     133.103 
CYS 'L-peptide linking' y CYSTEINE        ? 'C3 H7 N O2 S'   121.158 
GLN 'L-peptide linking' y GLUTAMINE       ? 'C5 H10 N2 O3'   146.144 
GLY 'peptide linking'   y GLYCINE         ? 'C2 H5 N O2'     75.067  
HIS 'L-peptide linking' y HISTIDINE       ? 'C6 H10 N3 O2 1' 156.162 
HOH non-polymer         . WATER           ? 'H2 O'           18.015  
ILE 'L-peptide linking' y ISOLEUCINE      ? 'C6 H13 N O2'    131.173 
LEU 'L-peptide linking' y LEUCINE         ? 'C6 H13 N O2'    131.173 
LYS 'L-peptide linking' y LYSINE          ? 'C6 H15 N2 O2 1' 147.195 
MET 'L-peptide linking' y METHIONINE      ? 'C5 H11 N O2 S'  149.211 
PHE 'L-peptide linking' y PHENYLALANINE   ? 'C9 H11 N O2'    165.189 
PRO 'L-peptide linking' y PROLINE         ? 'C5 H9 N O2'     115.130 
SER 'L-peptide linking' y SERINE          ? 'C3 H7 N O3'     105.093 
THR 'L-peptide linking' y THREONINE       ? 'C4 H9 N O3'     119.119 
TRP 'L-peptide linking' y TRYPTOPHAN      ? 'C11 H12 N2 O2'  204.225 
TYR 'L-peptide linking' y TYROSINE        ? 'C9 H11 N O3'    181.189 
VAL 'L-peptide linking' y VALINE          ? 'C5 H11 N O2'    117.146 
# 
loop_
_pdbx_poly_seq_scheme.asym_id 
_pdbx_poly_seq_scheme.entity_id 
_pdbx_poly_seq_scheme.seq_id 
_pdbx_poly_seq_scheme.mon_id 
_pdbx_poly_seq_scheme.ndb_seq_num 
_pdbx_poly_seq_scheme.pdb_seq_num 
_pdbx_poly_seq_scheme.auth_seq_num 
_pdbx_poly_seq_scheme.pdb_mon_id 
_pdbx_poly_seq_scheme.auth_mon_id 
_pdbx_poly_seq_scheme.pdb_strand_id 
_pdbx_poly_seq_scheme.pdb_ins_code 
_pdbx_poly_seq_scheme.hetero 
A 1 1   MET 1   0   0   MET MET A . n 
A 1 2   ARG 2   1   1   ARG ARG A . n 
A 1 3   PRO 3   2   2   PRO PRO A . n 
A 1 4   PRO 4   3   3   PRO PRO A . n 
A 1 5   GLN 5   4   4   GLN GLN A . n 
A 1 6   PHE 6   5   5   PHE PHE A . n 
A 1 7   THR 7   6   6   THR THR A . n 
A 1 8   ARG 8   7   7   ARG ARG A . n 
A 1 9   ALA 9   8   8   ALA ALA A . n 
A 1 10  GLN 10  9   9   GLN GLN A . n 
A 1 11  TRP 11  10  10  TRP TRP A . n 
A 1 12  PHE 12  11  11  PHE PHE A . n 
A 1 13  ALA 13  12  12  ALA ALA A . n 
A 1 14  ILE 14  13  13  ILE ILE A . n 
A 1 15  GLN 15  14  14  GLN GLN A . n 
A 1 16  HIS 16  15  15  HIS HIS A . n 
A 1 17  ILE 17  16  16  ILE ILE A . n 
A 1 18  SER 18  17  17  SER SER A . n 
A 1 19  LEU 19  18  18  LEU LEU A . n 
A 1 20  ASN 20  19  19  ASN ASN A . n 
A 1 21  PRO 21  20  20  PRO PRO A . n 
A 1 22  PRO 22  21  21  PRO PRO A . n 
A 1 23  ARG 23  22  22  ARG ARG A . n 
A 1 24  CYS 24  23  23  CYS CYS A . n 
A 1 25  THR 25  24  24  THR THR A . n 
A 1 26  ILE 26  25  25  ILE ILE A . n 
A 1 27  ALA 27  26  26  ALA ALA A . n 
A 1 28  MET 28  27  27  MET MET A . n 
A 1 29  ARG 29  28  28  ARG ARG A . n 
A 1 30  ALA 30  29  29  ALA ALA A . n 
A 1 31  ILE 31  30  30  ILE ILE A . n 
A 1 32  ASN 32  31  31  ASN ASN A . n 
A 1 33  ASN 33  32  32  ASN ASN A . n 
A 1 34  TYR 34  33  33  TYR TYR A . n 
A 1 35  ARG 35  34  34  ARG ARG A . n 
A 1 36  TRP 36  35  35  TRP TRP A . n 
A 1 37  ARG 37  36  36  ARG ARG A . n 
A 1 38  CYS 38  37  37  CYS CYS A . n 
A 1 39  LYS 39  38  38  LYS LYS A . n 
A 1 40  ASN 40  39  39  ASN ASN A . n 
A 1 41  GLN 41  40  40  GLN GLN A . n 
A 1 42  ASN 42  41  41  ASN ASN A . n 
A 1 43  THR 43  42  42  THR THR A . n 
A 1 44  PHE 44  43  43  PHE PHE A . n 
A 1 45  LEU 45  44  44  LEU LEU A . n 
A 1 46  ARG 46  45  45  ARG ARG A . n 
A 1 47  THR 47  46  46  THR THR A . n 
A 1 48  THR 48  47  47  THR THR A . n 
A 1 49  PHE 49  48  48  PHE PHE A . n 
A 1 50  ALA 50  49  49  ALA ALA A . n 
A 1 51  ASN 51  50  50  ASN ASN A . n 
A 1 52  VAL 52  51  51  VAL VAL A . n 
A 1 53  VAL 53  52  52  VAL VAL A . n 
A 1 54  ASN 54  53  53  ASN ASN A . n 
A 1 55  VAL 55  54  54  VAL VAL A . n 
A 1 56  CYS 56  55  55  CYS CYS A . n 
A 1 57  GLY 57  56  56  GLY GLY A . n 
A 1 58  ASN 58  57  57  ASN ASN A . n 
A 1 59  GLN 59  58  58  GLN GLN A . n 
A 1 60  SER 60  59  59  SER SER A . n 
A 1 61  ILE 61  60  60  ILE ILE A . n 
A 1 62  ARG 62  61  61  ARG ARG A . n 
A 1 63  CYS 63  62  62  CYS CYS A . n 
A 1 64  PRO 64  63  63  PRO PRO A . n 
A 1 65  HIS 65  64  64  HIS HIS A . n 
A 1 66  ASN 66  65  65  ASN ASN A . n 
A 1 67  ARG 67  66  66  ARG ARG A . n 
A 1 68  THR 68  67  67  THR THR A . n 
A 1 69  LEU 69  68  68  LEU LEU A . n 
A 1 70  ASN 70  69  69  ASN ASN A . n 
A 1 71  ASN 71  70  70  ASN ASN A . n 
A 1 72  CYS 72  71  71  CYS CYS A . n 
A 1 73  HIS 73  72  72  HIS HIS A . n 
A 1 74  ARG 74  73  73  ARG ARG A . n 
A 1 75  SER 75  74  74  SER SER A . n 
A 1 76  ARG 76  75  75  ARG ARG A . n 
A 1 77  PHE 77  76  76  PHE PHE A . n 
A 1 78  ARG 78  77  77  ARG ARG A . n 
A 1 79  VAL 79  78  78  VAL VAL A . n 
A 1 80  PRO 80  79  79  PRO PRO A . n 
A 1 81  LEU 81  80  80  LEU LEU A . n 
A 1 82  LEU 82  81  81  LEU LEU A . n 
A 1 83  HIS 83  82  82  HIS HIS A . n 
A 1 84  CYS 84  83  83  CYS CYS A . n 
A 1 85  ASP 85  84  84  ASP ASP A . n 
A 1 86  LEU 86  85  85  LEU LEU A . n 
A 1 87  ILE 87  86  86  ILE ILE A . n 
A 1 88  ASN 88  87  87  ASN ASN A . n 
A 1 89  PRO 89  88  88  PRO PRO A . n 
A 1 90  GLY 90  89  89  GLY GLY A . n 
A 1 91  ALA 91  90  90  ALA ALA A . n 
A 1 92  GLN 92  91  91  GLN GLN A . n 
A 1 93  ASN 93  92  92  ASN ASN A . n 
A 1 94  ILE 94  93  93  ILE ILE A . n 
A 1 95  SER 95  94  94  SER SER A . n 
A 1 96  ASN 96  95  95  ASN ASN A . n 
A 1 97  CYS 97  96  96  CYS CYS A . n 
A 1 98  ARG 98  97  97  ARG ARG A . n 
A 1 99  TYR 99  98  98  TYR TYR A . n 
A 1 100 ALA 100 99  99  ALA ALA A . n 
A 1 101 ASP 101 100 100 ASP ASP A . n 
A 1 102 ARG 102 101 101 ARG ARG A . n 
A 1 103 PRO 103 102 102 PRO PRO A . n 
A 1 104 GLY 104 103 103 GLY GLY A . n 
A 1 105 ARG 105 104 104 ARG ARG A . n 
A 1 106 ARG 106 105 105 ARG ARG A . n 
A 1 107 PHE 107 106 106 PHE PHE A . n 
A 1 108 TYR 108 107 107 TYR TYR A . n 
A 1 109 VAL 109 108 108 VAL VAL A . n 
A 1 110 VAL 110 109 109 VAL VAL A . n 
A 1 111 ALA 111 110 110 ALA ALA A . n 
A 1 112 CYS 112 111 111 CYS CYS A . n 
A 1 113 ASP 113 112 112 ASP ASP A . n 
A 1 114 ASN 114 113 113 ASN ASN A . n 
A 1 115 ARG 115 114 114 ARG ARG A . n 
A 1 116 ASP 116 115 115 ASP ASP A . n 
A 1 117 PRO 117 116 116 PRO PRO A . n 
A 1 118 ARG 118 117 117 ARG ARG A . n 
A 1 119 ASP 119 118 118 ASP ASP A . n 
A 1 120 SER 120 119 119 SER SER A . n 
A 1 121 PRO 121 120 120 PRO PRO A . n 
A 1 122 ARG 122 121 121 ARG ARG A . n 
A 1 123 TYR 123 122 122 TYR TYR A . n 
A 1 124 PRO 124 123 123 PRO PRO A . n 
A 1 125 VAL 125 124 124 VAL VAL A . n 
A 1 126 VAL 126 125 125 VAL VAL A . n 
A 1 127 PRO 127 126 126 PRO PRO A . n 
A 1 128 VAL 128 127 127 VAL VAL A . n 
A 1 129 HIS 129 128 128 HIS HIS A . n 
A 1 130 LEU 130 129 129 LEU LEU A . n 
A 1 131 ASP 131 130 130 ASP ASP A . n 
A 1 132 THR 132 131 131 THR THR A . n 
A 1 133 THR 133 132 132 THR THR A . n 
A 1 134 ILE 134 133 133 ILE ILE A . n 
# 
loop_
_pdbx_nonpoly_scheme.asym_id 
_pdbx_nonpoly_scheme.entity_id 
_pdbx_nonpoly_scheme.mon_id 
_pdbx_nonpoly_scheme.ndb_seq_num 
_pdbx_nonpoly_scheme.pdb_seq_num 
_pdbx_nonpoly_scheme.auth_seq_num 
_pdbx_nonpoly_scheme.pdb_mon_id 
_pdbx_nonpoly_scheme.auth_mon_id 
_pdbx_nonpoly_scheme.pdb_strand_id 
_pdbx_nonpoly_scheme.pdb_ins_code 
B 2 HOH 1  2001 2001 HOH HOH A . 
B 2 HOH 2  2002 2002 HOH HOH A . 
B 2 HOH 3  2003 2003 HOH HOH A . 
B 2 HOH 4  2004 2004 HOH HOH A . 
B 2 HOH 5  2005 2005 HOH HOH A . 
B 2 HOH 6  2006 2006 HOH HOH A . 
B 2 HOH 7  2007 2007 HOH HOH A . 
B 2 HOH 8  2008 2008 HOH HOH A . 
B 2 HOH 9  2009 2009 HOH HOH A . 
B 2 HOH 10 2010 2010 HOH HOH A . 
B 2 HOH 11 2011 2011 HOH HOH A . 
B 2 HOH 12 2012 2012 HOH HOH A . 
B 2 HOH 13 2013 2013 HOH HOH A . 
B 2 HOH 14 2014 2014 HOH HOH A . 
B 2 HOH 15 2015 2015 HOH HOH A . 
B 2 HOH 16 2016 2016 HOH HOH A . 
B 2 HOH 17 2017 2017 HOH HOH A . 
B 2 HOH 18 2018 2018 HOH HOH A . 
B 2 HOH 19 2019 2019 HOH HOH A . 
B 2 HOH 20 2020 2020 HOH HOH A . 
B 2 HOH 21 2021 2021 HOH HOH A . 
B 2 HOH 22 2022 2022 HOH HOH A . 
B 2 HOH 23 2023 2023 HOH HOH A . 
B 2 HOH 24 2024 2024 HOH HOH A . 
B 2 HOH 25 2025 2025 HOH HOH A . 
B 2 HOH 26 2026 2026 HOH HOH A . 
B 2 HOH 27 2027 2027 HOH HOH A . 
# 
loop_
_software.name 
_software.classification 
_software.version 
_software.citation_id 
_software.pdbx_ordinal 
X-PLOR    refinement       3.851 ? 1 
DENZO     'data reduction' .     ? 2 
SCALEPACK 'data scaling'   .     ? 3 
X-PLOR    phasing          3.851 ? 4 
# 
_cell.entry_id           1QMT 
_cell.length_a           100.159 
_cell.length_b           100.159 
_cell.length_c           31.281 
_cell.angle_alpha        90.00 
_cell.angle_beta         90.00 
_cell.angle_gamma        120.00 
_cell.Z_PDB              6 
_cell.pdbx_unique_axis   ? 
# 
_symmetry.entry_id                         1QMT 
_symmetry.space_group_name_H-M             'P 63' 
_symmetry.pdbx_full_space_group_name_H-M   ? 
_symmetry.cell_setting                     ? 
_symmetry.Int_Tables_number                173 
# 
_exptl.entry_id          1QMT 
_exptl.method            'X-RAY DIFFRACTION' 
_exptl.crystals_number   1 
# 
_exptl_crystal.id                    1 
_exptl_crystal.density_meas          ? 
_exptl_crystal.density_Matthews      3.3 
_exptl_crystal.density_percent_sol   53.2 
_exptl_crystal.description           ? 
# 
_exptl_crystal_grow.crystal_id      1 
_exptl_crystal_grow.method          ? 
_exptl_crystal_grow.temp            ? 
_exptl_crystal_grow.temp_details    ? 
_exptl_crystal_grow.pH              8.00 
_exptl_crystal_grow.pdbx_pH_range   ? 
_exptl_crystal_grow.pdbx_details    'pH 8.00' 
# 
_diffrn.id                     1 
_diffrn.ambient_temp           293.0 
_diffrn.ambient_temp_details   ? 
_diffrn.crystal_id             1 
# 
_diffrn_detector.diffrn_id              1 
_diffrn_detector.detector               'IMAGE PLATE' 
_diffrn_detector.type                   MARRESEARCH 
_diffrn_detector.pdbx_collection_date   1999-03-15 
_diffrn_detector.details                ? 
# 
_diffrn_radiation.diffrn_id                        1 
_diffrn_radiation.wavelength_id                    1 
_diffrn_radiation.pdbx_monochromatic_or_laue_m_l   M 
_diffrn_radiation.monochromator                    ? 
_diffrn_radiation.pdbx_diffrn_protocol             'SINGLE WAVELENGTH' 
_diffrn_radiation.pdbx_scattering_type             x-ray 
# 
_diffrn_radiation_wavelength.id           1 
_diffrn_radiation_wavelength.wavelength   1.0 
_diffrn_radiation_wavelength.wt           1.0 
# 
_diffrn_source.diffrn_id                   1 
_diffrn_source.source                      SYNCHROTRON 
_diffrn_source.type                        'SRS BEAMLINE PX9.5' 
_diffrn_source.pdbx_synchrotron_site       SRS 
_diffrn_source.pdbx_synchrotron_beamline   PX9.5 
_diffrn_source.pdbx_wavelength             1.0 
_diffrn_source.pdbx_wavelength_list        ? 
# 
_reflns.pdbx_diffrn_id               1 
_reflns.pdbx_ordinal                 1 
_reflns.entry_id                     1QMT 
_reflns.observed_criterion_sigma_I   0.000 
_reflns.observed_criterion_sigma_F   ? 
_reflns.d_resolution_low             40.000 
_reflns.d_resolution_high            2.400 
_reflns.number_obs                   6916 
_reflns.number_all                   ? 
_reflns.percent_possible_obs         95.7 
_reflns.pdbx_Rmerge_I_obs            0.10700 
_reflns.pdbx_Rsym_value              ? 
_reflns.pdbx_netI_over_sigmaI        10.7000 
_reflns.B_iso_Wilson_estimate        41.2 
_reflns.pdbx_redundancy              4.930 
# 
_reflns_shell.pdbx_diffrn_id         1 
_reflns_shell.pdbx_ordinal           1 
_reflns_shell.d_res_high             2.40 
_reflns_shell.d_res_low              2.49 
_reflns_shell.percent_possible_all   65.0 
_reflns_shell.Rmerge_I_obs           0.28700 
_reflns_shell.pdbx_Rsym_value        ? 
_reflns_shell.meanI_over_sigI_obs    3.500 
_reflns_shell.pdbx_redundancy        ? 
# 
_refine.pdbx_refine_id                           'X-RAY DIFFRACTION' 
_refine.entry_id                                 1QMT 
_refine.pdbx_diffrn_id                           1 
_refine.pdbx_TLS_residual_ADP_flag               ? 
_refine.ls_number_reflns_obs                     6907 
_refine.ls_number_reflns_all                     ? 
_refine.pdbx_ls_sigma_I                          ? 
_refine.pdbx_ls_sigma_F                          0.0 
_refine.pdbx_data_cutoff_high_absF               10000000.00 
_refine.pdbx_data_cutoff_low_absF                0.001000 
_refine.pdbx_data_cutoff_high_rms_absF           ? 
_refine.ls_d_res_low                             20.00 
_refine.ls_d_res_high                            2.40 
_refine.ls_percent_reflns_obs                    95.4 
_refine.ls_R_factor_obs                          0.176 
_refine.ls_R_factor_all                          ? 
_refine.ls_R_factor_R_work                       0.176 
_refine.ls_R_factor_R_free                       0.229 
_refine.ls_R_factor_R_free_error                 0.010 
_refine.ls_R_factor_R_free_error_details         ? 
_refine.ls_percent_reflns_R_free                 8.0 
_refine.ls_number_reflns_R_free                  552 
_refine.ls_number_parameters                     ? 
_refine.ls_number_restraints                     ? 
_refine.occupancy_min                            ? 
_refine.occupancy_max                            ? 
_refine.correlation_coeff_Fo_to_Fc               ? 
_refine.correlation_coeff_Fo_to_Fc_free          ? 
_refine.B_iso_mean                               38.8 
_refine.aniso_B[1][1]                            0.00 
_refine.aniso_B[2][2]                            0.00 
_refine.aniso_B[3][3]                            0.00 
_refine.aniso_B[1][2]                            0.00 
_refine.aniso_B[1][3]                            0.00 
_refine.aniso_B[2][3]                            0.00 
_refine.solvent_model_details                    ? 
_refine.solvent_model_param_ksol                 ? 
_refine.solvent_model_param_bsol                 ? 
_refine.pdbx_solvent_vdw_probe_radii             ? 
_refine.pdbx_solvent_ion_probe_radii             ? 
_refine.pdbx_solvent_shrinkage_radii             ? 
_refine.pdbx_ls_cross_valid_method               THROUGHOUT 
_refine.details                                  'BULK SOLVENT MODEL USED' 
_refine.pdbx_starting_model                      
;EOSINOPHIL DERIVED NEUROTOXIN STRUCTURE AT 1.8 ANGSTROMS (COORDINATES NOT SUBMITTED) WAS PROVIDED BY S.MOSIMANN AND M.N.G.JAMES AND USED FOR MOLECULAR REPLACEMENT.
;
_refine.pdbx_method_to_determine_struct          'MOLECULAR REPLACEMENT' 
_refine.pdbx_isotropic_thermal_model             ? 
_refine.pdbx_stereochemistry_target_values       ? 
_refine.pdbx_stereochem_target_val_spec_case     ? 
_refine.pdbx_R_Free_selection_details            RANDOM 
_refine.pdbx_overall_ESU_R                       ? 
_refine.pdbx_overall_ESU_R_Free                  ? 
_refine.overall_SU_ML                            ? 
_refine.pdbx_overall_phase_error                 ? 
_refine.overall_SU_B                             ? 
_refine.overall_SU_R_Cruickshank_DPI             ? 
_refine.pdbx_overall_SU_R_free_Cruickshank_DPI   ? 
_refine.pdbx_overall_SU_R_Blow_DPI               ? 
_refine.pdbx_overall_SU_R_free_Blow_DPI          ? 
# 
_refine_analyze.pdbx_refine_id                  'X-RAY DIFFRACTION' 
_refine_analyze.entry_id                        1QMT 
_refine_analyze.Luzzati_coordinate_error_obs    0.27 
_refine_analyze.Luzzati_sigma_a_obs             0.38 
_refine_analyze.Luzzati_d_res_low_obs           5.00 
_refine_analyze.Luzzati_coordinate_error_free   0.32 
_refine_analyze.Luzzati_sigma_a_free            0.34 
_refine_analyze.Luzzati_d_res_low_free          ? 
_refine_analyze.number_disordered_residues      ? 
_refine_analyze.occupancy_sum_hydrogen          ? 
_refine_analyze.occupancy_sum_non_hydrogen      ? 
# 
_refine_hist.pdbx_refine_id                   'X-RAY DIFFRACTION' 
_refine_hist.cycle_id                         LAST 
_refine_hist.pdbx_number_atoms_protein        1102 
_refine_hist.pdbx_number_atoms_nucleic_acid   0 
_refine_hist.pdbx_number_atoms_ligand         0 
_refine_hist.number_atoms_solvent             27 
_refine_hist.number_atoms_total               1129 
_refine_hist.d_res_high                       2.40 
_refine_hist.d_res_low                        20.00 
# 
loop_
_refine_ls_restr.type 
_refine_ls_restr.dev_ideal 
_refine_ls_restr.dev_ideal_target 
_refine_ls_restr.weight 
_refine_ls_restr.number 
_refine_ls_restr.pdbx_refine_id 
_refine_ls_restr.pdbx_restraint_function 
x_bond_d                0.010 ?    ? ? 'X-RAY DIFFRACTION' ? 
x_bond_d_na             ?     ?    ? ? 'X-RAY DIFFRACTION' ? 
x_bond_d_prot           ?     ?    ? ? 'X-RAY DIFFRACTION' ? 
x_angle_d               ?     ?    ? ? 'X-RAY DIFFRACTION' ? 
x_angle_d_na            ?     ?    ? ? 'X-RAY DIFFRACTION' ? 
x_angle_d_prot          ?     ?    ? ? 'X-RAY DIFFRACTION' ? 
x_angle_deg             1.5   ?    ? ? 'X-RAY DIFFRACTION' ? 
x_angle_deg_na          ?     ?    ? ? 'X-RAY DIFFRACTION' ? 
x_angle_deg_prot        ?     ?    ? ? 'X-RAY DIFFRACTION' ? 
x_dihedral_angle_d      28.1  ?    ? ? 'X-RAY DIFFRACTION' ? 
x_dihedral_angle_d_na   ?     ?    ? ? 'X-RAY DIFFRACTION' ? 
x_dihedral_angle_d_prot ?     ?    ? ? 'X-RAY DIFFRACTION' ? 
x_improper_angle_d      0.78  ?    ? ? 'X-RAY DIFFRACTION' ? 
x_improper_angle_d_na   ?     ?    ? ? 'X-RAY DIFFRACTION' ? 
x_improper_angle_d_prot ?     ?    ? ? 'X-RAY DIFFRACTION' ? 
x_mcbond_it             2.28  1.50 ? ? 'X-RAY DIFFRACTION' ? 
x_mcangle_it            3.75  2.00 ? ? 'X-RAY DIFFRACTION' ? 
x_scbond_it             4.15  2.00 ? ? 'X-RAY DIFFRACTION' ? 
x_scangle_it            6.38  2.50 ? ? 'X-RAY DIFFRACTION' ? 
# 
_refine_ls_shell.pdbx_refine_id                   'X-RAY DIFFRACTION' 
_refine_ls_shell.pdbx_total_number_of_bins_used   6 
_refine_ls_shell.d_res_high                       2.40 
_refine_ls_shell.d_res_low                        2.55 
_refine_ls_shell.number_reflns_R_work             810 
_refine_ls_shell.R_factor_R_work                  0.318 
_refine_ls_shell.percent_reflns_obs               74.4 
_refine_ls_shell.R_factor_R_free                  0.296 
_refine_ls_shell.R_factor_R_free_error            0.037 
_refine_ls_shell.percent_reflns_R_free            7.2 
_refine_ls_shell.number_reflns_R_free             63 
_refine_ls_shell.number_reflns_all                ? 
_refine_ls_shell.R_factor_all                     ? 
# 
loop_
_pdbx_xplor_file.pdbx_refine_id 
_pdbx_xplor_file.serial_no 
_pdbx_xplor_file.param_file 
_pdbx_xplor_file.topol_file 
'X-RAY DIFFRACTION' 1 PROTEIN_REP.PARAM TOPHCSDX.PRO 
'X-RAY DIFFRACTION' 2 PARAM.WATER       TOPOW.WATER  
# 
_struct.entry_id                  1QMT 
_struct.title                     'Recombinant Human Eosinophil Cationic Protein' 
_struct.pdbx_model_details        ? 
_struct.pdbx_CASP_flag            ? 
_struct.pdbx_model_type_details   ? 
# 
_struct_keywords.entry_id        1QMT 
_struct_keywords.pdbx_keywords   RIBONUCLEASE 
_struct_keywords.text            'EOSINOPHIL, RIBONUCLEASE, CYTOTOXICITY' 
# 
loop_
_struct_asym.id 
_struct_asym.pdbx_blank_PDB_chainid_flag 
_struct_asym.pdbx_modified 
_struct_asym.entity_id 
_struct_asym.details 
A N N 1 ? 
B N N 2 ? 
# 
_struct_ref.id                         1 
_struct_ref.db_name                    UNP 
_struct_ref.db_code                    ECP_HUMAN 
_struct_ref.entity_id                  1 
_struct_ref.pdbx_seq_one_letter_code   ? 
_struct_ref.pdbx_align_begin           ? 
_struct_ref.pdbx_db_accession          P12724 
_struct_ref.pdbx_db_isoform            ? 
# 
_struct_ref_seq.align_id                      1 
_struct_ref_seq.ref_id                        1 
_struct_ref_seq.pdbx_PDB_id_code              1QMT 
_struct_ref_seq.pdbx_strand_id                A 
_struct_ref_seq.seq_align_beg                 2 
_struct_ref_seq.pdbx_seq_align_beg_ins_code   ? 
_struct_ref_seq.seq_align_end                 134 
_struct_ref_seq.pdbx_seq_align_end_ins_code   ? 
_struct_ref_seq.pdbx_db_accession             P12724 
_struct_ref_seq.db_align_beg                  28 
_struct_ref_seq.pdbx_db_align_beg_ins_code    ? 
_struct_ref_seq.db_align_end                  160 
_struct_ref_seq.pdbx_db_align_end_ins_code    ? 
_struct_ref_seq.pdbx_auth_seq_align_beg       1 
_struct_ref_seq.pdbx_auth_seq_align_end       133 
# 
_struct_ref_seq_dif.align_id                     1 
_struct_ref_seq_dif.pdbx_pdb_id_code             1QMT 
_struct_ref_seq_dif.mon_id                       MET 
_struct_ref_seq_dif.pdbx_pdb_strand_id           A 
_struct_ref_seq_dif.seq_num                      1 
_struct_ref_seq_dif.pdbx_pdb_ins_code            ? 
_struct_ref_seq_dif.pdbx_seq_db_name             UNP 
_struct_ref_seq_dif.pdbx_seq_db_accession_code   P12724 
_struct_ref_seq_dif.db_mon_id                    ? 
_struct_ref_seq_dif.pdbx_seq_db_seq_num          ? 
_struct_ref_seq_dif.details                      'cloning artifact' 
_struct_ref_seq_dif.pdbx_auth_seq_num            0 
_struct_ref_seq_dif.pdbx_ordinal                 1 
# 
_pdbx_struct_assembly.id                   1 
_pdbx_struct_assembly.details              software_defined_assembly 
_pdbx_struct_assembly.method_details       PQS 
_pdbx_struct_assembly.oligomeric_details   monomeric 
_pdbx_struct_assembly.oligomeric_count     1 
# 
_pdbx_struct_assembly_gen.assembly_id       1 
_pdbx_struct_assembly_gen.oper_expression   1 
_pdbx_struct_assembly_gen.asym_id_list      A,B 
# 
_pdbx_struct_oper_list.id                   1 
_pdbx_struct_oper_list.type                 'identity operation' 
_pdbx_struct_oper_list.name                 1_555 
_pdbx_struct_oper_list.symmetry_operation   x,y,z 
_pdbx_struct_oper_list.matrix[1][1]         1.0000000000 
_pdbx_struct_oper_list.matrix[1][2]         0.0000000000 
_pdbx_struct_oper_list.matrix[1][3]         0.0000000000 
_pdbx_struct_oper_list.vector[1]            0.0000000000 
_pdbx_struct_oper_list.matrix[2][1]         0.0000000000 
_pdbx_struct_oper_list.matrix[2][2]         1.0000000000 
_pdbx_struct_oper_list.matrix[2][3]         0.0000000000 
_pdbx_struct_oper_list.vector[2]            0.0000000000 
_pdbx_struct_oper_list.matrix[3][1]         0.0000000000 
_pdbx_struct_oper_list.matrix[3][2]         0.0000000000 
_pdbx_struct_oper_list.matrix[3][3]         1.0000000000 
_pdbx_struct_oper_list.vector[3]            0.0000000000 
# 
_struct_biol.id        1 
_struct_biol.details   'BIOLOGICAL_UNIT: MONOMER' 
# 
loop_
_struct_conf.conf_type_id 
_struct_conf.id 
_struct_conf.pdbx_PDB_helix_id 
_struct_conf.beg_label_comp_id 
_struct_conf.beg_label_asym_id 
_struct_conf.beg_label_seq_id 
_struct_conf.pdbx_beg_PDB_ins_code 
_struct_conf.end_label_comp_id 
_struct_conf.end_label_asym_id 
_struct_conf.end_label_seq_id 
_struct_conf.pdbx_end_PDB_ins_code 
_struct_conf.beg_auth_comp_id 
_struct_conf.beg_auth_asym_id 
_struct_conf.beg_auth_seq_id 
_struct_conf.end_auth_comp_id 
_struct_conf.end_auth_asym_id 
_struct_conf.end_auth_seq_id 
_struct_conf.pdbx_PDB_helix_class 
_struct_conf.details 
_struct_conf.pdbx_PDB_helix_length 
HELX_P HELX_P1 1 THR A 7  ? ILE A 17 ? THR A 6  ILE A 16 1 ? 11 
HELX_P HELX_P2 2 ARG A 23 ? MET A 28 ? ARG A 22 MET A 27 1 ? 6  
HELX_P HELX_P3 3 MET A 28 ? ASN A 33 ? MET A 27 ASN A 32 1 ? 6  
HELX_P HELX_P4 4 THR A 48 ? GLY A 57 ? THR A 47 GLY A 56 1 ? 10 
HELX_P HELX_P5 5 PRO A 64 ? ASN A 66 ? PRO A 63 ASN A 65 5 ? 3  
# 
_struct_conf_type.id          HELX_P 
_struct_conf_type.criteria    ? 
_struct_conf_type.reference   ? 
# 
loop_
_struct_conn.id 
_struct_conn.conn_type_id 
_struct_conn.pdbx_leaving_atom_flag 
_struct_conn.pdbx_PDB_id 
_struct_conn.ptnr1_label_asym_id 
_struct_conn.ptnr1_label_comp_id 
_struct_conn.ptnr1_label_seq_id 
_struct_conn.ptnr1_label_atom_id 
_struct_conn.pdbx_ptnr1_label_alt_id 
_struct_conn.pdbx_ptnr1_PDB_ins_code 
_struct_conn.pdbx_ptnr1_standard_comp_id 
_struct_conn.ptnr1_symmetry 
_struct_conn.ptnr2_label_asym_id 
_struct_conn.ptnr2_label_comp_id 
_struct_conn.ptnr2_label_seq_id 
_struct_conn.ptnr2_label_atom_id 
_struct_conn.pdbx_ptnr2_label_alt_id 
_struct_conn.pdbx_ptnr2_PDB_ins_code 
_struct_conn.ptnr1_auth_asym_id 
_struct_conn.ptnr1_auth_comp_id 
_struct_conn.ptnr1_auth_seq_id 
_struct_conn.ptnr2_auth_asym_id 
_struct_conn.ptnr2_auth_comp_id 
_struct_conn.ptnr2_auth_seq_id 
_struct_conn.ptnr2_symmetry 
_struct_conn.pdbx_ptnr3_label_atom_id 
_struct_conn.pdbx_ptnr3_label_seq_id 
_struct_conn.pdbx_ptnr3_label_comp_id 
_struct_conn.pdbx_ptnr3_label_asym_id 
_struct_conn.pdbx_ptnr3_label_alt_id 
_struct_conn.pdbx_ptnr3_PDB_ins_code 
_struct_conn.details 
_struct_conn.pdbx_dist_value 
_struct_conn.pdbx_value_order 
_struct_conn.pdbx_role 
disulf1 disulf ? ? A CYS 24 SG ? ? ? 1_555 A CYS 84  SG ? ? A CYS 23 A CYS 83  1_555 ? ? ? ? ? ? ? 2.024 ? ? 
disulf2 disulf ? ? A CYS 38 SG ? ? ? 1_555 A CYS 97  SG ? ? A CYS 37 A CYS 96  1_555 ? ? ? ? ? ? ? 1.997 ? ? 
disulf3 disulf ? ? A CYS 56 SG ? ? ? 1_555 A CYS 112 SG ? ? A CYS 55 A CYS 111 1_555 ? ? ? ? ? ? ? 2.028 ? ? 
disulf4 disulf ? ? A CYS 63 SG ? ? ? 1_555 A CYS 72  SG ? ? A CYS 62 A CYS 71  1_555 ? ? ? ? ? ? ? 2.024 ? ? 
# 
_struct_conn_type.id          disulf 
_struct_conn_type.criteria    ? 
_struct_conn_type.reference   ? 
# 
loop_
_pdbx_modification_feature.ordinal 
_pdbx_modification_feature.label_comp_id 
_pdbx_modification_feature.label_asym_id 
_pdbx_modification_feature.label_seq_id 
_pdbx_modification_feature.label_alt_id 
_pdbx_modification_feature.modified_residue_label_comp_id 
_pdbx_modification_feature.modified_residue_label_asym_id 
_pdbx_modification_feature.modified_residue_label_seq_id 
_pdbx_modification_feature.modified_residue_label_alt_id 
_pdbx_modification_feature.auth_comp_id 
_pdbx_modification_feature.auth_asym_id 
_pdbx_modification_feature.auth_seq_id 
_pdbx_modification_feature.PDB_ins_code 
_pdbx_modification_feature.symmetry 
_pdbx_modification_feature.modified_residue_auth_comp_id 
_pdbx_modification_feature.modified_residue_auth_asym_id 
_pdbx_modification_feature.modified_residue_auth_seq_id 
_pdbx_modification_feature.modified_residue_PDB_ins_code 
_pdbx_modification_feature.modified_residue_symmetry 
_pdbx_modification_feature.comp_id_linking_atom 
_pdbx_modification_feature.modified_residue_id_linking_atom 
_pdbx_modification_feature.modified_residue_id 
_pdbx_modification_feature.ref_pcm_id 
_pdbx_modification_feature.ref_comp_id 
_pdbx_modification_feature.type 
_pdbx_modification_feature.category 
1 CYS A 24 ? CYS A 84  ? CYS A 23 ? 1_555 CYS A 83  ? 1_555 SG SG . . . None 'Disulfide bridge' 
2 CYS A 38 ? CYS A 97  ? CYS A 37 ? 1_555 CYS A 96  ? 1_555 SG SG . . . None 'Disulfide bridge' 
3 CYS A 56 ? CYS A 112 ? CYS A 55 ? 1_555 CYS A 111 ? 1_555 SG SG . . . None 'Disulfide bridge' 
4 CYS A 63 ? CYS A 72  ? CYS A 62 ? 1_555 CYS A 71  ? 1_555 SG SG . . . None 'Disulfide bridge' 
# 
loop_
_struct_sheet.id 
_struct_sheet.type 
_struct_sheet.number_strands 
_struct_sheet.details 
A ? 3 ? 
B ? 3 ? 
C ? 2 ? 
# 
loop_
_struct_sheet_order.sheet_id 
_struct_sheet_order.range_id_1 
_struct_sheet_order.range_id_2 
_struct_sheet_order.offset 
_struct_sheet_order.sense 
A 1 2 ? anti-parallel 
A 2 3 ? anti-parallel 
B 1 2 ? anti-parallel 
B 2 3 ? anti-parallel 
C 1 2 ? anti-parallel 
# 
loop_
_struct_sheet_range.sheet_id 
_struct_sheet_range.id 
_struct_sheet_range.beg_label_comp_id 
_struct_sheet_range.beg_label_asym_id 
_struct_sheet_range.beg_label_seq_id 
_struct_sheet_range.pdbx_beg_PDB_ins_code 
_struct_sheet_range.end_label_comp_id 
_struct_sheet_range.end_label_asym_id 
_struct_sheet_range.end_label_seq_id 
_struct_sheet_range.pdbx_end_PDB_ins_code 
_struct_sheet_range.beg_auth_comp_id 
_struct_sheet_range.beg_auth_asym_id 
_struct_sheet_range.beg_auth_seq_id 
_struct_sheet_range.end_auth_comp_id 
_struct_sheet_range.end_auth_asym_id 
_struct_sheet_range.end_auth_seq_id 
A 1 GLN A 41  ? LEU A 45  ? GLN A 40  LEU A 44  
A 2 VAL A 79  ? LEU A 86  ? VAL A 78  LEU A 85  
A 3 TYR A 99  ? ARG A 106 ? TYR A 98  ARG A 105 
B 1 CYS A 72  ? ARG A 74  ? CYS A 71  ARG A 73  
B 2 TYR A 108 ? ALA A 111 ? TYR A 107 ALA A 110 
B 3 HIS A 129 ? THR A 133 ? HIS A 128 THR A 132 
C 1 CYS A 112 ? ASN A 114 ? CYS A 111 ASN A 113 
C 2 VAL A 125 ? PRO A 127 ? VAL A 124 PRO A 126 
# 
loop_
_pdbx_struct_sheet_hbond.sheet_id 
_pdbx_struct_sheet_hbond.range_id_1 
_pdbx_struct_sheet_hbond.range_id_2 
_pdbx_struct_sheet_hbond.range_1_label_atom_id 
_pdbx_struct_sheet_hbond.range_1_label_comp_id 
_pdbx_struct_sheet_hbond.range_1_label_asym_id 
_pdbx_struct_sheet_hbond.range_1_label_seq_id 
_pdbx_struct_sheet_hbond.range_1_PDB_ins_code 
_pdbx_struct_sheet_hbond.range_1_auth_atom_id 
_pdbx_struct_sheet_hbond.range_1_auth_comp_id 
_pdbx_struct_sheet_hbond.range_1_auth_asym_id 
_pdbx_struct_sheet_hbond.range_1_auth_seq_id 
_pdbx_struct_sheet_hbond.range_2_label_atom_id 
_pdbx_struct_sheet_hbond.range_2_label_comp_id 
_pdbx_struct_sheet_hbond.range_2_label_asym_id 
_pdbx_struct_sheet_hbond.range_2_label_seq_id 
_pdbx_struct_sheet_hbond.range_2_PDB_ins_code 
_pdbx_struct_sheet_hbond.range_2_auth_atom_id 
_pdbx_struct_sheet_hbond.range_2_auth_comp_id 
_pdbx_struct_sheet_hbond.range_2_auth_asym_id 
_pdbx_struct_sheet_hbond.range_2_auth_seq_id 
A 1 2 O ASN A 42  ? O ASN A 41  N CYS A 84  ? N CYS A 83  
A 2 3 O VAL A 79  ? O VAL A 78  N ARG A 106 ? N ARG A 105 
B 1 2 O HIS A 73  ? O HIS A 72  N VAL A 110 ? N VAL A 109 
B 2 3 O VAL A 109 ? O VAL A 108 N THR A 132 ? N THR A 131 
C 1 2 O ASP A 113 ? O ASP A 112 N VAL A 126 ? N VAL A 125 
# 
_pdbx_entry_details.entry_id                   1QMT 
_pdbx_entry_details.compound_details           ? 
_pdbx_entry_details.source_details             ? 
_pdbx_entry_details.nonpolymer_details         ? 
_pdbx_entry_details.sequence_details           
;SEQUENCE FOR 1QMT PDB CORRESPONDS TO RECOMBINANT HUMAN
 ECP. IT INCLUDES THE COMPLETE NATIVE PROTEIN AND AN
 ADDITIONAL MET AT THE N-TERMINAL. THE NATIVE ECP
 (RESIDUES 1 -133) CORRESPONDS TO RESIDUES 28-160 OF THE ECP
 PRECURSOR (SWS P12724).
 RESIDUES 1-27 OF P12724 ARE THE SIGNAL PEPTIDE.
;
_pdbx_entry_details.has_ligand_of_interest     ? 
_pdbx_entry_details.has_protein_modification   Y 
# 
loop_
_pdbx_validate_torsion.id 
_pdbx_validate_torsion.PDB_model_num 
_pdbx_validate_torsion.auth_comp_id 
_pdbx_validate_torsion.auth_asym_id 
_pdbx_validate_torsion.auth_seq_id 
_pdbx_validate_torsion.PDB_ins_code 
_pdbx_validate_torsion.label_alt_id 
_pdbx_validate_torsion.phi 
_pdbx_validate_torsion.psi 
1 1 SER A 17 ? ? -167.54 113.87  
2 1 GLN A 58 ? ? -38.64  142.48  
3 1 ASN A 65 ? ? -155.60 75.85   
4 1 ALA A 90 ? ? -129.04 -103.02 
5 1 ASN A 92 ? ? -29.56  128.00  
6 1 ILE A 93 ? ? -73.45  38.75   
7 1 ASN A 95 ? ? -115.33 64.86   
# 
loop_
_chem_comp_atom.comp_id 
_chem_comp_atom.atom_id 
_chem_comp_atom.type_symbol 
_chem_comp_atom.pdbx_aromatic_flag 
_chem_comp_atom.pdbx_stereo_config 
_chem_comp_atom.pdbx_ordinal 
ALA N    N N N 1   
ALA CA   C N S 2   
ALA C    C N N 3   
ALA O    O N N 4   
ALA CB   C N N 5   
ALA OXT  O N N 6   
ALA H    H N N 7   
ALA H2   H N N 8   
ALA HA   H N N 9   
ALA HB1  H N N 10  
ALA HB2  H N N 11  
ALA HB3  H N N 12  
ALA HXT  H N N 13  
ARG N    N N N 14  
ARG CA   C N S 15  
ARG C    C N N 16  
ARG O    O N N 17  
ARG CB   C N N 18  
ARG CG   C N N 19  
ARG CD   C N N 20  
ARG NE   N N N 21  
ARG CZ   C N N 22  
ARG NH1  N N N 23  
ARG NH2  N N N 24  
ARG OXT  O N N 25  
ARG H    H N N 26  
ARG H2   H N N 27  
ARG HA   H N N 28  
ARG HB2  H N N 29  
ARG HB3  H N N 30  
ARG HG2  H N N 31  
ARG HG3  H N N 32  
ARG HD2  H N N 33  
ARG HD3  H N N 34  
ARG HE   H N N 35  
ARG HH11 H N N 36  
ARG HH12 H N N 37  
ARG HH21 H N N 38  
ARG HH22 H N N 39  
ARG HXT  H N N 40  
ASN N    N N N 41  
ASN CA   C N S 42  
ASN C    C N N 43  
ASN O    O N N 44  
ASN CB   C N N 45  
ASN CG   C N N 46  
ASN OD1  O N N 47  
ASN ND2  N N N 48  
ASN OXT  O N N 49  
ASN H    H N N 50  
ASN H2   H N N 51  
ASN HA   H N N 52  
ASN HB2  H N N 53  
ASN HB3  H N N 54  
ASN HD21 H N N 55  
ASN HD22 H N N 56  
ASN HXT  H N N 57  
ASP N    N N N 58  
ASP CA   C N S 59  
ASP C    C N N 60  
ASP O    O N N 61  
ASP CB   C N N 62  
ASP CG   C N N 63  
ASP OD1  O N N 64  
ASP OD2  O N N 65  
ASP OXT  O N N 66  
ASP H    H N N 67  
ASP H2   H N N 68  
ASP HA   H N N 69  
ASP HB2  H N N 70  
ASP HB3  H N N 71  
ASP HD2  H N N 72  
ASP HXT  H N N 73  
CYS N    N N N 74  
CYS CA   C N R 75  
CYS C    C N N 76  
CYS O    O N N 77  
CYS CB   C N N 78  
CYS SG   S N N 79  
CYS OXT  O N N 80  
CYS H    H N N 81  
CYS H2   H N N 82  
CYS HA   H N N 83  
CYS HB2  H N N 84  
CYS HB3  H N N 85  
CYS HG   H N N 86  
CYS HXT  H N N 87  
GLN N    N N N 88  
GLN CA   C N S 89  
GLN C    C N N 90  
GLN O    O N N 91  
GLN CB   C N N 92  
GLN CG   C N N 93  
GLN CD   C N N 94  
GLN OE1  O N N 95  
GLN NE2  N N N 96  
GLN OXT  O N N 97  
GLN H    H N N 98  
GLN H2   H N N 99  
GLN HA   H N N 100 
GLN HB2  H N N 101 
GLN HB3  H N N 102 
GLN HG2  H N N 103 
GLN HG3  H N N 104 
GLN HE21 H N N 105 
GLN HE22 H N N 106 
GLN HXT  H N N 107 
GLY N    N N N 108 
GLY CA   C N N 109 
GLY C    C N N 110 
GLY O    O N N 111 
GLY OXT  O N N 112 
GLY H    H N N 113 
GLY H2   H N N 114 
GLY HA2  H N N 115 
GLY HA3  H N N 116 
GLY HXT  H N N 117 
HIS N    N N N 118 
HIS CA   C N S 119 
HIS C    C N N 120 
HIS O    O N N 121 
HIS CB   C N N 122 
HIS CG   C Y N 123 
HIS ND1  N Y N 124 
HIS CD2  C Y N 125 
HIS CE1  C Y N 126 
HIS NE2  N Y N 127 
HIS OXT  O N N 128 
HIS H    H N N 129 
HIS H2   H N N 130 
HIS HA   H N N 131 
HIS HB2  H N N 132 
HIS HB3  H N N 133 
HIS HD1  H N N 134 
HIS HD2  H N N 135 
HIS HE1  H N N 136 
HIS HE2  H N N 137 
HIS HXT  H N N 138 
HOH O    O N N 139 
HOH H1   H N N 140 
HOH H2   H N N 141 
ILE N    N N N 142 
ILE CA   C N S 143 
ILE C    C N N 144 
ILE O    O N N 145 
ILE CB   C N S 146 
ILE CG1  C N N 147 
ILE CG2  C N N 148 
ILE CD1  C N N 149 
ILE OXT  O N N 150 
ILE H    H N N 151 
ILE H2   H N N 152 
ILE HA   H N N 153 
ILE HB   H N N 154 
ILE HG12 H N N 155 
ILE HG13 H N N 156 
ILE HG21 H N N 157 
ILE HG22 H N N 158 
ILE HG23 H N N 159 
ILE HD11 H N N 160 
ILE HD12 H N N 161 
ILE HD13 H N N 162 
ILE HXT  H N N 163 
LEU N    N N N 164 
LEU CA   C N S 165 
LEU C    C N N 166 
LEU O    O N N 167 
LEU CB   C N N 168 
LEU CG   C N N 169 
LEU CD1  C N N 170 
LEU CD2  C N N 171 
LEU OXT  O N N 172 
LEU H    H N N 173 
LEU H2   H N N 174 
LEU HA   H N N 175 
LEU HB2  H N N 176 
LEU HB3  H N N 177 
LEU HG   H N N 178 
LEU HD11 H N N 179 
LEU HD12 H N N 180 
LEU HD13 H N N 181 
LEU HD21 H N N 182 
LEU HD22 H N N 183 
LEU HD23 H N N 184 
LEU HXT  H N N 185 
LYS N    N N N 186 
LYS CA   C N S 187 
LYS C    C N N 188 
LYS O    O N N 189 
LYS CB   C N N 190 
LYS CG   C N N 191 
LYS CD   C N N 192 
LYS CE   C N N 193 
LYS NZ   N N N 194 
LYS OXT  O N N 195 
LYS H    H N N 196 
LYS H2   H N N 197 
LYS HA   H N N 198 
LYS HB2  H N N 199 
LYS HB3  H N N 200 
LYS HG2  H N N 201 
LYS HG3  H N N 202 
LYS HD2  H N N 203 
LYS HD3  H N N 204 
LYS HE2  H N N 205 
LYS HE3  H N N 206 
LYS HZ1  H N N 207 
LYS HZ2  H N N 208 
LYS HZ3  H N N 209 
LYS HXT  H N N 210 
MET N    N N N 211 
MET CA   C N S 212 
MET C    C N N 213 
MET O    O N N 214 
MET CB   C N N 215 
MET CG   C N N 216 
MET SD   S N N 217 
MET CE   C N N 218 
MET OXT  O N N 219 
MET H    H N N 220 
MET H2   H N N 221 
MET HA   H N N 222 
MET HB2  H N N 223 
MET HB3  H N N 224 
MET HG2  H N N 225 
MET HG3  H N N 226 
MET HE1  H N N 227 
MET HE2  H N N 228 
MET HE3  H N N 229 
MET HXT  H N N 230 
PHE N    N N N 231 
PHE CA   C N S 232 
PHE C    C N N 233 
PHE O    O N N 234 
PHE CB   C N N 235 
PHE CG   C Y N 236 
PHE CD1  C Y N 237 
PHE CD2  C Y N 238 
PHE CE1  C Y N 239 
PHE CE2  C Y N 240 
PHE CZ   C Y N 241 
PHE OXT  O N N 242 
PHE H    H N N 243 
PHE H2   H N N 244 
PHE HA   H N N 245 
PHE HB2  H N N 246 
PHE HB3  H N N 247 
PHE HD1  H N N 248 
PHE HD2  H N N 249 
PHE HE1  H N N 250 
PHE HE2  H N N 251 
PHE HZ   H N N 252 
PHE HXT  H N N 253 
PRO N    N N N 254 
PRO CA   C N S 255 
PRO C    C N N 256 
PRO O    O N N 257 
PRO CB   C N N 258 
PRO CG   C N N 259 
PRO CD   C N N 260 
PRO OXT  O N N 261 
PRO H    H N N 262 
PRO HA   H N N 263 
PRO HB2  H N N 264 
PRO HB3  H N N 265 
PRO HG2  H N N 266 
PRO HG3  H N N 267 
PRO HD2  H N N 268 
PRO HD3  H N N 269 
PRO HXT  H N N 270 
SER N    N N N 271 
SER CA   C N S 272 
SER C    C N N 273 
SER O    O N N 274 
SER CB   C N N 275 
SER OG   O N N 276 
SER OXT  O N N 277 
SER H    H N N 278 
SER H2   H N N 279 
SER HA   H N N 280 
SER HB2  H N N 281 
SER HB3  H N N 282 
SER HG   H N N 283 
SER HXT  H N N 284 
THR N    N N N 285 
THR CA   C N S 286 
THR C    C N N 287 
THR O    O N N 288 
THR CB   C N R 289 
THR OG1  O N N 290 
THR CG2  C N N 291 
THR OXT  O N N 292 
THR H    H N N 293 
THR H2   H N N 294 
THR HA   H N N 295 
THR HB   H N N 296 
THR HG1  H N N 297 
THR HG21 H N N 298 
THR HG22 H N N 299 
THR HG23 H N N 300 
THR HXT  H N N 301 
TRP N    N N N 302 
TRP CA   C N S 303 
TRP C    C N N 304 
TRP O    O N N 305 
TRP CB   C N N 306 
TRP CG   C Y N 307 
TRP CD1  C Y N 308 
TRP CD2  C Y N 309 
TRP NE1  N Y N 310 
TRP CE2  C Y N 311 
TRP CE3  C Y N 312 
TRP CZ2  C Y N 313 
TRP CZ3  C Y N 314 
TRP CH2  C Y N 315 
TRP OXT  O N N 316 
TRP H    H N N 317 
TRP H2   H N N 318 
TRP HA   H N N 319 
TRP HB2  H N N 320 
TRP HB3  H N N 321 
TRP HD1  H N N 322 
TRP HE1  H N N 323 
TRP HE3  H N N 324 
TRP HZ2  H N N 325 
TRP HZ3  H N N 326 
TRP HH2  H N N 327 
TRP HXT  H N N 328 
TYR N    N N N 329 
TYR CA   C N S 330 
TYR C    C N N 331 
TYR O    O N N 332 
TYR CB   C N N 333 
TYR CG   C Y N 334 
TYR CD1  C Y N 335 
TYR CD2  C Y N 336 
TYR CE1  C Y N 337 
TYR CE2  C Y N 338 
TYR CZ   C Y N 339 
TYR OH   O N N 340 
TYR OXT  O N N 341 
TYR H    H N N 342 
TYR H2   H N N 343 
TYR HA   H N N 344 
TYR HB2  H N N 345 
TYR HB3  H N N 346 
TYR HD1  H N N 347 
TYR HD2  H N N 348 
TYR HE1  H N N 349 
TYR HE2  H N N 350 
TYR HH   H N N 351 
TYR HXT  H N N 352 
VAL N    N N N 353 
VAL CA   C N S 354 
VAL C    C N N 355 
VAL O    O N N 356 
VAL CB   C N N 357 
VAL CG1  C N N 358 
VAL CG2  C N N 359 
VAL OXT  O N N 360 
VAL H    H N N 361 
VAL H2   H N N 362 
VAL HA   H N N 363 
VAL HB   H N N 364 
VAL HG11 H N N 365 
VAL HG12 H N N 366 
VAL HG13 H N N 367 
VAL HG21 H N N 368 
VAL HG22 H N N 369 
VAL HG23 H N N 370 
VAL HXT  H N N 371 
# 
loop_
_chem_comp_bond.comp_id 
_chem_comp_bond.atom_id_1 
_chem_comp_bond.atom_id_2 
_chem_comp_bond.value_order 
_chem_comp_bond.pdbx_aromatic_flag 
_chem_comp_bond.pdbx_stereo_config 
_chem_comp_bond.pdbx_ordinal 
ALA N   CA   sing N N 1   
ALA N   H    sing N N 2   
ALA N   H2   sing N N 3   
ALA CA  C    sing N N 4   
ALA CA  CB   sing N N 5   
ALA CA  HA   sing N N 6   
ALA C   O    doub N N 7   
ALA C   OXT  sing N N 8   
ALA CB  HB1  sing N N 9   
ALA CB  HB2  sing N N 10  
ALA CB  HB3  sing N N 11  
ALA OXT HXT  sing N N 12  
ARG N   CA   sing N N 13  
ARG N   H    sing N N 14  
ARG N   H2   sing N N 15  
ARG CA  C    sing N N 16  
ARG CA  CB   sing N N 17  
ARG CA  HA   sing N N 18  
ARG C   O    doub N N 19  
ARG C   OXT  sing N N 20  
ARG CB  CG   sing N N 21  
ARG CB  HB2  sing N N 22  
ARG CB  HB3  sing N N 23  
ARG CG  CD   sing N N 24  
ARG CG  HG2  sing N N 25  
ARG CG  HG3  sing N N 26  
ARG CD  NE   sing N N 27  
ARG CD  HD2  sing N N 28  
ARG CD  HD3  sing N N 29  
ARG NE  CZ   sing N N 30  
ARG NE  HE   sing N N 31  
ARG CZ  NH1  sing N N 32  
ARG CZ  NH2  doub N N 33  
ARG NH1 HH11 sing N N 34  
ARG NH1 HH12 sing N N 35  
ARG NH2 HH21 sing N N 36  
ARG NH2 HH22 sing N N 37  
ARG OXT HXT  sing N N 38  
ASN N   CA   sing N N 39  
ASN N   H    sing N N 40  
ASN N   H2   sing N N 41  
ASN CA  C    sing N N 42  
ASN CA  CB   sing N N 43  
ASN CA  HA   sing N N 44  
ASN C   O    doub N N 45  
ASN C   OXT  sing N N 46  
ASN CB  CG   sing N N 47  
ASN CB  HB2  sing N N 48  
ASN CB  HB3  sing N N 49  
ASN CG  OD1  doub N N 50  
ASN CG  ND2  sing N N 51  
ASN ND2 HD21 sing N N 52  
ASN ND2 HD22 sing N N 53  
ASN OXT HXT  sing N N 54  
ASP N   CA   sing N N 55  
ASP N   H    sing N N 56  
ASP N   H2   sing N N 57  
ASP CA  C    sing N N 58  
ASP CA  CB   sing N N 59  
ASP CA  HA   sing N N 60  
ASP C   O    doub N N 61  
ASP C   OXT  sing N N 62  
ASP CB  CG   sing N N 63  
ASP CB  HB2  sing N N 64  
ASP CB  HB3  sing N N 65  
ASP CG  OD1  doub N N 66  
ASP CG  OD2  sing N N 67  
ASP OD2 HD2  sing N N 68  
ASP OXT HXT  sing N N 69  
CYS N   CA   sing N N 70  
CYS N   H    sing N N 71  
CYS N   H2   sing N N 72  
CYS CA  C    sing N N 73  
CYS CA  CB   sing N N 74  
CYS CA  HA   sing N N 75  
CYS C   O    doub N N 76  
CYS C   OXT  sing N N 77  
CYS CB  SG   sing N N 78  
CYS CB  HB2  sing N N 79  
CYS CB  HB3  sing N N 80  
CYS SG  HG   sing N N 81  
CYS OXT HXT  sing N N 82  
GLN N   CA   sing N N 83  
GLN N   H    sing N N 84  
GLN N   H2   sing N N 85  
GLN CA  C    sing N N 86  
GLN CA  CB   sing N N 87  
GLN CA  HA   sing N N 88  
GLN C   O    doub N N 89  
GLN C   OXT  sing N N 90  
GLN CB  CG   sing N N 91  
GLN CB  HB2  sing N N 92  
GLN CB  HB3  sing N N 93  
GLN CG  CD   sing N N 94  
GLN CG  HG2  sing N N 95  
GLN CG  HG3  sing N N 96  
GLN CD  OE1  doub N N 97  
GLN CD  NE2  sing N N 98  
GLN NE2 HE21 sing N N 99  
GLN NE2 HE22 sing N N 100 
GLN OXT HXT  sing N N 101 
GLY N   CA   sing N N 102 
GLY N   H    sing N N 103 
GLY N   H2   sing N N 104 
GLY CA  C    sing N N 105 
GLY CA  HA2  sing N N 106 
GLY CA  HA3  sing N N 107 
GLY C   O    doub N N 108 
GLY C   OXT  sing N N 109 
GLY OXT HXT  sing N N 110 
HIS N   CA   sing N N 111 
HIS N   H    sing N N 112 
HIS N   H2   sing N N 113 
HIS CA  C    sing N N 114 
HIS CA  CB   sing N N 115 
HIS CA  HA   sing N N 116 
HIS C   O    doub N N 117 
HIS C   OXT  sing N N 118 
HIS CB  CG   sing N N 119 
HIS CB  HB2  sing N N 120 
HIS CB  HB3  sing N N 121 
HIS CG  ND1  sing Y N 122 
HIS CG  CD2  doub Y N 123 
HIS ND1 CE1  doub Y N 124 
HIS ND1 HD1  sing N N 125 
HIS CD2 NE2  sing Y N 126 
HIS CD2 HD2  sing N N 127 
HIS CE1 NE2  sing Y N 128 
HIS CE1 HE1  sing N N 129 
HIS NE2 HE2  sing N N 130 
HIS OXT HXT  sing N N 131 
HOH O   H1   sing N N 132 
HOH O   H2   sing N N 133 
ILE N   CA   sing N N 134 
ILE N   H    sing N N 135 
ILE N   H2   sing N N 136 
ILE CA  C    sing N N 137 
ILE CA  CB   sing N N 138 
ILE CA  HA   sing N N 139 
ILE C   O    doub N N 140 
ILE C   OXT  sing N N 141 
ILE CB  CG1  sing N N 142 
ILE CB  CG2  sing N N 143 
ILE CB  HB   sing N N 144 
ILE CG1 CD1  sing N N 145 
ILE CG1 HG12 sing N N 146 
ILE CG1 HG13 sing N N 147 
ILE CG2 HG21 sing N N 148 
ILE CG2 HG22 sing N N 149 
ILE CG2 HG23 sing N N 150 
ILE CD1 HD11 sing N N 151 
ILE CD1 HD12 sing N N 152 
ILE CD1 HD13 sing N N 153 
ILE OXT HXT  sing N N 154 
LEU N   CA   sing N N 155 
LEU N   H    sing N N 156 
LEU N   H2   sing N N 157 
LEU CA  C    sing N N 158 
LEU CA  CB   sing N N 159 
LEU CA  HA   sing N N 160 
LEU C   O    doub N N 161 
LEU C   OXT  sing N N 162 
LEU CB  CG   sing N N 163 
LEU CB  HB2  sing N N 164 
LEU CB  HB3  sing N N 165 
LEU CG  CD1  sing N N 166 
LEU CG  CD2  sing N N 167 
LEU CG  HG   sing N N 168 
LEU CD1 HD11 sing N N 169 
LEU CD1 HD12 sing N N 170 
LEU CD1 HD13 sing N N 171 
LEU CD2 HD21 sing N N 172 
LEU CD2 HD22 sing N N 173 
LEU CD2 HD23 sing N N 174 
LEU OXT HXT  sing N N 175 
LYS N   CA   sing N N 176 
LYS N   H    sing N N 177 
LYS N   H2   sing N N 178 
LYS CA  C    sing N N 179 
LYS CA  CB   sing N N 180 
LYS CA  HA   sing N N 181 
LYS C   O    doub N N 182 
LYS C   OXT  sing N N 183 
LYS CB  CG   sing N N 184 
LYS CB  HB2  sing N N 185 
LYS CB  HB3  sing N N 186 
LYS CG  CD   sing N N 187 
LYS CG  HG2  sing N N 188 
LYS CG  HG3  sing N N 189 
LYS CD  CE   sing N N 190 
LYS CD  HD2  sing N N 191 
LYS CD  HD3  sing N N 192 
LYS CE  NZ   sing N N 193 
LYS CE  HE2  sing N N 194 
LYS CE  HE3  sing N N 195 
LYS NZ  HZ1  sing N N 196 
LYS NZ  HZ2  sing N N 197 
LYS NZ  HZ3  sing N N 198 
LYS OXT HXT  sing N N 199 
MET N   CA   sing N N 200 
MET N   H    sing N N 201 
MET N   H2   sing N N 202 
MET CA  C    sing N N 203 
MET CA  CB   sing N N 204 
MET CA  HA   sing N N 205 
MET C   O    doub N N 206 
MET C   OXT  sing N N 207 
MET CB  CG   sing N N 208 
MET CB  HB2  sing N N 209 
MET CB  HB3  sing N N 210 
MET CG  SD   sing N N 211 
MET CG  HG2  sing N N 212 
MET CG  HG3  sing N N 213 
MET SD  CE   sing N N 214 
MET CE  HE1  sing N N 215 
MET CE  HE2  sing N N 216 
MET CE  HE3  sing N N 217 
MET OXT HXT  sing N N 218 
PHE N   CA   sing N N 219 
PHE N   H    sing N N 220 
PHE N   H2   sing N N 221 
PHE CA  C    sing N N 222 
PHE CA  CB   sing N N 223 
PHE CA  HA   sing N N 224 
PHE C   O    doub N N 225 
PHE C   OXT  sing N N 226 
PHE CB  CG   sing N N 227 
PHE CB  HB2  sing N N 228 
PHE CB  HB3  sing N N 229 
PHE CG  CD1  doub Y N 230 
PHE CG  CD2  sing Y N 231 
PHE CD1 CE1  sing Y N 232 
PHE CD1 HD1  sing N N 233 
PHE CD2 CE2  doub Y N 234 
PHE CD2 HD2  sing N N 235 
PHE CE1 CZ   doub Y N 236 
PHE CE1 HE1  sing N N 237 
PHE CE2 CZ   sing Y N 238 
PHE CE2 HE2  sing N N 239 
PHE CZ  HZ   sing N N 240 
PHE OXT HXT  sing N N 241 
PRO N   CA   sing N N 242 
PRO N   CD   sing N N 243 
PRO N   H    sing N N 244 
PRO CA  C    sing N N 245 
PRO CA  CB   sing N N 246 
PRO CA  HA   sing N N 247 
PRO C   O    doub N N 248 
PRO C   OXT  sing N N 249 
PRO CB  CG   sing N N 250 
PRO CB  HB2  sing N N 251 
PRO CB  HB3  sing N N 252 
PRO CG  CD   sing N N 253 
PRO CG  HG2  sing N N 254 
PRO CG  HG3  sing N N 255 
PRO CD  HD2  sing N N 256 
PRO CD  HD3  sing N N 257 
PRO OXT HXT  sing N N 258 
SER N   CA   sing N N 259 
SER N   H    sing N N 260 
SER N   H2   sing N N 261 
SER CA  C    sing N N 262 
SER CA  CB   sing N N 263 
SER CA  HA   sing N N 264 
SER C   O    doub N N 265 
SER C   OXT  sing N N 266 
SER CB  OG   sing N N 267 
SER CB  HB2  sing N N 268 
SER CB  HB3  sing N N 269 
SER OG  HG   sing N N 270 
SER OXT HXT  sing N N 271 
THR N   CA   sing N N 272 
THR N   H    sing N N 273 
THR N   H2   sing N N 274 
THR CA  C    sing N N 275 
THR CA  CB   sing N N 276 
THR CA  HA   sing N N 277 
THR C   O    doub N N 278 
THR C   OXT  sing N N 279 
THR CB  OG1  sing N N 280 
THR CB  CG2  sing N N 281 
THR CB  HB   sing N N 282 
THR OG1 HG1  sing N N 283 
THR CG2 HG21 sing N N 284 
THR CG2 HG22 sing N N 285 
THR CG2 HG23 sing N N 286 
THR OXT HXT  sing N N 287 
TRP N   CA   sing N N 288 
TRP N   H    sing N N 289 
TRP N   H2   sing N N 290 
TRP CA  C    sing N N 291 
TRP CA  CB   sing N N 292 
TRP CA  HA   sing N N 293 
TRP C   O    doub N N 294 
TRP C   OXT  sing N N 295 
TRP CB  CG   sing N N 296 
TRP CB  HB2  sing N N 297 
TRP CB  HB3  sing N N 298 
TRP CG  CD1  doub Y N 299 
TRP CG  CD2  sing Y N 300 
TRP CD1 NE1  sing Y N 301 
TRP CD1 HD1  sing N N 302 
TRP CD2 CE2  doub Y N 303 
TRP CD2 CE3  sing Y N 304 
TRP NE1 CE2  sing Y N 305 
TRP NE1 HE1  sing N N 306 
TRP CE2 CZ2  sing Y N 307 
TRP CE3 CZ3  doub Y N 308 
TRP CE3 HE3  sing N N 309 
TRP CZ2 CH2  doub Y N 310 
TRP CZ2 HZ2  sing N N 311 
TRP CZ3 CH2  sing Y N 312 
TRP CZ3 HZ3  sing N N 313 
TRP CH2 HH2  sing N N 314 
TRP OXT HXT  sing N N 315 
TYR N   CA   sing N N 316 
TYR N   H    sing N N 317 
TYR N   H2   sing N N 318 
TYR CA  C    sing N N 319 
TYR CA  CB   sing N N 320 
TYR CA  HA   sing N N 321 
TYR C   O    doub N N 322 
TYR C   OXT  sing N N 323 
TYR CB  CG   sing N N 324 
TYR CB  HB2  sing N N 325 
TYR CB  HB3  sing N N 326 
TYR CG  CD1  doub Y N 327 
TYR CG  CD2  sing Y N 328 
TYR CD1 CE1  sing Y N 329 
TYR CD1 HD1  sing N N 330 
TYR CD2 CE2  doub Y N 331 
TYR CD2 HD2  sing N N 332 
TYR CE1 CZ   doub Y N 333 
TYR CE1 HE1  sing N N 334 
TYR CE2 CZ   sing Y N 335 
TYR CE2 HE2  sing N N 336 
TYR CZ  OH   sing N N 337 
TYR OH  HH   sing N N 338 
TYR OXT HXT  sing N N 339 
VAL N   CA   sing N N 340 
VAL N   H    sing N N 341 
VAL N   H2   sing N N 342 
VAL CA  C    sing N N 343 
VAL CA  CB   sing N N 344 
VAL CA  HA   sing N N 345 
VAL C   O    doub N N 346 
VAL C   OXT  sing N N 347 
VAL CB  CG1  sing N N 348 
VAL CB  CG2  sing N N 349 
VAL CB  HB   sing N N 350 
VAL CG1 HG11 sing N N 351 
VAL CG1 HG12 sing N N 352 
VAL CG1 HG13 sing N N 353 
VAL CG2 HG21 sing N N 354 
VAL CG2 HG22 sing N N 355 
VAL CG2 HG23 sing N N 356 
VAL OXT HXT  sing N N 357 
# 
_pdbx_initial_refinement_model.accession_code   ? 
_pdbx_initial_refinement_model.id               1 
_pdbx_initial_refinement_model.entity_id_list   ? 
_pdbx_initial_refinement_model.type             other 
_pdbx_initial_refinement_model.source_name      ? 
_pdbx_initial_refinement_model.details          
;EOSINOPHIL DERIVED NEUROTOXIN STRUCTURE AT 1.8 ANGSTROMS (COORDINATES NOT SUBMITTED) WAS PROVIDED BY S.MOSIMANN AND M.N.G.JAMES AND USED FOR MOLECULAR REPLACEMENT.
;
# 
_atom_sites.entry_id                    1QMT 
_atom_sites.fract_transf_matrix[1][1]   -0.00553396 
_atom_sites.fract_transf_matrix[1][2]   0.00874781 
_atom_sites.fract_transf_matrix[1][3]   0.00507496 
_atom_sites.fract_transf_matrix[2][1]   -0.00843245 
_atom_sites.fract_transf_matrix[2][2]   -0.00212864 
_atom_sites.fract_transf_matrix[2][3]   0.00756839 
_atom_sites.fract_transf_matrix[3][1]   0.02138769 
_atom_sites.fract_transf_matrix[3][2]   -0.00025306 
_atom_sites.fract_transf_matrix[3][3]   0.02375827 
_atom_sites.fract_transf_vector[1]      0.631457 
_atom_sites.fract_transf_vector[2]      0.126460 
_atom_sites.fract_transf_vector[3]      0.015852 
# 
loop_
_atom_type.symbol 
C 
N 
O 
S 
# 
loop_
_atom_site.group_PDB 
_atom_site.id 
_atom_site.type_symbol 
_atom_site.label_atom_id 
_atom_site.label_alt_id 
_atom_site.label_comp_id 
_atom_site.label_asym_id 
_atom_site.label_entity_id 
_atom_site.label_seq_id 
_atom_site.pdbx_PDB_ins_code 
_atom_site.Cartn_x 
_atom_site.Cartn_y 
_atom_site.Cartn_z 
_atom_site.occupancy 
_atom_site.B_iso_or_equiv 
_atom_site.pdbx_formal_charge 
_atom_site.auth_seq_id 
_atom_site.auth_comp_id 
_atom_site.auth_asym_id 
_atom_site.auth_atom_id 
_atom_site.pdbx_PDB_model_num 
ATOM   1    N N   . MET A 1 1   ? 9.112   -6.079  -7.745  1.00 55.23 ? 0    MET A N   1 
ATOM   2    C CA  . MET A 1 1   ? 9.858   -4.998  -8.457  1.00 57.07 ? 0    MET A CA  1 
ATOM   3    C C   . MET A 1 1   ? 8.879   -3.988  -9.032  1.00 56.01 ? 0    MET A C   1 
ATOM   4    O O   . MET A 1 1   ? 8.016   -4.324  -9.847  1.00 58.20 ? 0    MET A O   1 
ATOM   5    C CB  . MET A 1 1   ? 10.715  -5.587  -9.578  1.00 57.99 ? 0    MET A CB  1 
ATOM   6    C CG  . MET A 1 1   ? 12.196  -5.640  -9.255  1.00 62.04 ? 0    MET A CG  1 
ATOM   7    S SD  . MET A 1 1   ? 13.041  -4.150  -9.804  1.00 73.23 ? 0    MET A SD  1 
ATOM   8    C CE  . MET A 1 1   ? 13.512  -4.554  -11.568 1.00 63.95 ? 0    MET A CE  1 
ATOM   9    N N   . ARG A 1 2   ? 9.013   -2.739  -8.609  1.00 53.47 ? 1    ARG A N   1 
ATOM   10   C CA  . ARG A 1 2   ? 8.110   -1.711  -9.083  1.00 51.30 ? 1    ARG A CA  1 
ATOM   11   C C   . ARG A 1 2   ? 8.254   -1.437  -10.567 1.00 49.96 ? 1    ARG A C   1 
ATOM   12   O O   . ARG A 1 2   ? 9.362   -1.192  -11.055 1.00 51.05 ? 1    ARG A O   1 
ATOM   13   C CB  . ARG A 1 2   ? 8.329   -0.413  -8.312  1.00 50.53 ? 1    ARG A CB  1 
ATOM   14   C CG  . ARG A 1 2   ? 7.232   0.595   -8.584  1.00 52.28 ? 1    ARG A CG  1 
ATOM   15   C CD  . ARG A 1 2   ? 7.735   2.007   -8.529  1.00 54.57 ? 1    ARG A CD  1 
ATOM   16   N NE  . ARG A 1 2   ? 9.087   2.096   -7.986  1.00 57.94 ? 1    ARG A NE  1 
ATOM   17   C CZ  . ARG A 1 2   ? 10.110  2.659   -8.624  1.00 60.63 ? 1    ARG A CZ  1 
ATOM   18   N NH1 . ARG A 1 2   ? 9.944   3.186   -9.840  1.00 60.18 ? 1    ARG A NH1 1 
ATOM   19   N NH2 . ARG A 1 2   ? 11.304  2.693   -8.046  1.00 61.47 ? 1    ARG A NH2 1 
ATOM   20   N N   . PRO A 1 3   ? 7.137   -1.489  -11.316 1.00 48.95 ? 2    PRO A N   1 
ATOM   21   C CA  . PRO A 1 3   ? 7.237   -1.216  -12.750 1.00 47.49 ? 2    PRO A CA  1 
ATOM   22   C C   . PRO A 1 3   ? 7.813   0.187   -12.913 1.00 45.95 ? 2    PRO A C   1 
ATOM   23   O O   . PRO A 1 3   ? 7.360   1.135   -12.260 1.00 45.47 ? 2    PRO A O   1 
ATOM   24   C CB  . PRO A 1 3   ? 5.799   -1.325  -13.256 1.00 46.42 ? 2    PRO A CB  1 
ATOM   25   C CG  . PRO A 1 3   ? 4.946   -1.278  -12.047 1.00 50.80 ? 2    PRO A CG  1 
ATOM   26   C CD  . PRO A 1 3   ? 5.758   -1.801  -10.908 1.00 51.58 ? 2    PRO A CD  1 
ATOM   27   N N   . PRO A 1 4   ? 8.846   0.325   -13.762 1.00 44.75 ? 3    PRO A N   1 
ATOM   28   C CA  . PRO A 1 4   ? 9.568   1.568   -14.079 1.00 42.67 ? 3    PRO A CA  1 
ATOM   29   C C   . PRO A 1 4   ? 8.736   2.821   -14.396 1.00 40.56 ? 3    PRO A C   1 
ATOM   30   O O   . PRO A 1 4   ? 9.092   3.924   -13.972 1.00 41.65 ? 3    PRO A O   1 
ATOM   31   C CB  . PRO A 1 4   ? 10.477  1.168   -15.252 1.00 43.22 ? 3    PRO A CB  1 
ATOM   32   C CG  . PRO A 1 4   ? 9.989   -0.187  -15.709 1.00 41.07 ? 3    PRO A CG  1 
ATOM   33   C CD  . PRO A 1 4   ? 9.401   -0.823  -14.499 1.00 43.13 ? 3    PRO A CD  1 
ATOM   34   N N   . GLN A 1 5   ? 7.634   2.653   -15.126 1.00 37.77 ? 4    GLN A N   1 
ATOM   35   C CA  . GLN A 1 5   ? 6.785   3.773   -15.501 1.00 37.81 ? 4    GLN A CA  1 
ATOM   36   C C   . GLN A 1 5   ? 6.011   4.429   -14.367 1.00 38.44 ? 4    GLN A C   1 
ATOM   37   O O   . GLN A 1 5   ? 5.422   5.492   -14.568 1.00 39.18 ? 4    GLN A O   1 
ATOM   38   C CB  . GLN A 1 5   ? 5.793   3.345   -16.574 1.00 39.37 ? 4    GLN A CB  1 
ATOM   39   C CG  . GLN A 1 5   ? 4.789   2.341   -16.103 1.00 41.71 ? 4    GLN A CG  1 
ATOM   40   C CD  . GLN A 1 5   ? 5.287   0.932   -16.289 1.00 48.60 ? 4    GLN A CD  1 
ATOM   41   O OE1 . GLN A 1 5   ? 6.455   0.639   -16.034 1.00 52.56 ? 4    GLN A OE1 1 
ATOM   42   N NE2 . GLN A 1 5   ? 4.405   0.043   -16.740 1.00 49.51 ? 4    GLN A NE2 1 
ATOM   43   N N   . PHE A 1 6   ? 5.989   3.800   -13.192 1.00 36.10 ? 5    PHE A N   1 
ATOM   44   C CA  . PHE A 1 6   ? 5.273   4.346   -12.035 1.00 33.16 ? 5    PHE A CA  1 
ATOM   45   C C   . PHE A 1 6   ? 6.263   4.820   -10.996 1.00 32.43 ? 5    PHE A C   1 
ATOM   46   O O   . PHE A 1 6   ? 7.259   4.140   -10.745 1.00 31.63 ? 5    PHE A O   1 
ATOM   47   C CB  . PHE A 1 6   ? 4.382   3.288   -11.376 1.00 34.48 ? 5    PHE A CB  1 
ATOM   48   C CG  . PHE A 1 6   ? 3.282   2.764   -12.262 1.00 35.94 ? 5    PHE A CG  1 
ATOM   49   C CD1 . PHE A 1 6   ? 2.476   3.633   -12.988 1.00 36.31 ? 5    PHE A CD1 1 
ATOM   50   C CD2 . PHE A 1 6   ? 3.063   1.391   -12.375 1.00 37.41 ? 5    PHE A CD2 1 
ATOM   51   C CE1 . PHE A 1 6   ? 1.471   3.144   -13.815 1.00 36.70 ? 5    PHE A CE1 1 
ATOM   52   C CE2 . PHE A 1 6   ? 2.060   0.893   -13.199 1.00 36.68 ? 5    PHE A CE2 1 
ATOM   53   C CZ  . PHE A 1 6   ? 1.264   1.768   -13.919 1.00 38.78 ? 5    PHE A CZ  1 
ATOM   54   N N   . THR A 1 7   ? 6.002   5.986   -10.400 1.00 30.43 ? 6    THR A N   1 
ATOM   55   C CA  . THR A 1 7   ? 6.881   6.504   -9.356  1.00 29.40 ? 6    THR A CA  1 
ATOM   56   C C   . THR A 1 7   ? 6.599   5.688   -8.085  1.00 29.75 ? 6    THR A C   1 
ATOM   57   O O   . THR A 1 7   ? 5.628   4.935   -8.036  1.00 30.85 ? 6    THR A O   1 
ATOM   58   C CB  . THR A 1 7   ? 6.621   7.993   -9.090  1.00 29.37 ? 6    THR A CB  1 
ATOM   59   O OG1 . THR A 1 7   ? 5.451   8.146   -8.284  1.00 31.02 ? 6    THR A OG1 1 
ATOM   60   C CG2 . THR A 1 7   ? 6.416   8.734   -10.390 1.00 32.33 ? 6    THR A CG2 1 
ATOM   61   N N   . ARG A 1 8   ? 7.443   5.811   -7.066  1.00 30.57 ? 7    ARG A N   1 
ATOM   62   C CA  . ARG A 1 8   ? 7.218   5.058   -5.834  1.00 29.85 ? 7    ARG A CA  1 
ATOM   63   C C   . ARG A 1 8   ? 5.861   5.426   -5.193  1.00 29.89 ? 7    ARG A C   1 
ATOM   64   O O   . ARG A 1 8   ? 5.178   4.572   -4.637  1.00 33.58 ? 7    ARG A O   1 
ATOM   65   C CB  . ARG A 1 8   ? 8.360   5.312   -4.844  1.00 28.84 ? 7    ARG A CB  1 
ATOM   66   C CG  . ARG A 1 8   ? 9.634   4.498   -5.120  1.00 32.38 ? 7    ARG A CG  1 
ATOM   67   C CD  . ARG A 1 8   ? 10.658  4.576   -3.957  1.00 33.06 ? 7    ARG A CD  1 
ATOM   68   N NE  . ARG A 1 8   ? 11.024  5.962   -3.640  1.00 35.59 ? 7    ARG A NE  1 
ATOM   69   C CZ  . ARG A 1 8   ? 11.699  6.351   -2.556  1.00 35.10 ? 7    ARG A CZ  1 
ATOM   70   N NH1 . ARG A 1 8   ? 12.105  5.478   -1.647  1.00 33.43 ? 7    ARG A NH1 1 
ATOM   71   N NH2 . ARG A 1 8   ? 11.968  7.633   -2.377  1.00 36.95 ? 7    ARG A NH2 1 
ATOM   72   N N   . ALA A 1 9   ? 5.468   6.694   -5.283  1.00 28.20 ? 8    ALA A N   1 
ATOM   73   C CA  . ALA A 1 9   ? 4.212   7.151   -4.716  1.00 24.05 ? 8    ALA A CA  1 
ATOM   74   C C   . ALA A 1 9   ? 3.012   6.617   -5.475  1.00 27.02 ? 8    ALA A C   1 
ATOM   75   O O   . ALA A 1 9   ? 2.006   6.289   -4.865  1.00 29.16 ? 8    ALA A O   1 
ATOM   76   C CB  . ALA A 1 9   ? 4.167   8.646   -4.703  1.00 23.15 ? 8    ALA A CB  1 
ATOM   77   N N   . GLN A 1 10  ? 3.097   6.532   -6.798  1.00 25.83 ? 9    GLN A N   1 
ATOM   78   C CA  . GLN A 1 10  ? 1.961   6.033   -7.567  1.00 26.33 ? 9    GLN A CA  1 
ATOM   79   C C   . GLN A 1 10  ? 1.786   4.543   -7.366  1.00 26.44 ? 9    GLN A C   1 
ATOM   80   O O   . GLN A 1 10  ? 0.666   4.054   -7.300  1.00 27.20 ? 9    GLN A O   1 
ATOM   81   C CB  . GLN A 1 10  ? 2.134   6.302   -9.058  1.00 29.83 ? 9    GLN A CB  1 
ATOM   82   C CG  . GLN A 1 10  ? 2.138   7.778   -9.449  1.00 41.24 ? 9    GLN A CG  1 
ATOM   83   C CD  . GLN A 1 10  ? 2.771   8.032   -10.827 1.00 46.49 ? 9    GLN A CD  1 
ATOM   84   O OE1 . GLN A 1 10  ? 3.063   7.099   -11.586 1.00 48.56 ? 9    GLN A OE1 1 
ATOM   85   N NE2 . GLN A 1 10  ? 2.980   9.303   -11.148 1.00 48.89 ? 9    GLN A NE2 1 
ATOM   86   N N   . TRP A 1 11  ? 2.897   3.817   -7.294  1.00 26.07 ? 10   TRP A N   1 
ATOM   87   C CA  . TRP A 1 11  ? 2.850   2.375   -7.095  1.00 23.02 ? 10   TRP A CA  1 
ATOM   88   C C   . TRP A 1 11  ? 2.239   2.134   -5.705  1.00 24.62 ? 10   TRP A C   1 
ATOM   89   O O   . TRP A 1 11  ? 1.468   1.188   -5.490  1.00 27.99 ? 10   TRP A O   1 
ATOM   90   C CB  . TRP A 1 11  ? 4.262   1.790   -7.191  1.00 20.91 ? 10   TRP A CB  1 
ATOM   91   C CG  . TRP A 1 11  ? 4.303   0.271   -7.250  1.00 26.47 ? 10   TRP A CG  1 
ATOM   92   C CD1 . TRP A 1 11  ? 5.071   -0.558  -6.473  1.00 24.17 ? 10   TRP A CD1 1 
ATOM   93   C CD2 . TRP A 1 11  ? 3.521   -0.593  -8.101  1.00 25.35 ? 10   TRP A CD2 1 
ATOM   94   N NE1 . TRP A 1 11  ? 4.815   -1.876  -6.783  1.00 27.14 ? 10   TRP A NE1 1 
ATOM   95   C CE2 . TRP A 1 11  ? 3.870   -1.928  -7.775  1.00 26.80 ? 10   TRP A CE2 1 
ATOM   96   C CE3 . TRP A 1 11  ? 2.563   -0.370  -9.102  1.00 26.66 ? 10   TRP A CE3 1 
ATOM   97   C CZ2 . TRP A 1 11  ? 3.293   -3.035  -8.414  1.00 22.77 ? 10   TRP A CZ2 1 
ATOM   98   C CZ3 . TRP A 1 11  ? 1.991   -1.475  -9.740  1.00 25.87 ? 10   TRP A CZ3 1 
ATOM   99   C CH2 . TRP A 1 11  ? 2.359   -2.789  -9.389  1.00 24.40 ? 10   TRP A CH2 1 
ATOM   100  N N   . PHE A 1 12  ? 2.577   3.003   -4.762  1.00 23.42 ? 11   PHE A N   1 
ATOM   101  C CA  . PHE A 1 12  ? 2.045   2.911   -3.412  1.00 21.24 ? 11   PHE A CA  1 
ATOM   102  C C   . PHE A 1 12  ? 0.525   3.047   -3.439  1.00 19.89 ? 11   PHE A C   1 
ATOM   103  O O   . PHE A 1 12  ? -0.184  2.240   -2.858  1.00 20.99 ? 11   PHE A O   1 
ATOM   104  C CB  . PHE A 1 12  ? 2.645   4.010   -2.527  1.00 23.35 ? 11   PHE A CB  1 
ATOM   105  C CG  . PHE A 1 12  ? 2.025   4.088   -1.164  1.00 23.76 ? 11   PHE A CG  1 
ATOM   106  C CD1 . PHE A 1 12  ? 2.405   3.196   -0.161  1.00 21.90 ? 11   PHE A CD1 1 
ATOM   107  C CD2 . PHE A 1 12  ? 1.024   5.016   -0.895  1.00 23.20 ? 11   PHE A CD2 1 
ATOM   108  C CE1 . PHE A 1 12  ? 1.800   3.224   1.073   1.00 17.34 ? 11   PHE A CE1 1 
ATOM   109  C CE2 . PHE A 1 12  ? 0.406   5.048   0.353   1.00 21.98 ? 11   PHE A CE2 1 
ATOM   110  C CZ  . PHE A 1 12  ? 0.795   4.154   1.334   1.00 19.98 ? 11   PHE A CZ  1 
ATOM   111  N N   . ALA A 1 13  ? 0.026   4.071   -4.117  1.00 21.96 ? 12   ALA A N   1 
ATOM   112  C CA  . ALA A 1 13  ? -1.415  4.299   -4.204  1.00 23.92 ? 12   ALA A CA  1 
ATOM   113  C C   . ALA A 1 13  ? -2.166  3.171   -4.932  1.00 26.53 ? 12   ALA A C   1 
ATOM   114  O O   . ALA A 1 13  ? -3.293  2.827   -4.559  1.00 29.62 ? 12   ALA A O   1 
ATOM   115  C CB  . ALA A 1 13  ? -1.684  5.630   -4.897  1.00 21.80 ? 12   ALA A CB  1 
ATOM   116  N N   . ILE A 1 14  ? -1.543  2.603   -5.967  1.00 24.89 ? 13   ILE A N   1 
ATOM   117  C CA  . ILE A 1 14  ? -2.152  1.529   -6.752  1.00 23.44 ? 13   ILE A CA  1 
ATOM   118  C C   . ILE A 1 14  ? -2.305  0.270   -5.909  1.00 24.86 ? 13   ILE A C   1 
ATOM   119  O O   . ILE A 1 14  ? -3.305  -0.442  -5.996  1.00 24.35 ? 13   ILE A O   1 
ATOM   120  C CB  . ILE A 1 14  ? -1.286  1.184   -7.990  1.00 24.88 ? 13   ILE A CB  1 
ATOM   121  C CG1 . ILE A 1 14  ? -1.352  2.337   -8.994  1.00 23.45 ? 13   ILE A CG1 1 
ATOM   122  C CG2 . ILE A 1 14  ? -1.750  -0.154  -8.623  1.00 21.87 ? 13   ILE A CG2 1 
ATOM   123  C CD1 . ILE A 1 14  ? -0.362  2.212   -10.131 1.00 21.24 ? 13   ILE A CD1 1 
ATOM   124  N N   . GLN A 1 15  ? -1.293  0.002   -5.096  1.00 24.19 ? 14   GLN A N   1 
ATOM   125  C CA  . GLN A 1 15  ? -1.299  -1.158  -4.241  1.00 21.91 ? 14   GLN A CA  1 
ATOM   126  C C   . GLN A 1 15  ? -2.096  -0.981  -2.951  1.00 22.76 ? 14   GLN A C   1 
ATOM   127  O O   . GLN A 1 15  ? -2.777  -1.912  -2.526  1.00 28.19 ? 14   GLN A O   1 
ATOM   128  C CB  . GLN A 1 15  ? 0.130   -1.513  -3.856  1.00 19.03 ? 14   GLN A CB  1 
ATOM   129  C CG  . GLN A 1 15  ? 0.911   -2.205  -4.894  1.00 16.99 ? 14   GLN A CG  1 
ATOM   130  C CD  . GLN A 1 15  ? 2.140   -2.838  -4.299  1.00 24.97 ? 14   GLN A CD  1 
ATOM   131  O OE1 . GLN A 1 15  ? 2.245   -4.062  -4.183  1.00 26.96 ? 14   GLN A OE1 1 
ATOM   132  N NE2 . GLN A 1 15  ? 3.081   -2.002  -3.902  1.00 24.01 ? 14   GLN A NE2 1 
ATOM   133  N N   . HIS A 1 16  ? -2.043  0.200   -2.338  1.00 17.96 ? 15   HIS A N   1 
ATOM   134  C CA  . HIS A 1 16  ? -2.691  0.371   -1.046  1.00 19.77 ? 15   HIS A CA  1 
ATOM   135  C C   . HIS A 1 16  ? -3.773  1.397   -0.788  1.00 23.97 ? 15   HIS A C   1 
ATOM   136  O O   . HIS A 1 16  ? -4.280  1.436   0.328   1.00 28.39 ? 15   HIS A O   1 
ATOM   137  C CB  . HIS A 1 16  ? -1.625  0.582   0.029   1.00 17.98 ? 15   HIS A CB  1 
ATOM   138  C CG  . HIS A 1 16  ? -0.485  -0.375  -0.059  1.00 19.05 ? 15   HIS A CG  1 
ATOM   139  N ND1 . HIS A 1 16  ? -0.634  -1.730  0.145   1.00 23.51 ? 15   HIS A ND1 1 
ATOM   140  C CD2 . HIS A 1 16  ? 0.814   -0.186  -0.389  1.00 20.71 ? 15   HIS A CD2 1 
ATOM   141  C CE1 . HIS A 1 16  ? 0.522   -2.336  -0.060  1.00 19.25 ? 15   HIS A CE1 1 
ATOM   142  N NE2 . HIS A 1 16  ? 1.418   -1.421  -0.384  1.00 20.63 ? 15   HIS A NE2 1 
ATOM   143  N N   . ILE A 1 17  ? -4.142  2.225   -1.759  1.00 24.00 ? 16   ILE A N   1 
ATOM   144  C CA  . ILE A 1 17  ? -5.169  3.226   -1.480  1.00 22.25 ? 16   ILE A CA  1 
ATOM   145  C C   . ILE A 1 17  ? -6.445  2.988   -2.229  1.00 22.61 ? 16   ILE A C   1 
ATOM   146  O O   . ILE A 1 17  ? -6.437  2.958   -3.441  1.00 23.43 ? 16   ILE A O   1 
ATOM   147  C CB  . ILE A 1 17  ? -4.727  4.646   -1.867  1.00 26.41 ? 16   ILE A CB  1 
ATOM   148  C CG1 . ILE A 1 17  ? -3.373  4.978   -1.232  1.00 23.49 ? 16   ILE A CG1 1 
ATOM   149  C CG2 . ILE A 1 17  ? -5.818  5.640   -1.462  1.00 22.58 ? 16   ILE A CG2 1 
ATOM   150  C CD1 . ILE A 1 17  ? -3.470  5.427   0.186   1.00 28.73 ? 16   ILE A CD1 1 
ATOM   151  N N   . SER A 1 18  ? -7.548  2.839   -1.510  1.00 24.84 ? 17   SER A N   1 
ATOM   152  C CA  . SER A 1 18  ? -8.840  2.637   -2.161  1.00 27.58 ? 17   SER A CA  1 
ATOM   153  C C   . SER A 1 18  ? -9.960  2.802   -1.152  1.00 26.99 ? 17   SER A C   1 
ATOM   154  O O   . SER A 1 18  ? -10.092 2.021   -0.221  1.00 28.49 ? 17   SER A O   1 
ATOM   155  C CB  . SER A 1 18  ? -8.928  1.249   -2.823  1.00 29.00 ? 17   SER A CB  1 
ATOM   156  O OG  . SER A 1 18  ? -10.045 1.169   -3.715  1.00 27.79 ? 17   SER A OG  1 
ATOM   157  N N   . LEU A 1 19  ? -10.755 3.839   -1.350  1.00 26.15 ? 18   LEU A N   1 
ATOM   158  C CA  . LEU A 1 19  ? -11.872 4.153   -0.487  1.00 27.45 ? 18   LEU A CA  1 
ATOM   159  C C   . LEU A 1 19  ? -12.942 3.084   -0.597  1.00 30.50 ? 18   LEU A C   1 
ATOM   160  O O   . LEU A 1 19  ? -13.460 2.579   0.415   1.00 31.73 ? 18   LEU A O   1 
ATOM   161  C CB  . LEU A 1 19  ? -12.470 5.481   -0.915  1.00 29.24 ? 18   LEU A CB  1 
ATOM   162  C CG  . LEU A 1 19  ? -12.754 6.536   0.137   1.00 32.18 ? 18   LEU A CG  1 
ATOM   163  C CD1 . LEU A 1 19  ? -11.589 6.667   1.110   1.00 28.04 ? 18   LEU A CD1 1 
ATOM   164  C CD2 . LEU A 1 19  ? -13.020 7.844   -0.598  1.00 33.32 ? 18   LEU A CD2 1 
ATOM   165  N N   . ASN A 1 20  ? -13.299 2.764   -1.836  1.00 30.92 ? 19   ASN A N   1 
ATOM   166  C CA  . ASN A 1 20  ? -14.322 1.756   -2.095  1.00 33.12 ? 19   ASN A CA  1 
ATOM   167  C C   . ASN A 1 20  ? -13.768 0.700   -3.029  1.00 33.42 ? 19   ASN A C   1 
ATOM   168  O O   . ASN A 1 20  ? -14.023 0.692   -4.241  1.00 35.70 ? 19   ASN A O   1 
ATOM   169  C CB  . ASN A 1 20  ? -15.568 2.418   -2.675  1.00 31.53 ? 19   ASN A CB  1 
ATOM   170  C CG  . ASN A 1 20  ? -16.214 3.361   -1.689  1.00 34.14 ? 19   ASN A CG  1 
ATOM   171  O OD1 . ASN A 1 20  ? -16.709 2.938   -0.633  1.00 35.58 ? 19   ASN A OD1 1 
ATOM   172  N ND2 . ASN A 1 20  ? -16.195 4.651   -2.009  1.00 31.83 ? 19   ASN A ND2 1 
ATOM   173  N N   . PRO A 1 21  ? -13.003 -0.228  -2.456  1.00 30.44 ? 20   PRO A N   1 
ATOM   174  C CA  . PRO A 1 21  ? -12.390 -1.296  -3.219  1.00 29.02 ? 20   PRO A CA  1 
ATOM   175  C C   . PRO A 1 21  ? -13.366 -2.303  -3.769  1.00 29.22 ? 20   PRO A C   1 
ATOM   176  O O   . PRO A 1 21  ? -14.418 -2.539  -3.187  1.00 32.52 ? 20   PRO A O   1 
ATOM   177  C CB  . PRO A 1 21  ? -11.435 -1.948  -2.213  1.00 27.79 ? 20   PRO A CB  1 
ATOM   178  C CG  . PRO A 1 21  ? -11.355 -1.003  -1.063  1.00 28.46 ? 20   PRO A CG  1 
ATOM   179  C CD  . PRO A 1 21  ? -12.676 -0.342  -1.028  1.00 25.81 ? 20   PRO A CD  1 
ATOM   180  N N   . PRO A 1 22  ? -13.053 -2.860  -4.945  1.00 30.66 ? 21   PRO A N   1 
ATOM   181  C CA  . PRO A 1 22  ? -13.913 -3.879  -5.548  1.00 28.79 ? 21   PRO A CA  1 
ATOM   182  C C   . PRO A 1 22  ? -13.446 -5.171  -4.866  1.00 30.30 ? 21   PRO A C   1 
ATOM   183  O O   . PRO A 1 22  ? -12.575 -5.135  -3.990  1.00 27.98 ? 21   PRO A O   1 
ATOM   184  C CB  . PRO A 1 22  ? -13.520 -3.862  -7.024  1.00 27.96 ? 21   PRO A CB  1 
ATOM   185  C CG  . PRO A 1 22  ? -12.104 -3.364  -7.039  1.00 28.43 ? 21   PRO A CG  1 
ATOM   186  C CD  . PRO A 1 22  ? -11.908 -2.507  -5.810  1.00 29.48 ? 21   PRO A CD  1 
ATOM   187  N N   . ARG A 1 23  ? -14.014 -6.303  -5.257  1.00 30.58 ? 22   ARG A N   1 
ATOM   188  C CA  . ARG A 1 23  ? -13.599 -7.575  -4.692  1.00 34.37 ? 22   ARG A CA  1 
ATOM   189  C C   . ARG A 1 23  ? -12.088 -7.737  -4.897  1.00 33.31 ? 22   ARG A C   1 
ATOM   190  O O   . ARG A 1 23  ? -11.527 -7.340  -5.923  1.00 32.95 ? 22   ARG A O   1 
ATOM   191  C CB  . ARG A 1 23  ? -14.341 -8.715  -5.387  1.00 40.72 ? 22   ARG A CB  1 
ATOM   192  C CG  . ARG A 1 23  ? -15.399 -9.390  -4.531  1.00 51.34 ? 22   ARG A CG  1 
ATOM   193  C CD  . ARG A 1 23  ? -16.061 -10.491 -5.333  1.00 62.10 ? 22   ARG A CD  1 
ATOM   194  N NE  . ARG A 1 23  ? -16.386 -10.041 -6.691  1.00 69.63 ? 22   ARG A NE  1 
ATOM   195  C CZ  . ARG A 1 23  ? -15.867 -10.548 -7.812  1.00 74.22 ? 22   ARG A CZ  1 
ATOM   196  N NH1 . ARG A 1 23  ? -14.977 -11.541 -7.772  1.00 71.84 ? 22   ARG A NH1 1 
ATOM   197  N NH2 . ARG A 1 23  ? -16.260 -10.061 -8.985  1.00 75.03 ? 22   ARG A NH2 1 
ATOM   198  N N   . CYS A 1 24  ? -11.429 -8.332  -3.919  1.00 32.18 ? 23   CYS A N   1 
ATOM   199  C CA  . CYS A 1 24  ? -9.989  -8.523  -3.989  1.00 27.84 ? 23   CYS A CA  1 
ATOM   200  C C   . CYS A 1 24  ? -9.544  -9.185  -5.259  1.00 26.19 ? 23   CYS A C   1 
ATOM   201  O O   . CYS A 1 24  ? -8.546  -8.797  -5.841  1.00 27.80 ? 23   CYS A O   1 
ATOM   202  C CB  . CYS A 1 24  ? -9.527  -9.372  -2.828  1.00 26.69 ? 23   CYS A CB  1 
ATOM   203  S SG  . CYS A 1 24  ? -9.418  -8.424  -1.306  1.00 24.19 ? 23   CYS A SG  1 
ATOM   204  N N   . THR A 1 25  ? -10.283 -10.203 -5.680  1.00 27.34 ? 24   THR A N   1 
ATOM   205  C CA  . THR A 1 25  ? -9.921  -10.932 -6.876  1.00 23.95 ? 24   THR A CA  1 
ATOM   206  C C   . THR A 1 25  ? -9.836  -10.007 -8.068  1.00 24.84 ? 24   THR A C   1 
ATOM   207  O O   . THR A 1 25  ? -9.002  -10.200 -8.940  1.00 27.56 ? 24   THR A O   1 
ATOM   208  C CB  . THR A 1 25  ? -10.909 -12.042 -7.150  1.00 22.02 ? 24   THR A CB  1 
ATOM   209  O OG1 . THR A 1 25  ? -10.676 -13.109 -6.223  1.00 25.79 ? 24   THR A OG1 1 
ATOM   210  C CG2 . THR A 1 25  ? -10.716 -12.581 -8.543  1.00 21.65 ? 24   THR A CG2 1 
ATOM   211  N N   . ILE A 1 26  ? -10.683 -8.988  -8.089  1.00 25.13 ? 25   ILE A N   1 
ATOM   212  C CA  . ILE A 1 26  ? -10.691 -8.020  -9.166  1.00 21.83 ? 25   ILE A CA  1 
ATOM   213  C C   . ILE A 1 26  ? -9.611  -6.959  -8.952  1.00 26.47 ? 25   ILE A C   1 
ATOM   214  O O   . ILE A 1 26  ? -8.826  -6.666  -9.852  1.00 30.14 ? 25   ILE A O   1 
ATOM   215  C CB  . ILE A 1 26  ? -12.046 -7.341  -9.243  1.00 23.09 ? 25   ILE A CB  1 
ATOM   216  C CG1 . ILE A 1 26  ? -13.054 -8.308  -9.825  1.00 27.88 ? 25   ILE A CG1 1 
ATOM   217  C CG2 . ILE A 1 26  ? -11.993 -6.128  -10.127 1.00 17.46 ? 25   ILE A CG2 1 
ATOM   218  C CD1 . ILE A 1 26  ? -14.421 -7.708  -9.934  1.00 37.72 ? 25   ILE A CD1 1 
ATOM   219  N N   . ALA A 1 27  ? -9.572  -6.383  -7.758  1.00 27.12 ? 26   ALA A N   1 
ATOM   220  C CA  . ALA A 1 27  ? -8.592  -5.346  -7.425  1.00 27.14 ? 26   ALA A CA  1 
ATOM   221  C C   . ALA A 1 27  ? -7.121  -5.754  -7.658  1.00 28.86 ? 26   ALA A C   1 
ATOM   222  O O   . ALA A 1 27  ? -6.305  -4.980  -8.184  1.00 28.97 ? 26   ALA A O   1 
ATOM   223  C CB  . ALA A 1 27  ? -8.784  -4.913  -5.956  1.00 20.12 ? 26   ALA A CB  1 
ATOM   224  N N   . MET A 1 28  ? -6.793  -6.975  -7.259  1.00 29.80 ? 27   MET A N   1 
ATOM   225  C CA  . MET A 1 28  ? -5.439  -7.481  -7.373  1.00 30.25 ? 27   MET A CA  1 
ATOM   226  C C   . MET A 1 28  ? -4.952  -7.749  -8.787  1.00 29.89 ? 27   MET A C   1 
ATOM   227  O O   . MET A 1 28  ? -3.750  -7.878  -9.006  1.00 30.89 ? 27   MET A O   1 
ATOM   228  C CB  . MET A 1 28  ? -5.307  -8.754  -6.536  1.00 27.38 ? 27   MET A CB  1 
ATOM   229  C CG  . MET A 1 28  ? -5.545  -8.527  -5.053  1.00 23.62 ? 27   MET A CG  1 
ATOM   230  S SD  . MET A 1 28  ? -4.310  -7.433  -4.371  1.00 23.62 ? 27   MET A SD  1 
ATOM   231  C CE  . MET A 1 28  ? -2.845  -8.402  -4.618  1.00 20.94 ? 27   MET A CE  1 
ATOM   232  N N   . ARG A 1 29  ? -5.866  -7.829  -9.744  1.00 30.42 ? 28   ARG A N   1 
ATOM   233  C CA  . ARG A 1 29  ? -5.476  -8.113  -11.114 1.00 35.21 ? 28   ARG A CA  1 
ATOM   234  C C   . ARG A 1 29  ? -4.387  -7.175  -11.621 1.00 35.82 ? 28   ARG A C   1 
ATOM   235  O O   . ARG A 1 29  ? -3.323  -7.621  -12.056 1.00 36.40 ? 28   ARG A O   1 
ATOM   236  C CB  . ARG A 1 29  ? -6.694  -8.032  -12.032 1.00 43.64 ? 28   ARG A CB  1 
ATOM   237  C CG  . ARG A 1 29  ? -7.075  -9.372  -12.639 1.00 53.56 ? 28   ARG A CG  1 
ATOM   238  C CD  . ARG A 1 29  ? -8.452  -9.337  -13.292 1.00 63.33 ? 28   ARG A CD  1 
ATOM   239  N NE  . ARG A 1 29  ? -9.419  -10.254 -12.671 1.00 71.90 ? 28   ARG A NE  1 
ATOM   240  C CZ  . ARG A 1 29  ? -9.203  -11.545 -12.394 1.00 75.73 ? 28   ARG A CZ  1 
ATOM   241  N NH1 . ARG A 1 29  ? -8.035  -12.125 -12.672 1.00 78.60 ? 28   ARG A NH1 1 
ATOM   242  N NH2 . ARG A 1 29  ? -10.175 -12.274 -11.854 1.00 75.05 ? 28   ARG A NH2 1 
ATOM   243  N N   . ALA A 1 30  ? -4.658  -5.878  -11.550 1.00 33.08 ? 29   ALA A N   1 
ATOM   244  C CA  . ALA A 1 30  ? -3.722  -4.859  -12.008 1.00 32.07 ? 29   ALA A CA  1 
ATOM   245  C C   . ALA A 1 30  ? -2.358  -4.882  -11.317 1.00 31.28 ? 29   ALA A C   1 
ATOM   246  O O   . ALA A 1 30  ? -1.358  -4.467  -11.890 1.00 33.33 ? 29   ALA A O   1 
ATOM   247  C CB  . ALA A 1 30  ? -4.355  -3.484  -11.846 1.00 36.39 ? 29   ALA A CB  1 
ATOM   248  N N   . ILE A 1 31  ? -2.310  -5.353  -10.084 1.00 29.87 ? 30   ILE A N   1 
ATOM   249  C CA  . ILE A 1 31  ? -1.048  -5.408  -9.365  1.00 29.01 ? 30   ILE A CA  1 
ATOM   250  C C   . ILE A 1 31  ? -0.206  -6.613  -9.776  1.00 27.47 ? 30   ILE A C   1 
ATOM   251  O O   . ILE A 1 31  ? 0.998   -6.503  -9.976  1.00 25.33 ? 30   ILE A O   1 
ATOM   252  C CB  . ILE A 1 31  ? -1.287  -5.481  -7.844  1.00 29.64 ? 30   ILE A CB  1 
ATOM   253  C CG1 . ILE A 1 31  ? -1.902  -4.164  -7.348  1.00 28.36 ? 30   ILE A CG1 1 
ATOM   254  C CG2 . ILE A 1 31  ? 0.013   -5.815  -7.124  1.00 25.61 ? 30   ILE A CG2 1 
ATOM   255  C CD1 . ILE A 1 31  ? -2.590  -4.269  -5.975  1.00 27.75 ? 30   ILE A CD1 1 
ATOM   256  N N   . ASN A 1 32  ? -0.850  -7.770  -9.888  1.00 30.33 ? 31   ASN A N   1 
ATOM   257  C CA  . ASN A 1 32  ? -0.161  -9.006  -10.251 1.00 29.40 ? 31   ASN A CA  1 
ATOM   258  C C   . ASN A 1 32  ? 0.302   -8.981  -11.682 1.00 31.67 ? 31   ASN A C   1 
ATOM   259  O O   . ASN A 1 32  ? 1.168   -9.760  -12.089 1.00 30.92 ? 31   ASN A O   1 
ATOM   260  C CB  . ASN A 1 32  ? -1.084  -10.193 -10.052 1.00 26.14 ? 31   ASN A CB  1 
ATOM   261  C CG  . ASN A 1 32  ? -1.247  -10.552 -8.601  1.00 28.87 ? 31   ASN A CG  1 
ATOM   262  O OD1 . ASN A 1 32  ? -0.304  -10.449 -7.807  1.00 29.29 ? 31   ASN A OD1 1 
ATOM   263  N ND2 . ASN A 1 32  ? -2.444  -10.978 -8.238  1.00 27.77 ? 31   ASN A ND2 1 
ATOM   264  N N   . ASN A 1 33  ? -0.288  -8.084  -12.456 1.00 33.90 ? 32   ASN A N   1 
ATOM   265  C CA  . ASN A 1 33  ? 0.072   -7.974  -13.852 1.00 34.74 ? 32   ASN A CA  1 
ATOM   266  C C   . ASN A 1 33  ? 1.567   -7.699  -13.992 1.00 33.59 ? 32   ASN A C   1 
ATOM   267  O O   . ASN A 1 33  ? 2.190   -8.124  -14.963 1.00 33.68 ? 32   ASN A O   1 
ATOM   268  C CB  . ASN A 1 33  ? -0.740  -6.868  -14.515 1.00 36.56 ? 32   ASN A CB  1 
ATOM   269  C CG  . ASN A 1 33  ? -0.441  -6.749  -15.979 1.00 40.09 ? 32   ASN A CG  1 
ATOM   270  O OD1 . ASN A 1 33  ? 0.408   -5.964  -16.378 1.00 36.44 ? 32   ASN A OD1 1 
ATOM   271  N ND2 . ASN A 1 33  ? -1.134  -7.540  -16.796 1.00 47.03 ? 32   ASN A ND2 1 
ATOM   272  N N   . TYR A 1 34  ? 2.139   -7.010  -13.010 1.00 31.46 ? 33   TYR A N   1 
ATOM   273  C CA  . TYR A 1 34  ? 3.557   -6.680  -13.031 1.00 31.26 ? 33   TYR A CA  1 
ATOM   274  C C   . TYR A 1 34  ? 4.367   -7.592  -12.135 1.00 33.48 ? 33   TYR A C   1 
ATOM   275  O O   . TYR A 1 34  ? 5.469   -7.239  -11.710 1.00 38.51 ? 33   TYR A O   1 
ATOM   276  C CB  . TYR A 1 34  ? 3.767   -5.241  -12.589 1.00 26.75 ? 33   TYR A CB  1 
ATOM   277  C CG  . TYR A 1 34  ? 2.973   -4.274  -13.405 1.00 30.74 ? 33   TYR A CG  1 
ATOM   278  C CD1 . TYR A 1 34  ? 3.501   -3.730  -14.572 1.00 28.55 ? 33   TYR A CD1 1 
ATOM   279  C CD2 . TYR A 1 34  ? 1.671   -3.921  -13.033 1.00 29.96 ? 33   TYR A CD2 1 
ATOM   280  C CE1 . TYR A 1 34  ? 2.752   -2.849  -15.360 1.00 33.60 ? 33   TYR A CE1 1 
ATOM   281  C CE2 . TYR A 1 34  ? 0.907   -3.041  -13.810 1.00 32.87 ? 33   TYR A CE2 1 
ATOM   282  C CZ  . TYR A 1 34  ? 1.453   -2.505  -14.973 1.00 37.34 ? 33   TYR A CZ  1 
ATOM   283  O OH  . TYR A 1 34  ? 0.724   -1.614  -15.743 1.00 43.37 ? 33   TYR A OH  1 
ATOM   284  N N   . ARG A 1 35  ? 3.839   -8.768  -11.837 1.00 29.35 ? 34   ARG A N   1 
ATOM   285  C CA  . ARG A 1 35  ? 4.572   -9.663  -10.971 1.00 28.52 ? 34   ARG A CA  1 
ATOM   286  C C   . ARG A 1 35  ? 4.776   -10.971 -11.684 1.00 29.51 ? 34   ARG A C   1 
ATOM   287  O O   . ARG A 1 35  ? 4.057   -11.279 -12.636 1.00 30.13 ? 34   ARG A O   1 
ATOM   288  C CB  . ARG A 1 35  ? 3.790   -9.933  -9.688  1.00 30.48 ? 34   ARG A CB  1 
ATOM   289  C CG  . ARG A 1 35  ? 3.539   -8.739  -8.792  1.00 29.12 ? 34   ARG A CG  1 
ATOM   290  C CD  . ARG A 1 35  ? 2.916   -9.223  -7.489  1.00 30.01 ? 34   ARG A CD  1 
ATOM   291  N NE  . ARG A 1 35  ? 3.805   -9.023  -6.350  1.00 33.71 ? 34   ARG A NE  1 
ATOM   292  C CZ  . ARG A 1 35  ? 4.450   -10.001 -5.726  1.00 34.00 ? 34   ARG A CZ  1 
ATOM   293  N NH1 . ARG A 1 35  ? 4.313   -11.258 -6.125  1.00 37.59 ? 34   ARG A NH1 1 
ATOM   294  N NH2 . ARG A 1 35  ? 5.219   -9.727  -4.685  1.00 40.67 ? 34   ARG A NH2 1 
ATOM   295  N N   . TRP A 1 36  ? 5.754   -11.740 -11.213 1.00 29.95 ? 35   TRP A N   1 
ATOM   296  C CA  . TRP A 1 36  ? 6.035   -13.052 -11.775 1.00 31.95 ? 35   TRP A CA  1 
ATOM   297  C C   . TRP A 1 36  ? 5.047   -14.045 -11.158 1.00 32.38 ? 35   TRP A C   1 
ATOM   298  O O   . TRP A 1 36  ? 4.473   -14.882 -11.848 1.00 33.79 ? 35   TRP A O   1 
ATOM   299  C CB  . TRP A 1 36  ? 7.463   -13.471 -11.445 1.00 28.89 ? 35   TRP A CB  1 
ATOM   300  C CG  . TRP A 1 36  ? 7.882   -14.745 -12.130 1.00 35.33 ? 35   TRP A CG  1 
ATOM   301  C CD1 . TRP A 1 36  ? 8.211   -15.935 -11.526 1.00 35.59 ? 35   TRP A CD1 1 
ATOM   302  C CD2 . TRP A 1 36  ? 8.098   -14.938 -13.543 1.00 37.31 ? 35   TRP A CD2 1 
ATOM   303  N NE1 . TRP A 1 36  ? 8.624   -16.847 -12.474 1.00 39.12 ? 35   TRP A NE1 1 
ATOM   304  C CE2 . TRP A 1 36  ? 8.568   -16.263 -13.717 1.00 38.35 ? 35   TRP A CE2 1 
ATOM   305  C CE3 . TRP A 1 36  ? 7.944   -14.120 -14.678 1.00 34.01 ? 35   TRP A CE3 1 
ATOM   306  C CZ2 . TRP A 1 36  ? 8.891   -16.790 -14.989 1.00 36.72 ? 35   TRP A CZ2 1 
ATOM   307  C CZ3 . TRP A 1 36  ? 8.265   -14.645 -15.939 1.00 33.50 ? 35   TRP A CZ3 1 
ATOM   308  C CH2 . TRP A 1 36  ? 8.735   -15.968 -16.079 1.00 36.58 ? 35   TRP A CH2 1 
ATOM   309  N N   . ARG A 1 37  ? 4.863   -13.933 -9.846  1.00 33.68 ? 36   ARG A N   1 
ATOM   310  C CA  . ARG A 1 37  ? 3.953   -14.789 -9.094  1.00 34.27 ? 36   ARG A CA  1 
ATOM   311  C C   . ARG A 1 37  ? 2.953   -13.934 -8.317  1.00 31.57 ? 36   ARG A C   1 
ATOM   312  O O   . ARG A 1 37  ? 3.250   -12.814 -7.924  1.00 34.43 ? 36   ARG A O   1 
ATOM   313  C CB  . ARG A 1 37  ? 4.748   -15.665 -8.128  1.00 36.69 ? 36   ARG A CB  1 
ATOM   314  C CG  . ARG A 1 37  ? 5.555   -16.756 -8.819  1.00 42.56 ? 36   ARG A CG  1 
ATOM   315  C CD  . ARG A 1 37  ? 4.636   -17.730 -9.565  1.00 45.95 ? 36   ARG A CD  1 
ATOM   316  N NE  . ARG A 1 37  ? 5.378   -18.738 -10.329 1.00 46.18 ? 36   ARG A NE  1 
ATOM   317  C CZ  . ARG A 1 37  ? 5.643   -18.654 -11.631 1.00 44.47 ? 36   ARG A CZ  1 
ATOM   318  N NH1 . ARG A 1 37  ? 5.236   -17.596 -12.333 1.00 39.19 ? 36   ARG A NH1 1 
ATOM   319  N NH2 . ARG A 1 37  ? 6.320   -19.625 -12.227 1.00 39.30 ? 36   ARG A NH2 1 
ATOM   320  N N   . CYS A 1 38  ? 1.766   -14.472 -8.096  1.00 31.77 ? 37   CYS A N   1 
ATOM   321  C CA  . CYS A 1 38  ? 0.716   -13.762 -7.380  1.00 28.09 ? 37   CYS A CA  1 
ATOM   322  C C   . CYS A 1 38  ? 1.039   -13.370 -5.955  1.00 28.95 ? 37   CYS A C   1 
ATOM   323  O O   . CYS A 1 38  ? 1.575   -14.170 -5.176  1.00 31.57 ? 37   CYS A O   1 
ATOM   324  C CB  . CYS A 1 38  ? -0.534  -14.601 -7.396  1.00 29.17 ? 37   CYS A CB  1 
ATOM   325  S SG  . CYS A 1 38  ? -1.449  -14.252 -8.911  1.00 36.89 ? 37   CYS A SG  1 
ATOM   326  N N   . LYS A 1 39  ? 0.696   -12.134 -5.609  1.00 26.45 ? 38   LYS A N   1 
ATOM   327  C CA  . LYS A 1 39  ? 0.956   -11.627 -4.269  1.00 26.34 ? 38   LYS A CA  1 
ATOM   328  C C   . LYS A 1 39  ? 0.145   -12.365 -3.182  1.00 28.76 ? 38   LYS A C   1 
ATOM   329  O O   . LYS A 1 39  ? -1.091  -12.459 -3.218  1.00 27.76 ? 38   LYS A O   1 
ATOM   330  C CB  . LYS A 1 39  ? 0.682   -10.121 -4.222  1.00 24.17 ? 38   LYS A CB  1 
ATOM   331  C CG  . LYS A 1 39  ? 1.694   -9.335  -3.414  1.00 23.01 ? 38   LYS A CG  1 
ATOM   332  C CD  . LYS A 1 39  ? 1.175   -7.955  -3.108  1.00 25.40 ? 38   LYS A CD  1 
ATOM   333  C CE  . LYS A 1 39  ? 1.972   -7.322  -1.975  1.00 33.06 ? 38   LYS A CE  1 
ATOM   334  N NZ  . LYS A 1 39  ? 1.694   -5.864  -1.816  1.00 34.03 ? 38   LYS A NZ  1 
ATOM   335  N N   . ASN A 1 40  ? 0.879   -12.892 -2.218  1.00 28.18 ? 39   ASN A N   1 
ATOM   336  C CA  . ASN A 1 40  ? 0.320   -13.631 -1.106  1.00 28.73 ? 39   ASN A CA  1 
ATOM   337  C C   . ASN A 1 40  ? -0.747  -12.879 -0.326  1.00 27.59 ? 39   ASN A C   1 
ATOM   338  O O   . ASN A 1 40  ? -1.803  -13.409 0.018   1.00 25.40 ? 39   ASN A O   1 
ATOM   339  C CB  . ASN A 1 40  ? 1.442   -13.983 -0.159  1.00 32.46 ? 39   ASN A CB  1 
ATOM   340  C CG  . ASN A 1 40  ? 1.309   -15.348 0.371   1.00 45.08 ? 39   ASN A CG  1 
ATOM   341  O OD1 . ASN A 1 40  ? 1.475   -15.571 1.572   1.00 55.08 ? 39   ASN A OD1 1 
ATOM   342  N ND2 . ASN A 1 40  ? 0.998   -16.300 -0.513  1.00 49.95 ? 39   ASN A ND2 1 
ATOM   343  N N   . GLN A 1 41  ? -0.457  -11.629 -0.031  1.00 25.52 ? 40   GLN A N   1 
ATOM   344  C CA  . GLN A 1 41  ? -1.378  -10.854 0.741   1.00 25.38 ? 40   GLN A CA  1 
ATOM   345  C C   . GLN A 1 41  ? -1.167  -9.381  0.450   1.00 24.78 ? 40   GLN A C   1 
ATOM   346  O O   . GLN A 1 41  ? -0.042  -8.924  0.256   1.00 24.42 ? 40   GLN A O   1 
ATOM   347  C CB  . GLN A 1 41  ? -1.145  -11.176 2.214   1.00 27.45 ? 40   GLN A CB  1 
ATOM   348  C CG  . GLN A 1 41  ? -0.944  -9.987  3.101   1.00 43.11 ? 40   GLN A CG  1 
ATOM   349  C CD  . GLN A 1 41  ? -2.073  -9.860  4.093   1.00 51.72 ? 40   GLN A CD  1 
ATOM   350  O OE1 . GLN A 1 41  ? -2.097  -10.557 5.117   1.00 55.19 ? 40   GLN A OE1 1 
ATOM   351  N NE2 . GLN A 1 41  ? -3.027  -8.982  3.792   1.00 51.11 ? 40   GLN A NE2 1 
ATOM   352  N N   . ASN A 1 42  ? -2.262  -8.642  0.397   1.00 23.97 ? 41   ASN A N   1 
ATOM   353  C CA  . ASN A 1 42  ? -2.183  -7.219  0.147   1.00 24.88 ? 41   ASN A CA  1 
ATOM   354  C C   . ASN A 1 42  ? -3.233  -6.513  0.981   1.00 24.57 ? 41   ASN A C   1 
ATOM   355  O O   . ASN A 1 42  ? -4.334  -7.041  1.180   1.00 25.09 ? 41   ASN A O   1 
ATOM   356  C CB  . ASN A 1 42  ? -2.411  -6.901  -1.343  1.00 26.62 ? 41   ASN A CB  1 
ATOM   357  C CG  . ASN A 1 42  ? -1.984  -5.481  -1.706  1.00 25.46 ? 41   ASN A CG  1 
ATOM   358  O OD1 . ASN A 1 42  ? -0.797  -5.145  -1.643  1.00 27.07 ? 41   ASN A OD1 1 
ATOM   359  N ND2 . ASN A 1 42  ? -2.949  -4.641  -2.068  1.00 19.06 ? 41   ASN A ND2 1 
ATOM   360  N N   . THR A 1 43  ? -2.889  -5.316  1.459   1.00 22.32 ? 42   THR A N   1 
ATOM   361  C CA  . THR A 1 43  ? -3.804  -4.516  2.257   1.00 21.97 ? 42   THR A CA  1 
ATOM   362  C C   . THR A 1 43  ? -4.148  -3.167  1.632   1.00 21.22 ? 42   THR A C   1 
ATOM   363  O O   . THR A 1 43  ? -3.267  -2.389  1.270   1.00 21.14 ? 42   THR A O   1 
ATOM   364  C CB  . THR A 1 43  ? -3.230  -4.239  3.667   1.00 20.84 ? 42   THR A CB  1 
ATOM   365  O OG1 . THR A 1 43  ? -2.965  -5.480  4.330   1.00 24.11 ? 42   THR A OG1 1 
ATOM   366  C CG2 . THR A 1 43  ? -4.233  -3.431  4.502   1.00 21.67 ? 42   THR A CG2 1 
ATOM   367  N N   . PHE A 1 44  ? -5.440  -2.896  1.501   1.00 21.34 ? 43   PHE A N   1 
ATOM   368  C CA  . PHE A 1 44  ? -5.889  -1.608  1.000   1.00 21.84 ? 43   PHE A CA  1 
ATOM   369  C C   . PHE A 1 44  ? -6.356  -0.787  2.198   1.00 24.18 ? 43   PHE A C   1 
ATOM   370  O O   . PHE A 1 44  ? -7.053  -1.297  3.076   1.00 26.41 ? 43   PHE A O   1 
ATOM   371  C CB  . PHE A 1 44  ? -7.049  -1.760  0.033   1.00 20.00 ? 43   PHE A CB  1 
ATOM   372  C CG  . PHE A 1 44  ? -6.653  -2.320  -1.294  1.00 25.48 ? 43   PHE A CG  1 
ATOM   373  C CD1 . PHE A 1 44  ? -6.077  -1.496  -2.267  1.00 24.31 ? 43   PHE A CD1 1 
ATOM   374  C CD2 . PHE A 1 44  ? -6.857  -3.672  -1.580  1.00 23.18 ? 43   PHE A CD2 1 
ATOM   375  C CE1 . PHE A 1 44  ? -5.713  -2.000  -3.508  1.00 19.94 ? 43   PHE A CE1 1 
ATOM   376  C CE2 . PHE A 1 44  ? -6.501  -4.189  -2.812  1.00 26.33 ? 43   PHE A CE2 1 
ATOM   377  C CZ  . PHE A 1 44  ? -5.923  -3.346  -3.788  1.00 25.13 ? 43   PHE A CZ  1 
ATOM   378  N N   . LEU A 1 45  ? -5.935  0.469   2.250   1.00 23.84 ? 44   LEU A N   1 
ATOM   379  C CA  . LEU A 1 45  ? -6.347  1.370   3.310   1.00 20.53 ? 44   LEU A CA  1 
ATOM   380  C C   . LEU A 1 45  ? -7.519  2.118   2.702   1.00 20.24 ? 44   LEU A C   1 
ATOM   381  O O   . LEU A 1 45  ? -7.419  2.690   1.625   1.00 20.37 ? 44   LEU A O   1 
ATOM   382  C CB  . LEU A 1 45  ? -5.223  2.345   3.664   1.00 20.25 ? 44   LEU A CB  1 
ATOM   383  C CG  . LEU A 1 45  ? -3.865  1.695   3.938   1.00 21.47 ? 44   LEU A CG  1 
ATOM   384  C CD1 . LEU A 1 45  ? -2.804  2.738   3.790   1.00 25.47 ? 44   LEU A CD1 1 
ATOM   385  C CD2 . LEU A 1 45  ? -3.817  1.103   5.342   1.00 18.45 ? 44   LEU A CD2 1 
ATOM   386  N N   . ARG A 1 46  ? -8.653  2.079   3.378   1.00 24.44 ? 45   ARG A N   1 
ATOM   387  C CA  . ARG A 1 46  ? -9.823  2.757   2.874   1.00 24.47 ? 45   ARG A CA  1 
ATOM   388  C C   . ARG A 1 46  ? -9.771  4.215   3.315   1.00 26.70 ? 45   ARG A C   1 
ATOM   389  O O   . ARG A 1 46  ? -10.416 4.630   4.281   1.00 27.93 ? 45   ARG A O   1 
ATOM   390  C CB  . ARG A 1 46  ? -11.078 2.030   3.358   1.00 18.34 ? 45   ARG A CB  1 
ATOM   391  C CG  . ARG A 1 46  ? -11.049 0.563   2.958   1.00 16.68 ? 45   ARG A CG  1 
ATOM   392  C CD  . ARG A 1 46  ? -12.388 -0.102  3.103   1.00 19.62 ? 45   ARG A CD  1 
ATOM   393  N NE  . ARG A 1 46  ? -13.411 0.577   2.323   1.00 26.09 ? 45   ARG A NE  1 
ATOM   394  C CZ  . ARG A 1 46  ? -14.686 0.198   2.287   1.00 24.70 ? 45   ARG A CZ  1 
ATOM   395  N NH1 . ARG A 1 46  ? -15.075 -0.850  2.990   1.00 23.14 ? 45   ARG A NH1 1 
ATOM   396  N NH2 . ARG A 1 46  ? -15.571 0.867   1.550   1.00 23.35 ? 45   ARG A NH2 1 
ATOM   397  N N   . THR A 1 47  ? -8.949  4.975   2.599   1.00 26.78 ? 46   THR A N   1 
ATOM   398  C CA  . THR A 1 47  ? -8.771  6.392   2.844   1.00 26.83 ? 46   THR A CA  1 
ATOM   399  C C   . THR A 1 47  ? -8.430  7.063   1.504   1.00 30.54 ? 46   THR A C   1 
ATOM   400  O O   . THR A 1 47  ? -8.595  6.459   0.438   1.00 32.26 ? 46   THR A O   1 
ATOM   401  C CB  . THR A 1 47  ? -7.666  6.630   3.896   1.00 26.17 ? 46   THR A CB  1 
ATOM   402  O OG1 . THR A 1 47  ? -7.550  8.031   4.156   1.00 30.77 ? 46   THR A OG1 1 
ATOM   403  C CG2 . THR A 1 47  ? -6.328  6.095   3.425   1.00 27.43 ? 46   THR A CG2 1 
ATOM   404  N N   . THR A 1 48  ? -7.980  8.312   1.545   1.00 33.58 ? 47   THR A N   1 
ATOM   405  C CA  . THR A 1 48  ? -7.627  9.033   0.316   1.00 32.88 ? 47   THR A CA  1 
ATOM   406  C C   . THR A 1 48  ? -6.129  9.258   0.306   1.00 31.96 ? 47   THR A C   1 
ATOM   407  O O   . THR A 1 48  ? -5.495  9.240   1.368   1.00 31.59 ? 47   THR A O   1 
ATOM   408  C CB  . THR A 1 48  ? -8.295  10.422  0.263   1.00 31.44 ? 47   THR A CB  1 
ATOM   409  O OG1 . THR A 1 48  ? -7.815  11.216  1.357   1.00 33.99 ? 47   THR A OG1 1 
ATOM   410  C CG2 . THR A 1 48  ? -9.791  10.299  0.363   1.00 28.24 ? 47   THR A CG2 1 
ATOM   411  N N   . PHE A 1 49  ? -5.558  9.474   -0.876  1.00 31.62 ? 48   PHE A N   1 
ATOM   412  C CA  . PHE A 1 49  ? -4.127  9.732   -0.955  1.00 34.46 ? 48   PHE A CA  1 
ATOM   413  C C   . PHE A 1 49  ? -3.813  10.991  -0.135  1.00 35.57 ? 48   PHE A C   1 
ATOM   414  O O   . PHE A 1 49  ? -2.876  11.010  0.661   1.00 36.93 ? 48   PHE A O   1 
ATOM   415  C CB  . PHE A 1 49  ? -3.688  9.931   -2.407  1.00 35.52 ? 48   PHE A CB  1 
ATOM   416  C CG  . PHE A 1 49  ? -2.197  10.130  -2.570  1.00 39.64 ? 48   PHE A CG  1 
ATOM   417  C CD1 . PHE A 1 49  ? -1.344  9.038   -2.720  1.00 39.34 ? 48   PHE A CD1 1 
ATOM   418  C CD2 . PHE A 1 49  ? -1.642  11.408  -2.560  1.00 39.20 ? 48   PHE A CD2 1 
ATOM   419  C CE1 . PHE A 1 49  ? 0.033   9.214   -2.857  1.00 38.31 ? 48   PHE A CE1 1 
ATOM   420  C CE2 . PHE A 1 49  ? -0.260  11.592  -2.696  1.00 39.29 ? 48   PHE A CE2 1 
ATOM   421  C CZ  . PHE A 1 49  ? 0.574   10.493  -2.845  1.00 37.42 ? 48   PHE A CZ  1 
ATOM   422  N N   . ALA A 1 50  ? -4.610  12.036  -0.315  1.00 36.76 ? 49   ALA A N   1 
ATOM   423  C CA  . ALA A 1 50  ? -4.404  13.280  0.423   1.00 38.73 ? 49   ALA A CA  1 
ATOM   424  C C   . ALA A 1 50  ? -4.251  13.043  1.927   1.00 37.55 ? 49   ALA A C   1 
ATOM   425  O O   . ALA A 1 50  ? -3.395  13.639  2.578   1.00 36.74 ? 49   ALA A O   1 
ATOM   426  C CB  . ALA A 1 50  ? -5.564  14.222  0.166   1.00 40.52 ? 49   ALA A CB  1 
ATOM   427  N N   . ASN A 1 51  ? -5.088  12.165  2.469   1.00 40.52 ? 50   ASN A N   1 
ATOM   428  C CA  . ASN A 1 51  ? -5.058  11.853  3.901   1.00 42.12 ? 50   ASN A CA  1 
ATOM   429  C C   . ASN A 1 51  ? -3.788  11.148  4.379   1.00 39.53 ? 50   ASN A C   1 
ATOM   430  O O   . ASN A 1 51  ? -3.394  11.289  5.542   1.00 37.67 ? 50   ASN A O   1 
ATOM   431  C CB  . ASN A 1 51  ? -6.275  11.000  4.282   1.00 45.72 ? 50   ASN A CB  1 
ATOM   432  C CG  . ASN A 1 51  ? -7.410  11.828  4.858   1.00 47.40 ? 50   ASN A CG  1 
ATOM   433  O OD1 . ASN A 1 51  ? -8.562  11.691  4.441   1.00 47.20 ? 50   ASN A OD1 1 
ATOM   434  N ND2 . ASN A 1 51  ? -7.089  12.693  5.823   1.00 48.53 ? 50   ASN A ND2 1 
ATOM   435  N N   . VAL A 1 52  ? -3.153  10.375  3.504   1.00 38.57 ? 51   VAL A N   1 
ATOM   436  C CA  . VAL A 1 52  ? -1.925  9.676   3.889   1.00 35.36 ? 51   VAL A CA  1 
ATOM   437  C C   . VAL A 1 52  ? -0.752  10.676  3.860   1.00 34.66 ? 51   VAL A C   1 
ATOM   438  O O   . VAL A 1 52  ? 0.167   10.604  4.680   1.00 30.95 ? 51   VAL A O   1 
ATOM   439  C CB  . VAL A 1 52  ? -1.639  8.458   2.948   1.00 33.00 ? 51   VAL A CB  1 
ATOM   440  C CG1 . VAL A 1 52  ? -0.401  7.723   3.413   1.00 21.57 ? 51   VAL A CG1 1 
ATOM   441  C CG2 . VAL A 1 52  ? -2.841  7.508   2.930   1.00 26.82 ? 51   VAL A CG2 1 
ATOM   442  N N   . VAL A 1 53  ? -0.805  11.619  2.923   1.00 32.10 ? 52   VAL A N   1 
ATOM   443  C CA  . VAL A 1 53  ? 0.229   12.628  2.816   1.00 31.85 ? 52   VAL A CA  1 
ATOM   444  C C   . VAL A 1 53  ? 0.253   13.436  4.113   1.00 35.69 ? 52   VAL A C   1 
ATOM   445  O O   . VAL A 1 53  ? 1.291   13.971  4.492   1.00 38.44 ? 52   VAL A O   1 
ATOM   446  C CB  . VAL A 1 53  ? -0.047  13.574  1.637   1.00 34.96 ? 52   VAL A CB  1 
ATOM   447  C CG1 . VAL A 1 53  ? 0.814   14.811  1.760   1.00 34.92 ? 52   VAL A CG1 1 
ATOM   448  C CG2 . VAL A 1 53  ? 0.212   12.854  0.302   1.00 31.74 ? 52   VAL A CG2 1 
ATOM   449  N N   . ASN A 1 54  ? -0.882  13.521  4.803   1.00 38.38 ? 53   ASN A N   1 
ATOM   450  C CA  . ASN A 1 54  ? -0.935  14.262  6.068   1.00 43.20 ? 53   ASN A CA  1 
ATOM   451  C C   . ASN A 1 54  ? -0.178  13.507  7.138   1.00 43.00 ? 53   ASN A C   1 
ATOM   452  O O   . ASN A 1 54  ? 0.531   14.097  7.953   1.00 44.77 ? 53   ASN A O   1 
ATOM   453  C CB  . ASN A 1 54  ? -2.376  14.456  6.543   1.00 49.98 ? 53   ASN A CB  1 
ATOM   454  C CG  . ASN A 1 54  ? -3.106  15.531  5.764   1.00 60.40 ? 53   ASN A CG  1 
ATOM   455  O OD1 . ASN A 1 54  ? -2.483  16.406  5.143   1.00 64.07 ? 53   ASN A OD1 1 
ATOM   456  N ND2 . ASN A 1 54  ? -4.439  15.471  5.782   1.00 62.90 ? 53   ASN A ND2 1 
ATOM   457  N N   . VAL A 1 55  ? -0.356  12.191  7.149   1.00 41.87 ? 54   VAL A N   1 
ATOM   458  C CA  . VAL A 1 55  ? 0.326   11.337  8.112   1.00 37.21 ? 54   VAL A CA  1 
ATOM   459  C C   . VAL A 1 55  ? 1.817   11.596  7.944   1.00 37.12 ? 54   VAL A C   1 
ATOM   460  O O   . VAL A 1 55  ? 2.558   11.704  8.914   1.00 36.26 ? 54   VAL A O   1 
ATOM   461  C CB  . VAL A 1 55  ? 0.028   9.850   7.823   1.00 35.28 ? 54   VAL A CB  1 
ATOM   462  C CG1 . VAL A 1 55  ? 0.666   8.963   8.888   1.00 32.35 ? 54   VAL A CG1 1 
ATOM   463  C CG2 . VAL A 1 55  ? -1.472  9.639   7.757   1.00 31.52 ? 54   VAL A CG2 1 
ATOM   464  N N   . CYS A 1 56  ? 2.235   11.707  6.688   1.00 36.08 ? 55   CYS A N   1 
ATOM   465  C CA  . CYS A 1 56  ? 3.627   11.953  6.343   1.00 38.16 ? 55   CYS A CA  1 
ATOM   466  C C   . CYS A 1 56  ? 4.155   13.198  7.040   1.00 40.77 ? 55   CYS A C   1 
ATOM   467  O O   . CYS A 1 56  ? 5.320   13.270  7.426   1.00 40.98 ? 55   CYS A O   1 
ATOM   468  C CB  . CYS A 1 56  ? 3.759   12.127  4.827   1.00 35.00 ? 55   CYS A CB  1 
ATOM   469  S SG  . CYS A 1 56  ? 3.692   10.574  3.875   1.00 33.61 ? 55   CYS A SG  1 
ATOM   470  N N   . GLY A 1 57  ? 3.282   14.178  7.215   1.00 44.31 ? 56   GLY A N   1 
ATOM   471  C CA  . GLY A 1 57  ? 3.699   15.415  7.840   1.00 46.78 ? 56   GLY A CA  1 
ATOM   472  C C   . GLY A 1 57  ? 3.886   15.433  9.343   1.00 47.95 ? 56   GLY A C   1 
ATOM   473  O O   . GLY A 1 57  ? 4.359   16.432  9.885   1.00 51.41 ? 56   GLY A O   1 
ATOM   474  N N   . ASN A 1 58  ? 3.541   14.365  10.043  1.00 47.62 ? 57   ASN A N   1 
ATOM   475  C CA  . ASN A 1 58  ? 3.712   14.435  11.477  1.00 49.57 ? 57   ASN A CA  1 
ATOM   476  C C   . ASN A 1 58  ? 4.967   13.810  12.034  1.00 49.27 ? 57   ASN A C   1 
ATOM   477  O O   . ASN A 1 58  ? 5.922   13.540  11.318  1.00 51.26 ? 57   ASN A O   1 
ATOM   478  C CB  . ASN A 1 58  ? 2.479   13.883  12.196  1.00 53.93 ? 57   ASN A CB  1 
ATOM   479  C CG  . ASN A 1 58  ? 2.277   12.412  11.972  1.00 57.10 ? 57   ASN A CG  1 
ATOM   480  O OD1 . ASN A 1 58  ? 1.139   11.948  11.879  1.00 61.58 ? 57   ASN A OD1 1 
ATOM   481  N ND2 . ASN A 1 58  ? 3.369   11.660  11.895  1.00 56.49 ? 57   ASN A ND2 1 
ATOM   482  N N   . GLN A 1 59  ? 4.957   13.613  13.340  1.00 50.21 ? 58   GLN A N   1 
ATOM   483  C CA  . GLN A 1 59  ? 6.078   13.039  14.045  1.00 52.80 ? 58   GLN A CA  1 
ATOM   484  C C   . GLN A 1 59  ? 6.711   11.935  13.229  1.00 52.20 ? 58   GLN A C   1 
ATOM   485  O O   . GLN A 1 59  ? 6.027   11.182  12.553  1.00 56.20 ? 58   GLN A O   1 
ATOM   486  C CB  . GLN A 1 59  ? 5.607   12.491  15.392  1.00 59.53 ? 58   GLN A CB  1 
ATOM   487  C CG  . GLN A 1 59  ? 6.316   13.101  16.580  1.00 66.64 ? 58   GLN A CG  1 
ATOM   488  C CD  . GLN A 1 59  ? 7.808   12.880  16.511  1.00 71.20 ? 58   GLN A CD  1 
ATOM   489  O OE1 . GLN A 1 59  ? 8.298   11.805  16.868  1.00 75.98 ? 58   GLN A OE1 1 
ATOM   490  N NE2 . GLN A 1 59  ? 8.543   13.890  16.039  1.00 70.80 ? 58   GLN A NE2 1 
ATOM   491  N N   . SER A 1 60  ? 8.030   11.852  13.290  1.00 49.53 ? 59   SER A N   1 
ATOM   492  C CA  . SER A 1 60  ? 8.766   10.835  12.574  1.00 45.10 ? 59   SER A CA  1 
ATOM   493  C C   . SER A 1 60  ? 9.087   9.702   13.553  1.00 44.34 ? 59   SER A C   1 
ATOM   494  O O   . SER A 1 60  ? 9.324   9.949   14.733  1.00 46.83 ? 59   SER A O   1 
ATOM   495  C CB  . SER A 1 60  ? 10.060  11.442  12.038  1.00 45.48 ? 59   SER A CB  1 
ATOM   496  O OG  . SER A 1 60  ? 10.409  10.888  10.784  1.00 51.35 ? 59   SER A OG  1 
ATOM   497  N N   . ILE A 1 61  ? 9.070   8.460   13.080  1.00 40.06 ? 60   ILE A N   1 
ATOM   498  C CA  . ILE A 1 61  ? 9.412   7.332   13.939  1.00 36.81 ? 60   ILE A CA  1 
ATOM   499  C C   . ILE A 1 61  ? 10.272  6.368   13.133  1.00 33.95 ? 60   ILE A C   1 
ATOM   500  O O   . ILE A 1 61  ? 10.280  6.418   11.909  1.00 34.80 ? 60   ILE A O   1 
ATOM   501  C CB  . ILE A 1 61  ? 8.132   6.583   14.487  1.00 39.13 ? 60   ILE A CB  1 
ATOM   502  C CG1 . ILE A 1 61  ? 7.572   5.617   13.431  1.00 38.94 ? 60   ILE A CG1 1 
ATOM   503  C CG2 . ILE A 1 61  ? 7.075   7.599   14.917  1.00 40.66 ? 60   ILE A CG2 1 
ATOM   504  C CD1 . ILE A 1 61  ? 6.101   5.269   13.598  1.00 29.51 ? 60   ILE A CD1 1 
ATOM   505  N N   . ARG A 1 62  ? 11.023  5.512   13.812  1.00 34.39 ? 61   ARG A N   1 
ATOM   506  C CA  . ARG A 1 62  ? 11.843  4.531   13.116  1.00 35.88 ? 61   ARG A CA  1 
ATOM   507  C C   . ARG A 1 62  ? 10.846  3.537   12.548  1.00 37.91 ? 61   ARG A C   1 
ATOM   508  O O   . ARG A 1 62  ? 9.816   3.263   13.166  1.00 41.55 ? 61   ARG A O   1 
ATOM   509  C CB  . ARG A 1 62  ? 12.796  3.835   14.085  1.00 35.10 ? 61   ARG A CB  1 
ATOM   510  C CG  . ARG A 1 62  ? 14.230  4.245   13.886  1.00 35.97 ? 61   ARG A CG  1 
ATOM   511  C CD  . ARG A 1 62  ? 15.095  3.968   15.098  1.00 36.92 ? 61   ARG A CD  1 
ATOM   512  N NE  . ARG A 1 62  ? 16.121  5.001   15.239  1.00 43.15 ? 61   ARG A NE  1 
ATOM   513  C CZ  . ARG A 1 62  ? 17.112  5.213   14.373  1.00 42.54 ? 61   ARG A CZ  1 
ATOM   514  N NH1 . ARG A 1 62  ? 17.238  4.469   13.283  1.00 42.89 ? 61   ARG A NH1 1 
ATOM   515  N NH2 . ARG A 1 62  ? 17.973  6.193   14.588  1.00 46.45 ? 61   ARG A NH2 1 
ATOM   516  N N   . CYS A 1 63  ? 11.130  3.011   11.368  1.00 36.33 ? 62   CYS A N   1 
ATOM   517  C CA  . CYS A 1 63  ? 10.214  2.069   10.747  1.00 35.57 ? 62   CYS A CA  1 
ATOM   518  C C   . CYS A 1 63  ? 10.225  0.739   11.478  1.00 37.28 ? 62   CYS A C   1 
ATOM   519  O O   . CYS A 1 63  ? 11.266  0.106   11.612  1.00 39.94 ? 62   CYS A O   1 
ATOM   520  C CB  . CYS A 1 63  ? 10.600  1.849   9.292   1.00 34.10 ? 62   CYS A CB  1 
ATOM   521  S SG  . CYS A 1 63  ? 10.198  3.263   8.225   1.00 30.82 ? 62   CYS A SG  1 
ATOM   522  N N   . PRO A 1 64  ? 9.059   0.301   11.970  1.00 36.92 ? 63   PRO A N   1 
ATOM   523  C CA  . PRO A 1 64  ? 8.967   -0.970  12.688  1.00 35.72 ? 63   PRO A CA  1 
ATOM   524  C C   . PRO A 1 64  ? 9.679   -2.121  11.994  1.00 39.35 ? 63   PRO A C   1 
ATOM   525  O O   . PRO A 1 64  ? 10.550  -2.757  12.586  1.00 43.35 ? 63   PRO A O   1 
ATOM   526  C CB  . PRO A 1 64  ? 7.471   -1.204  12.796  1.00 36.94 ? 63   PRO A CB  1 
ATOM   527  C CG  . PRO A 1 64  ? 6.889   0.181   12.823  1.00 35.51 ? 63   PRO A CG  1 
ATOM   528  C CD  . PRO A 1 64  ? 7.762   1.000   11.911  1.00 37.56 ? 63   PRO A CD  1 
ATOM   529  N N   . HIS A 1 65  ? 9.327   -2.384  10.738  1.00 40.39 ? 64   HIS A N   1 
ATOM   530  C CA  . HIS A 1 65  ? 9.947   -3.485  10.000  1.00 41.43 ? 64   HIS A CA  1 
ATOM   531  C C   . HIS A 1 65  ? 11.361  -3.238  9.469   1.00 40.27 ? 64   HIS A C   1 
ATOM   532  O O   . HIS A 1 65  ? 11.977  -4.137  8.904   1.00 42.39 ? 64   HIS A O   1 
ATOM   533  C CB  . HIS A 1 65  ? 9.019   -3.948  8.870   1.00 46.38 ? 64   HIS A CB  1 
ATOM   534  C CG  . HIS A 1 65  ? 7.831   -4.730  9.356   1.00 55.02 ? 64   HIS A CG  1 
ATOM   535  N ND1 . HIS A 1 65  ? 7.652   -6.070  9.076   1.00 55.90 ? 64   HIS A ND1 1 
ATOM   536  C CD2 . HIS A 1 65  ? 6.778   -4.365  10.129  1.00 56.18 ? 64   HIS A CD2 1 
ATOM   537  C CE1 . HIS A 1 65  ? 6.541   -6.494  9.657   1.00 57.30 ? 64   HIS A CE1 1 
ATOM   538  N NE2 . HIS A 1 65  ? 5.992   -5.480  10.302  1.00 54.82 ? 64   HIS A NE2 1 
ATOM   539  N N   . ASN A 1 66  ? 11.876  -2.023  9.639   1.00 40.17 ? 65   ASN A N   1 
ATOM   540  C CA  . ASN A 1 66  ? 13.246  -1.686  9.228   1.00 38.49 ? 65   ASN A CA  1 
ATOM   541  C C   . ASN A 1 66  ? 13.726  -0.511  10.057  1.00 38.09 ? 65   ASN A C   1 
ATOM   542  O O   . ASN A 1 66  ? 13.798  0.628   9.583   1.00 37.48 ? 65   ASN A O   1 
ATOM   543  C CB  . ASN A 1 66  ? 13.346  -1.324  7.754   1.00 36.60 ? 65   ASN A CB  1 
ATOM   544  C CG  . ASN A 1 66  ? 14.797  -1.307  7.270   1.00 38.89 ? 65   ASN A CG  1 
ATOM   545  O OD1 . ASN A 1 66  ? 15.074  -1.443  6.080   1.00 43.10 ? 65   ASN A OD1 1 
ATOM   546  N ND2 . ASN A 1 66  ? 15.730  -1.143  8.202   1.00 33.18 ? 65   ASN A ND2 1 
ATOM   547  N N   . ARG A 1 67  ? 14.064  -0.814  11.301  1.00 37.38 ? 66   ARG A N   1 
ATOM   548  C CA  . ARG A 1 67  ? 14.490  0.183   12.255  1.00 36.15 ? 66   ARG A CA  1 
ATOM   549  C C   . ARG A 1 67  ? 15.630  1.090   11.823  1.00 34.59 ? 66   ARG A C   1 
ATOM   550  O O   . ARG A 1 67  ? 15.899  2.085   12.493  1.00 36.86 ? 66   ARG A O   1 
ATOM   551  C CB  . ARG A 1 67  ? 14.836  -0.503  13.573  1.00 40.26 ? 66   ARG A CB  1 
ATOM   552  C CG  . ARG A 1 67  ? 13.622  -1.087  14.302  1.00 42.56 ? 66   ARG A CG  1 
ATOM   553  C CD  . ARG A 1 67  ? 14.045  -1.769  15.598  1.00 40.42 ? 66   ARG A CD  1 
ATOM   554  N NE  . ARG A 1 67  ? 14.789  -0.847  16.448  1.00 34.65 ? 66   ARG A NE  1 
ATOM   555  C CZ  . ARG A 1 67  ? 14.284  0.284   16.928  1.00 33.89 ? 66   ARG A CZ  1 
ATOM   556  N NH1 . ARG A 1 67  ? 13.031  0.629   16.639  1.00 31.54 ? 66   ARG A NH1 1 
ATOM   557  N NH2 . ARG A 1 67  ? 15.036  1.076   17.683  1.00 28.29 ? 66   ARG A NH2 1 
ATOM   558  N N   . THR A 1 68  ? 16.309  0.774   10.725  1.00 34.45 ? 67   THR A N   1 
ATOM   559  C CA  . THR A 1 68  ? 17.410  1.637   10.278  1.00 31.32 ? 67   THR A CA  1 
ATOM   560  C C   . THR A 1 68  ? 16.851  2.884   9.602   1.00 30.93 ? 67   THR A C   1 
ATOM   561  O O   . THR A 1 68  ? 17.543  3.890   9.486   1.00 33.89 ? 67   THR A O   1 
ATOM   562  C CB  . THR A 1 68  ? 18.377  0.923   9.289   1.00 29.29 ? 67   THR A CB  1 
ATOM   563  O OG1 . THR A 1 68  ? 17.689  0.597   8.078   1.00 31.84 ? 67   THR A OG1 1 
ATOM   564  C CG2 . THR A 1 68  ? 18.928  -0.349  9.900   1.00 27.25 ? 67   THR A CG2 1 
ATOM   565  N N   . LEU A 1 69  ? 15.592  2.822   9.175   1.00 30.21 ? 68   LEU A N   1 
ATOM   566  C CA  . LEU A 1 69  ? 14.946  3.951   8.517   1.00 29.77 ? 68   LEU A CA  1 
ATOM   567  C C   . LEU A 1 69  ? 14.205  4.794   9.545   1.00 30.07 ? 68   LEU A C   1 
ATOM   568  O O   . LEU A 1 69  ? 13.401  4.275   10.311  1.00 30.90 ? 68   LEU A O   1 
ATOM   569  C CB  . LEU A 1 69  ? 13.964  3.444   7.452   1.00 31.09 ? 68   LEU A CB  1 
ATOM   570  C CG  . LEU A 1 69  ? 14.418  3.269   5.989   1.00 31.78 ? 68   LEU A CG  1 
ATOM   571  C CD1 . LEU A 1 69  ? 15.932  3.310   5.886   1.00 30.59 ? 68   LEU A CD1 1 
ATOM   572  C CD2 . LEU A 1 69  ? 13.887  1.945   5.434   1.00 26.45 ? 68   LEU A CD2 1 
ATOM   573  N N   . ASN A 1 70  ? 14.472  6.094   9.571   1.00 33.35 ? 69   ASN A N   1 
ATOM   574  C CA  . ASN A 1 70  ? 13.804  6.964   10.531  1.00 35.89 ? 69   ASN A CA  1 
ATOM   575  C C   . ASN A 1 70  ? 12.812  7.897   9.850   1.00 36.39 ? 69   ASN A C   1 
ATOM   576  O O   . ASN A 1 70  ? 12.615  9.042   10.270  1.00 38.39 ? 69   ASN A O   1 
ATOM   577  C CB  . ASN A 1 70  ? 14.838  7.780   11.328  1.00 42.03 ? 69   ASN A CB  1 
ATOM   578  C CG  . ASN A 1 70  ? 14.242  8.431   12.598  1.00 48.50 ? 69   ASN A CG  1 
ATOM   579  O OD1 . ASN A 1 70  ? 13.276  7.927   13.185  1.00 50.09 ? 69   ASN A OD1 1 
ATOM   580  N ND2 . ASN A 1 70  ? 14.821  9.555   13.014  1.00 48.14 ? 69   ASN A ND2 1 
ATOM   581  N N   . ASN A 1 71  ? 12.181  7.419   8.790   1.00 38.76 ? 70   ASN A N   1 
ATOM   582  C CA  . ASN A 1 71  ? 11.207  8.250   8.091   1.00 40.67 ? 70   ASN A CA  1 
ATOM   583  C C   . ASN A 1 71  ? 9.871   7.541   7.987   1.00 38.57 ? 70   ASN A C   1 
ATOM   584  O O   . ASN A 1 71  ? 9.262   7.490   6.921   1.00 38.06 ? 70   ASN A O   1 
ATOM   585  C CB  . ASN A 1 71  ? 11.717  8.622   6.701   1.00 42.34 ? 70   ASN A CB  1 
ATOM   586  C CG  . ASN A 1 71  ? 12.748  7.667   6.221   1.00 46.84 ? 70   ASN A CG  1 
ATOM   587  O OD1 . ASN A 1 71  ? 13.940  7.977   6.207   1.00 48.07 ? 70   ASN A OD1 1 
ATOM   588  N ND2 . ASN A 1 71  ? 12.305  6.472   5.842   1.00 47.27 ? 70   ASN A ND2 1 
ATOM   589  N N   . CYS A 1 72  ? 9.426   6.987   9.110   1.00 37.29 ? 71   CYS A N   1 
ATOM   590  C CA  . CYS A 1 72  ? 8.142   6.323   9.165   1.00 34.26 ? 71   CYS A CA  1 
ATOM   591  C C   . CYS A 1 72  ? 7.147   7.221   9.899   1.00 34.01 ? 71   CYS A C   1 
ATOM   592  O O   . CYS A 1 72  ? 7.532   8.086   10.683  1.00 34.08 ? 71   CYS A O   1 
ATOM   593  C CB  . CYS A 1 72  ? 8.279   4.972   9.847   1.00 32.83 ? 71   CYS A CB  1 
ATOM   594  S SG  . CYS A 1 72  ? 8.248   3.633   8.621   1.00 35.06 ? 71   CYS A SG  1 
ATOM   595  N N   . HIS A 1 73  ? 5.867   7.027   9.623   1.00 34.92 ? 72   HIS A N   1 
ATOM   596  C CA  . HIS A 1 73  ? 4.832   7.837   10.237  1.00 35.67 ? 72   HIS A CA  1 
ATOM   597  C C   . HIS A 1 73  ? 3.581   7.012   10.521  1.00 36.74 ? 72   HIS A C   1 
ATOM   598  O O   . HIS A 1 73  ? 3.005   6.425   9.613   1.00 37.44 ? 72   HIS A O   1 
ATOM   599  C CB  . HIS A 1 73  ? 4.485   8.992   9.300   1.00 40.07 ? 72   HIS A CB  1 
ATOM   600  C CG  . HIS A 1 73  ? 5.666   9.825   8.909   1.00 43.74 ? 72   HIS A CG  1 
ATOM   601  N ND1 . HIS A 1 73  ? 6.035   10.966  9.592   1.00 42.03 ? 72   HIS A ND1 1 
ATOM   602  C CD2 . HIS A 1 73  ? 6.579   9.671   7.920   1.00 44.50 ? 72   HIS A CD2 1 
ATOM   603  C CE1 . HIS A 1 73  ? 7.120   11.476  9.042   1.00 40.45 ? 72   HIS A CE1 1 
ATOM   604  N NE2 . HIS A 1 73  ? 7.472   10.710  8.026   1.00 42.14 ? 72   HIS A NE2 1 
ATOM   605  N N   . ARG A 1 74  ? 3.179   6.961   11.788  1.00 37.38 ? 73   ARG A N   1 
ATOM   606  C CA  . ARG A 1 74  ? 1.985   6.235   12.211  1.00 37.35 ? 73   ARG A CA  1 
ATOM   607  C C   . ARG A 1 74  ? 0.784   7.162   12.109  1.00 38.27 ? 73   ARG A C   1 
ATOM   608  O O   . ARG A 1 74  ? 0.904   8.360   12.352  1.00 37.50 ? 73   ARG A O   1 
ATOM   609  C CB  . ARG A 1 74  ? 2.120   5.789   13.666  1.00 39.13 ? 73   ARG A CB  1 
ATOM   610  C CG  . ARG A 1 74  ? 1.905   4.300   13.893  1.00 46.89 ? 73   ARG A CG  1 
ATOM   611  C CD  . ARG A 1 74  ? 1.124   4.037   15.154  1.00 49.11 ? 73   ARG A CD  1 
ATOM   612  N NE  . ARG A 1 74  ? 0.285   5.178   15.503  1.00 56.39 ? 73   ARG A NE  1 
ATOM   613  C CZ  . ARG A 1 74  ? -0.470  5.244   16.597  1.00 59.02 ? 73   ARG A CZ  1 
ATOM   614  N NH1 . ARG A 1 74  ? -0.484  4.222   17.448  1.00 59.85 ? 73   ARG A NH1 1 
ATOM   615  N NH2 . ARG A 1 74  ? -1.201  6.332   16.845  1.00 58.38 ? 73   ARG A NH2 1 
ATOM   616  N N   . SER A 1 75  ? -0.370  6.620   11.732  1.00 39.14 ? 74   SER A N   1 
ATOM   617  C CA  . SER A 1 75  ? -1.585  7.424   11.653  1.00 38.88 ? 74   SER A CA  1 
ATOM   618  C C   . SER A 1 75  ? -2.053  7.576   13.115  1.00 44.24 ? 74   SER A C   1 
ATOM   619  O O   . SER A 1 75  ? -1.726  6.739   13.971  1.00 44.29 ? 74   SER A O   1 
ATOM   620  C CB  . SER A 1 75  ? -2.636  6.683   10.847  1.00 34.27 ? 74   SER A CB  1 
ATOM   621  O OG  . SER A 1 75  ? -2.842  5.396   11.406  1.00 28.44 ? 74   SER A OG  1 
ATOM   622  N N   . ARG A 1 76  ? -2.797  8.630   13.426  1.00 45.73 ? 75   ARG A N   1 
ATOM   623  C CA  . ARG A 1 76  ? -3.249  8.788   14.803  1.00 51.80 ? 75   ARG A CA  1 
ATOM   624  C C   . ARG A 1 76  ? -4.585  8.100   14.956  1.00 49.74 ? 75   ARG A C   1 
ATOM   625  O O   . ARG A 1 76  ? -5.008  7.760   16.060  1.00 52.30 ? 75   ARG A O   1 
ATOM   626  C CB  . ARG A 1 76  ? -3.397  10.260  15.159  1.00 58.86 ? 75   ARG A CB  1 
ATOM   627  C CG  . ARG A 1 76  ? -4.475  10.984  14.371  1.00 69.88 ? 75   ARG A CG  1 
ATOM   628  C CD  . ARG A 1 76  ? -4.266  12.488  14.471  1.00 80.21 ? 75   ARG A CD  1 
ATOM   629  N NE  . ARG A 1 76  ? -2.992  12.902  13.877  1.00 89.43 ? 75   ARG A NE  1 
ATOM   630  C CZ  . ARG A 1 76  ? -1.823  12.916  14.518  1.00 93.66 ? 75   ARG A CZ  1 
ATOM   631  N NH1 . ARG A 1 76  ? -1.750  12.537  15.793  1.00 94.50 ? 75   ARG A NH1 1 
ATOM   632  N NH2 . ARG A 1 76  ? -0.723  13.301  13.876  1.00 94.04 ? 75   ARG A NH2 1 
ATOM   633  N N   . PHE A 1 77  ? -5.235  7.892   13.823  1.00 47.28 ? 76   PHE A N   1 
ATOM   634  C CA  . PHE A 1 77  ? -6.534  7.259   13.772  1.00 45.01 ? 76   PHE A CA  1 
ATOM   635  C C   . PHE A 1 77  ? -6.457  5.829   13.257  1.00 40.61 ? 76   PHE A C   1 
ATOM   636  O O   . PHE A 1 77  ? -5.610  5.522   12.423  1.00 40.53 ? 76   PHE A O   1 
ATOM   637  C CB  . PHE A 1 77  ? -7.423  8.065   12.838  1.00 51.01 ? 76   PHE A CB  1 
ATOM   638  C CG  . PHE A 1 77  ? -8.180  9.155   13.518  1.00 59.55 ? 76   PHE A CG  1 
ATOM   639  C CD1 . PHE A 1 77  ? -7.975  9.423   14.874  1.00 63.48 ? 76   PHE A CD1 1 
ATOM   640  C CD2 . PHE A 1 77  ? -9.139  9.885   12.819  1.00 61.68 ? 76   PHE A CD2 1 
ATOM   641  C CE1 . PHE A 1 77  ? -8.719  10.394  15.526  1.00 65.86 ? 76   PHE A CE1 1 
ATOM   642  C CE2 . PHE A 1 77  ? -9.892  10.858  13.452  1.00 64.84 ? 76   PHE A CE2 1 
ATOM   643  C CZ  . PHE A 1 77  ? -9.685  11.116  14.813  1.00 68.95 ? 76   PHE A CZ  1 
ATOM   644  N N   . ARG A 1 78  ? -7.321  4.952   13.759  1.00 34.66 ? 77   ARG A N   1 
ATOM   645  C CA  . ARG A 1 78  ? -7.364  3.585   13.253  1.00 32.36 ? 77   ARG A CA  1 
ATOM   646  C C   . ARG A 1 78  ? -8.241  3.731   12.017  1.00 31.13 ? 77   ARG A C   1 
ATOM   647  O O   . ARG A 1 78  ? -9.298  4.358   12.080  1.00 32.03 ? 77   ARG A O   1 
ATOM   648  C CB  . ARG A 1 78  ? -8.016  2.645   14.248  1.00 33.20 ? 77   ARG A CB  1 
ATOM   649  C CG  . ARG A 1 78  ? -7.014  1.803   14.988  1.00 37.25 ? 77   ARG A CG  1 
ATOM   650  C CD  . ARG A 1 78  ? -7.679  1.013   16.079  1.00 42.43 ? 77   ARG A CD  1 
ATOM   651  N NE  . ARG A 1 78  ? -7.698  1.781   17.316  1.00 51.97 ? 77   ARG A NE  1 
ATOM   652  C CZ  . ARG A 1 78  ? -7.106  1.396   18.443  1.00 53.54 ? 77   ARG A CZ  1 
ATOM   653  N NH1 . ARG A 1 78  ? -6.444  0.239   18.482  1.00 57.19 ? 77   ARG A NH1 1 
ATOM   654  N NH2 . ARG A 1 78  ? -7.170  2.165   19.526  1.00 49.69 ? 77   ARG A NH2 1 
ATOM   655  N N   . VAL A 1 79  ? -7.809  3.169   10.894  1.00 28.14 ? 78   VAL A N   1 
ATOM   656  C CA  . VAL A 1 79  ? -8.556  3.317   9.651   1.00 29.57 ? 78   VAL A CA  1 
ATOM   657  C C   . VAL A 1 79  ? -9.170  2.010   9.135   1.00 27.27 ? 78   VAL A C   1 
ATOM   658  O O   . VAL A 1 79  ? -8.586  0.942   9.277   1.00 30.56 ? 78   VAL A O   1 
ATOM   659  C CB  . VAL A 1 79  ? -7.632  3.931   8.557   1.00 30.91 ? 78   VAL A CB  1 
ATOM   660  C CG1 . VAL A 1 79  ? -6.535  2.958   8.208   1.00 34.79 ? 78   VAL A CG1 1 
ATOM   661  C CG2 . VAL A 1 79  ? -8.413  4.270   7.318   1.00 33.32 ? 78   VAL A CG2 1 
ATOM   662  N N   . PRO A 1 80  ? -10.392 2.072   8.587   1.00 24.71 ? 79   PRO A N   1 
ATOM   663  C CA  . PRO A 1 80  ? -10.914 0.794   8.104   1.00 20.95 ? 79   PRO A CA  1 
ATOM   664  C C   . PRO A 1 80  ? -10.008 0.317   6.984   1.00 23.77 ? 79   PRO A C   1 
ATOM   665  O O   . PRO A 1 80  ? -9.387  1.130   6.288   1.00 23.12 ? 79   PRO A O   1 
ATOM   666  C CB  . PRO A 1 80  ? -12.319 1.135   7.593   1.00 18.40 ? 79   PRO A CB  1 
ATOM   667  C CG  . PRO A 1 80  ? -12.363 2.624   7.475   1.00 19.19 ? 79   PRO A CG  1 
ATOM   668  C CD  . PRO A 1 80  ? -11.359 3.177   8.436   1.00 20.99 ? 79   PRO A CD  1 
ATOM   669  N N   . LEU A 1 81  ? -9.914  -0.994  6.804   1.00 22.33 ? 80   LEU A N   1 
ATOM   670  C CA  . LEU A 1 81  ? -9.086  -1.510  5.731   1.00 23.34 ? 80   LEU A CA  1 
ATOM   671  C C   . LEU A 1 81  ? -9.583  -2.838  5.206   1.00 23.73 ? 80   LEU A C   1 
ATOM   672  O O   . LEU A 1 81  ? -10.416 -3.497  5.829   1.00 26.05 ? 80   LEU A O   1 
ATOM   673  C CB  . LEU A 1 81  ? -7.627  -1.635  6.176   1.00 24.15 ? 80   LEU A CB  1 
ATOM   674  C CG  . LEU A 1 81  ? -7.287  -2.185  7.550   1.00 23.45 ? 80   LEU A CG  1 
ATOM   675  C CD1 . LEU A 1 81  ? -7.058  -3.661  7.438   1.00 28.15 ? 80   LEU A CD1 1 
ATOM   676  C CD2 . LEU A 1 81  ? -6.053  -1.518  8.062   1.00 23.35 ? 80   LEU A CD2 1 
ATOM   677  N N   . LEU A 1 82  ? -9.074  -3.215  4.038   1.00 22.58 ? 81   LEU A N   1 
ATOM   678  C CA  . LEU A 1 82  ? -9.448  -4.465  3.399   1.00 20.98 ? 81   LEU A CA  1 
ATOM   679  C C   . LEU A 1 82  ? -8.221  -5.309  3.064   1.00 20.41 ? 81   LEU A C   1 
ATOM   680  O O   . LEU A 1 82  ? -7.334  -4.874  2.326   1.00 23.12 ? 81   LEU A O   1 
ATOM   681  C CB  . LEU A 1 82  ? -10.226 -4.177  2.118   1.00 20.12 ? 81   LEU A CB  1 
ATOM   682  C CG  . LEU A 1 82  ? -10.477 -5.414  1.275   1.00 20.63 ? 81   LEU A CG  1 
ATOM   683  C CD1 . LEU A 1 82  ? -11.534 -6.218  1.982   1.00 20.91 ? 81   LEU A CD1 1 
ATOM   684  C CD2 . LEU A 1 82  ? -10.925 -5.044  -0.130  1.00 22.40 ? 81   LEU A CD2 1 
ATOM   685  N N   . HIS A 1 83  ? -8.174  -6.514  3.621   1.00 21.64 ? 82   HIS A N   1 
ATOM   686  C CA  . HIS A 1 83  ? -7.088  -7.456  3.363   1.00 20.53 ? 82   HIS A CA  1 
ATOM   687  C C   . HIS A 1 83  ? -7.488  -8.431  2.250   1.00 20.14 ? 82   HIS A C   1 
ATOM   688  O O   . HIS A 1 83  ? -8.619  -8.928  2.212   1.00 20.29 ? 82   HIS A O   1 
ATOM   689  C CB  . HIS A 1 83  ? -6.768  -8.273  4.611   1.00 20.01 ? 82   HIS A CB  1 
ATOM   690  C CG  . HIS A 1 83  ? -6.324  -7.451  5.775   1.00 18.79 ? 82   HIS A CG  1 
ATOM   691  N ND1 . HIS A 1 83  ? -5.038  -6.981  5.903   1.00 22.09 ? 82   HIS A ND1 1 
ATOM   692  C CD2 . HIS A 1 83  ? -6.971  -7.089  6.906   1.00 22.50 ? 82   HIS A CD2 1 
ATOM   693  C CE1 . HIS A 1 83  ? -4.907  -6.369  7.066   1.00 20.46 ? 82   HIS A CE1 1 
ATOM   694  N NE2 . HIS A 1 83  ? -6.065  -6.421  7.695   1.00 21.20 ? 82   HIS A NE2 1 
ATOM   695  N N   . CYS A 1 84  ? -6.556  -8.694  1.343   1.00 22.25 ? 83   CYS A N   1 
ATOM   696  C CA  . CYS A 1 84  ? -6.782  -9.619  0.234   1.00 23.54 ? 83   CYS A CA  1 
ATOM   697  C C   . CYS A 1 84  ? -5.823  -10.765 0.475   1.00 23.03 ? 83   CYS A C   1 
ATOM   698  O O   . CYS A 1 84  ? -4.610  -10.581 0.442   1.00 23.64 ? 83   CYS A O   1 
ATOM   699  C CB  . CYS A 1 84  ? -6.473  -8.942  -1.102  1.00 24.24 ? 83   CYS A CB  1 
ATOM   700  S SG  . CYS A 1 84  ? -7.593  -7.566  -1.480  1.00 26.64 ? 83   CYS A SG  1 
ATOM   701  N N   . ASP A 1 85  ? -6.374  -11.943 0.730   1.00 21.91 ? 84   ASP A N   1 
ATOM   702  C CA  . ASP A 1 85  ? -5.563  -13.100 1.028   1.00 22.41 ? 84   ASP A CA  1 
ATOM   703  C C   . ASP A 1 85  ? -5.627  -14.055 -0.133  1.00 24.70 ? 84   ASP A C   1 
ATOM   704  O O   . ASP A 1 85  ? -6.719  -14.398 -0.584  1.00 24.89 ? 84   ASP A O   1 
ATOM   705  C CB  . ASP A 1 85  ? -6.087  -13.772 2.295   1.00 25.16 ? 84   ASP A CB  1 
ATOM   706  C CG  . ASP A 1 85  ? -6.127  -12.812 3.499   1.00 27.29 ? 84   ASP A CG  1 
ATOM   707  O OD1 . ASP A 1 85  ? -5.101  -12.147 3.750   1.00 24.37 ? 84   ASP A OD1 1 
ATOM   708  O OD2 . ASP A 1 85  ? -7.174  -12.729 4.190   1.00 26.09 ? 84   ASP A OD2 1 
ATOM   709  N N   . LEU A 1 86  ? -4.453  -14.457 -0.625  1.00 25.41 ? 85   LEU A N   1 
ATOM   710  C CA  . LEU A 1 86  ? -4.347  -15.399 -1.740  1.00 26.86 ? 85   LEU A CA  1 
ATOM   711  C C   . LEU A 1 86  ? -4.824  -16.780 -1.265  1.00 29.04 ? 85   LEU A C   1 
ATOM   712  O O   . LEU A 1 86  ? -4.376  -17.289 -0.231  1.00 27.02 ? 85   LEU A O   1 
ATOM   713  C CB  . LEU A 1 86  ? -2.886  -15.482 -2.241  1.00 22.95 ? 85   LEU A CB  1 
ATOM   714  C CG  . LEU A 1 86  ? -2.573  -16.336 -3.483  1.00 23.29 ? 85   LEU A CG  1 
ATOM   715  C CD1 . LEU A 1 86  ? -3.291  -15.786 -4.704  1.00 23.38 ? 85   LEU A CD1 1 
ATOM   716  C CD2 . LEU A 1 86  ? -1.085  -16.338 -3.734  1.00 22.80 ? 85   LEU A CD2 1 
ATOM   717  N N   . ILE A 1 87  ? -5.738  -17.373 -2.023  1.00 34.10 ? 86   ILE A N   1 
ATOM   718  C CA  . ILE A 1 87  ? -6.286  -18.679 -1.687  1.00 40.90 ? 86   ILE A CA  1 
ATOM   719  C C   . ILE A 1 87  ? -5.424  -19.847 -2.187  1.00 47.43 ? 86   ILE A C   1 
ATOM   720  O O   . ILE A 1 87  ? -5.148  -20.797 -1.443  1.00 49.61 ? 86   ILE A O   1 
ATOM   721  C CB  . ILE A 1 87  ? -7.692  -18.837 -2.274  1.00 37.17 ? 86   ILE A CB  1 
ATOM   722  C CG1 . ILE A 1 87  ? -8.624  -17.803 -1.672  1.00 29.93 ? 86   ILE A CG1 1 
ATOM   723  C CG2 . ILE A 1 87  ? -8.208  -20.234 -2.020  1.00 36.53 ? 86   ILE A CG2 1 
ATOM   724  C CD1 . ILE A 1 87  ? -9.807  -17.542 -2.545  1.00 35.67 ? 86   ILE A CD1 1 
ATOM   725  N N   . ASN A 1 88  ? -5.005  -19.767 -3.444  1.00 54.42 ? 87   ASN A N   1 
ATOM   726  C CA  . ASN A 1 88  ? -4.196  -20.819 -4.070  1.00 65.14 ? 87   ASN A CA  1 
ATOM   727  C C   . ASN A 1 88  ? -2.707  -20.476 -4.027  1.00 68.62 ? 87   ASN A C   1 
ATOM   728  O O   . ASN A 1 88  ? -2.139  -20.028 -5.027  1.00 69.65 ? 87   ASN A O   1 
ATOM   729  C CB  . ASN A 1 88  ? -4.641  -20.976 -5.525  1.00 69.26 ? 87   ASN A CB  1 
ATOM   730  C CG  . ASN A 1 88  ? -4.982  -19.634 -6.184  1.00 71.73 ? 87   ASN A CG  1 
ATOM   731  O OD1 . ASN A 1 88  ? -6.024  -19.035 -5.905  1.00 70.00 ? 87   ASN A OD1 1 
ATOM   732  N ND2 . ASN A 1 88  ? -4.096  -19.159 -7.059  1.00 73.79 ? 87   ASN A ND2 1 
ATOM   733  N N   . PRO A 1 89  ? -2.046  -20.717 -2.883  1.00 72.17 ? 88   PRO A N   1 
ATOM   734  C CA  . PRO A 1 89  ? -0.620  -20.396 -2.778  1.00 75.76 ? 88   PRO A CA  1 
ATOM   735  C C   . PRO A 1 89  ? 0.263   -21.468 -3.396  1.00 79.67 ? 88   PRO A C   1 
ATOM   736  O O   . PRO A 1 89  ? -0.012  -22.667 -3.261  1.00 81.65 ? 88   PRO A O   1 
ATOM   737  C CB  . PRO A 1 89  ? -0.396  -20.264 -1.275  1.00 72.99 ? 88   PRO A CB  1 
ATOM   738  C CG  . PRO A 1 89  ? -1.363  -21.246 -0.698  1.00 76.48 ? 88   PRO A CG  1 
ATOM   739  C CD  . PRO A 1 89  ? -2.549  -21.343 -1.649  1.00 74.22 ? 88   PRO A CD  1 
ATOM   740  N N   . GLY A 1 90  ? 1.319   -21.029 -4.074  1.00 81.68 ? 89   GLY A N   1 
ATOM   741  C CA  . GLY A 1 90  ? 2.239   -21.954 -4.711  1.00 83.93 ? 89   GLY A CA  1 
ATOM   742  C C   . GLY A 1 90  ? 1.510   -23.052 -5.457  1.00 85.35 ? 89   GLY A C   1 
ATOM   743  O O   . GLY A 1 90  ? 2.046   -24.148 -5.643  1.00 86.14 ? 89   GLY A O   1 
ATOM   744  N N   . ALA A 1 91  ? 0.284   -22.757 -5.887  1.00 85.68 ? 90   ALA A N   1 
ATOM   745  C CA  . ALA A 1 91  ? -0.528  -23.726 -6.609  1.00 86.21 ? 90   ALA A CA  1 
ATOM   746  C C   . ALA A 1 91  ? -1.091  -23.168 -7.912  1.00 87.04 ? 90   ALA A C   1 
ATOM   747  O O   . ALA A 1 91  ? -0.373  -23.051 -8.908  1.00 87.86 ? 90   ALA A O   1 
ATOM   748  C CB  . ALA A 1 91  ? -1.666  -24.224 -5.713  1.00 86.61 ? 90   ALA A CB  1 
ATOM   749  N N   . GLN A 1 92  ? -2.378  -22.820 -7.890  1.00 88.54 ? 91   GLN A N   1 
ATOM   750  C CA  . GLN A 1 92  ? -3.082  -22.298 -9.063  1.00 90.02 ? 91   GLN A CA  1 
ATOM   751  C C   . GLN A 1 92  ? -2.351  -21.241 -9.898  1.00 90.69 ? 91   GLN A C   1 
ATOM   752  O O   . GLN A 1 92  ? -1.855  -20.219 -9.381  1.00 89.77 ? 91   GLN A O   1 
ATOM   753  C CB  . GLN A 1 92  ? -4.463  -21.766 -8.652  1.00 90.67 ? 91   GLN A CB  1 
ATOM   754  C CG  . GLN A 1 92  ? -5.629  -22.375 -9.435  1.00 89.26 ? 91   GLN A CG  1 
ATOM   755  C CD  . GLN A 1 92  ? -6.747  -22.890 -8.538  1.00 88.41 ? 91   GLN A CD  1 
ATOM   756  O OE1 . GLN A 1 92  ? -7.662  -23.571 -9.005  1.00 87.62 ? 91   GLN A OE1 1 
ATOM   757  N NE2 . GLN A 1 92  ? -6.678  -22.568 -7.245  1.00 86.98 ? 91   GLN A NE2 1 
ATOM   758  N N   . ASN A 1 93  ? -2.314  -21.517 -11.204 1.00 88.93 ? 92   ASN A N   1 
ATOM   759  C CA  . ASN A 1 93  ? -1.675  -20.663 -12.197 1.00 85.68 ? 92   ASN A CA  1 
ATOM   760  C C   . ASN A 1 93  ? -1.690  -19.196 -11.817 1.00 83.21 ? 92   ASN A C   1 
ATOM   761  O O   . ASN A 1 93  ? -2.736  -18.615 -11.502 1.00 81.23 ? 92   ASN A O   1 
ATOM   762  C CB  . ASN A 1 93  ? -2.348  -20.841 -13.561 1.00 85.92 ? 92   ASN A CB  1 
ATOM   763  C CG  . ASN A 1 93  ? -1.344  -20.995 -14.682 1.00 86.73 ? 92   ASN A CG  1 
ATOM   764  O OD1 . ASN A 1 93  ? -0.758  -22.063 -14.857 1.00 88.00 ? 92   ASN A OD1 1 
ATOM   765  N ND2 . ASN A 1 93  ? -1.133  -19.926 -15.447 1.00 86.69 ? 92   ASN A ND2 1 
ATOM   766  N N   . ILE A 1 94  ? -0.507  -18.603 -11.864 1.00 80.18 ? 93   ILE A N   1 
ATOM   767  C CA  . ILE A 1 94  ? -0.341  -17.212 -11.524 1.00 77.79 ? 93   ILE A CA  1 
ATOM   768  C C   . ILE A 1 94  ? -0.907  -16.299 -12.634 1.00 76.20 ? 93   ILE A C   1 
ATOM   769  O O   . ILE A 1 94  ? -0.377  -15.234 -12.958 1.00 73.25 ? 93   ILE A O   1 
ATOM   770  C CB  . ILE A 1 94  ? 1.158   -16.975 -11.167 1.00 77.37 ? 93   ILE A CB  1 
ATOM   771  C CG1 . ILE A 1 94  ? 1.289   -16.829 -9.636  1.00 73.17 ? 93   ILE A CG1 1 
ATOM   772  C CG2 . ILE A 1 94  ? 1.747   -15.801 -11.949 1.00 78.51 ? 93   ILE A CG2 1 
ATOM   773  C CD1 . ILE A 1 94  ? 0.634   -17.945 -8.816  1.00 65.08 ? 93   ILE A CD1 1 
ATOM   774  N N   . SER A 1 95  ? -2.034  -16.740 -13.185 1.00 76.58 ? 94   SER A N   1 
ATOM   775  C CA  . SER A 1 95  ? -2.751  -16.014 -14.229 1.00 78.14 ? 94   SER A CA  1 
ATOM   776  C C   . SER A 1 95  ? -4.212  -15.851 -13.780 1.00 78.16 ? 94   SER A C   1 
ATOM   777  O O   . SER A 1 95  ? -4.836  -14.806 -14.004 1.00 80.17 ? 94   SER A O   1 
ATOM   778  C CB  . SER A 1 95  ? -2.697  -16.789 -15.550 1.00 79.48 ? 94   SER A CB  1 
ATOM   779  O OG  . SER A 1 95  ? -3.145  -18.127 -15.375 1.00 81.15 ? 94   SER A OG  1 
ATOM   780  N N   . ASN A 1 96  ? -4.746  -16.897 -13.146 1.00 73.21 ? 95   ASN A N   1 
ATOM   781  C CA  . ASN A 1 96  ? -6.117  -16.888 -12.644 1.00 68.84 ? 95   ASN A CA  1 
ATOM   782  C C   . ASN A 1 96  ? -6.066  -16.983 -11.120 1.00 63.97 ? 95   ASN A C   1 
ATOM   783  O O   . ASN A 1 96  ? -6.520  -17.972 -10.544 1.00 64.24 ? 95   ASN A O   1 
ATOM   784  C CB  . ASN A 1 96  ? -6.905  -18.083 -13.195 1.00 72.04 ? 95   ASN A CB  1 
ATOM   785  C CG  . ASN A 1 96  ? -6.810  -18.210 -14.711 1.00 75.69 ? 95   ASN A CG  1 
ATOM   786  O OD1 . ASN A 1 96  ? -5.966  -18.948 -15.238 1.00 76.91 ? 95   ASN A OD1 1 
ATOM   787  N ND2 . ASN A 1 96  ? -7.684  -17.495 -15.421 1.00 75.26 ? 95   ASN A ND2 1 
ATOM   788  N N   . CYS A 1 97  ? -5.507  -15.956 -10.474 1.00 55.44 ? 96   CYS A N   1 
ATOM   789  C CA  . CYS A 1 97  ? -5.381  -15.923 -9.015  1.00 45.63 ? 96   CYS A CA  1 
ATOM   790  C C   . CYS A 1 97  ? -6.608  -15.445 -8.303  1.00 41.67 ? 96   CYS A C   1 
ATOM   791  O O   . CYS A 1 97  ? -7.160  -14.407 -8.652  1.00 39.98 ? 96   CYS A O   1 
ATOM   792  C CB  . CYS A 1 97  ? -4.247  -15.028 -8.611  1.00 40.11 ? 96   CYS A CB  1 
ATOM   793  S SG  . CYS A 1 97  ? -2.686  -15.816 -9.001  1.00 42.59 ? 96   CYS A SG  1 
ATOM   794  N N   . ARG A 1 98  ? -7.012  -16.190 -7.281  1.00 38.24 ? 97   ARG A N   1 
ATOM   795  C CA  . ARG A 1 98  ? -8.206  -15.850 -6.521  1.00 37.97 ? 97   ARG A CA  1 
ATOM   796  C C   . ARG A 1 98  ? -7.878  -15.350 -5.110  1.00 32.05 ? 97   ARG A C   1 
ATOM   797  O O   . ARG A 1 98  ? -6.922  -15.810 -4.479  1.00 28.90 ? 97   ARG A O   1 
ATOM   798  C CB  . ARG A 1 98  ? -9.132  -17.070 -6.472  1.00 45.78 ? 97   ARG A CB  1 
ATOM   799  C CG  . ARG A 1 98  ? -9.788  -17.420 -7.803  1.00 47.68 ? 97   ARG A CG  1 
ATOM   800  C CD  . ARG A 1 98  ? -11.278 -17.608 -7.609  1.00 60.59 ? 97   ARG A CD  1 
ATOM   801  N NE  . ARG A 1 98  ? -12.072 -16.756 -8.499  1.00 72.65 ? 97   ARG A NE  1 
ATOM   802  C CZ  . ARG A 1 98  ? -12.714 -15.647 -8.120  1.00 77.35 ? 97   ARG A CZ  1 
ATOM   803  N NH1 . ARG A 1 98  ? -12.661 -15.236 -6.848  1.00 73.95 ? 97   ARG A NH1 1 
ATOM   804  N NH2 . ARG A 1 98  ? -13.419 -14.951 -9.017  1.00 75.30 ? 97   ARG A NH2 1 
ATOM   805  N N   . TYR A 1 99  ? -8.683  -14.409 -4.623  1.00 26.68 ? 98   TYR A N   1 
ATOM   806  C CA  . TYR A 1 99  ? -8.466  -13.823 -3.305  1.00 27.24 ? 98   TYR A CA  1 
ATOM   807  C C   . TYR A 1 99  ? -9.686  -13.814 -2.418  1.00 26.67 ? 98   TYR A C   1 
ATOM   808  O O   . TYR A 1 99  ? -10.811 -13.670 -2.902  1.00 29.20 ? 98   TYR A O   1 
ATOM   809  C CB  . TYR A 1 99  ? -8.006  -12.376 -3.448  1.00 22.79 ? 98   TYR A CB  1 
ATOM   810  C CG  . TYR A 1 99  ? -6.605  -12.256 -3.954  1.00 18.84 ? 98   TYR A CG  1 
ATOM   811  C CD1 . TYR A 1 99  ? -6.328  -12.335 -5.314  1.00 15.55 ? 98   TYR A CD1 1 
ATOM   812  C CD2 . TYR A 1 99  ? -5.549  -12.096 -3.069  1.00 19.11 ? 98   TYR A CD2 1 
ATOM   813  C CE1 . TYR A 1 99  ? -5.020  -12.262 -5.781  1.00 14.30 ? 98   TYR A CE1 1 
ATOM   814  C CE2 . TYR A 1 99  ? -4.244  -12.018 -3.518  1.00 19.72 ? 98   TYR A CE2 1 
ATOM   815  C CZ  . TYR A 1 99  ? -3.982  -12.104 -4.875  1.00 21.15 ? 98   TYR A CZ  1 
ATOM   816  O OH  . TYR A 1 99  ? -2.674  -12.050 -5.305  1.00 20.00 ? 98   TYR A OH  1 
ATOM   817  N N   . ALA A 1 100 ? -9.446  -13.946 -1.114  1.00 26.52 ? 99   ALA A N   1 
ATOM   818  C CA  . ALA A 1 100 ? -10.503 -13.894 -0.098  1.00 23.62 ? 99   ALA A CA  1 
ATOM   819  C C   . ALA A 1 100 ? -10.461 -12.462 0.458   1.00 24.95 ? 99   ALA A C   1 
ATOM   820  O O   . ALA A 1 100 ? -9.384  -11.904 0.674   1.00 25.12 ? 99   ALA A O   1 
ATOM   821  C CB  . ALA A 1 100 ? -10.229 -14.903 1.017   1.00 15.89 ? 99   ALA A CB  1 
ATOM   822  N N   . ASP A 1 101 ? -11.627 -11.859 0.670   1.00 27.24 ? 100  ASP A N   1 
ATOM   823  C CA  . ASP A 1 101 ? -11.699 -10.499 1.187   1.00 25.58 ? 100  ASP A CA  1 
ATOM   824  C C   . ASP A 1 101 ? -11.826 -10.540 2.696   1.00 27.16 ? 100  ASP A C   1 
ATOM   825  O O   . ASP A 1 101 ? -12.583 -11.341 3.236   1.00 33.10 ? 100  ASP A O   1 
ATOM   826  C CB  . ASP A 1 101 ? -12.881 -9.788  0.551   1.00 25.35 ? 100  ASP A CB  1 
ATOM   827  C CG  . ASP A 1 101 ? -12.769 -9.746  -0.946  1.00 26.92 ? 100  ASP A CG  1 
ATOM   828  O OD1 . ASP A 1 101 ? -12.872 -10.812 -1.584  1.00 36.63 ? 100  ASP A OD1 1 
ATOM   829  O OD2 . ASP A 1 101 ? -12.556 -8.653  -1.499  1.00 32.70 ? 100  ASP A OD2 1 
ATOM   830  N N   . ARG A 1 102 ? -11.101 -9.673  3.388   1.00 23.98 ? 101  ARG A N   1 
ATOM   831  C CA  . ARG A 1 102 ? -11.128 -9.707  4.839   1.00 22.91 ? 101  ARG A CA  1 
ATOM   832  C C   . ARG A 1 102 ? -11.095 -8.313  5.440   1.00 25.40 ? 101  ARG A C   1 
ATOM   833  O O   . ARG A 1 102 ? -10.063 -7.655  5.410   1.00 27.69 ? 101  ARG A O   1 
ATOM   834  C CB  . ARG A 1 102 ? -9.912  -10.509 5.293   1.00 23.35 ? 101  ARG A CB  1 
ATOM   835  C CG  . ARG A 1 102 ? -9.780  -10.818 6.762   1.00 20.52 ? 101  ARG A CG  1 
ATOM   836  C CD  . ARG A 1 102 ? -8.612  -11.784 6.928   1.00 14.84 ? 101  ARG A CD  1 
ATOM   837  N NE  . ARG A 1 102 ? -7.616  -11.221 7.817   1.00 25.42 ? 101  ARG A NE  1 
ATOM   838  C CZ  . ARG A 1 102 ? -6.388  -10.873 7.459   1.00 22.51 ? 101  ARG A CZ  1 
ATOM   839  N NH1 . ARG A 1 102 ? -5.986  -11.031 6.208   1.00 28.78 ? 101  ARG A NH1 1 
ATOM   840  N NH2 . ARG A 1 102 ? -5.561  -10.354 8.363   1.00 29.93 ? 101  ARG A NH2 1 
ATOM   841  N N   . PRO A 1 103 ? -12.212 -7.849  6.024   1.00 26.35 ? 102  PRO A N   1 
ATOM   842  C CA  . PRO A 1 103 ? -12.199 -6.501  6.612   1.00 25.76 ? 102  PRO A CA  1 
ATOM   843  C C   . PRO A 1 103 ? -11.270 -6.392  7.818   1.00 25.87 ? 102  PRO A C   1 
ATOM   844  O O   . PRO A 1 103 ? -10.877 -7.396  8.433   1.00 29.89 ? 102  PRO A O   1 
ATOM   845  C CB  . PRO A 1 103 ? -13.661 -6.235  7.000   1.00 23.87 ? 102  PRO A CB  1 
ATOM   846  C CG  . PRO A 1 103 ? -14.448 -7.358  6.405   1.00 28.16 ? 102  PRO A CG  1 
ATOM   847  C CD  . PRO A 1 103 ? -13.508 -8.515  6.217   1.00 28.28 ? 102  PRO A CD  1 
ATOM   848  N N   . GLY A 1 104 ? -10.911 -5.163  8.153   1.00 23.63 ? 103  GLY A N   1 
ATOM   849  C CA  . GLY A 1 104 ? -10.042 -4.958  9.284   1.00 19.36 ? 103  GLY A CA  1 
ATOM   850  C C   . GLY A 1 104 ? -10.042 -3.502  9.619   1.00 19.47 ? 103  GLY A C   1 
ATOM   851  O O   . GLY A 1 104 ? -10.581 -2.709  8.867   1.00 19.18 ? 103  GLY A O   1 
ATOM   852  N N   . ARG A 1 105 ? -9.461  -3.151  10.758  1.00 23.20 ? 104  ARG A N   1 
ATOM   853  C CA  . ARG A 1 105 ? -9.400  -1.760  11.161  1.00 27.33 ? 104  ARG A CA  1 
ATOM   854  C C   . ARG A 1 105 ? -8.238  -1.487  12.104  1.00 29.10 ? 104  ARG A C   1 
ATOM   855  O O   . ARG A 1 105 ? -8.269  -1.895  13.267  1.00 29.83 ? 104  ARG A O   1 
ATOM   856  C CB  . ARG A 1 105 ? -10.701 -1.309  11.833  1.00 24.16 ? 104  ARG A CB  1 
ATOM   857  C CG  . ARG A 1 105 ? -10.522 0.037   12.517  1.00 33.65 ? 104  ARG A CG  1 
ATOM   858  C CD  . ARG A 1 105 ? -11.819 0.735   12.849  1.00 40.65 ? 104  ARG A CD  1 
ATOM   859  N NE  . ARG A 1 105 ? -11.779 1.211   14.228  1.00 49.48 ? 104  ARG A NE  1 
ATOM   860  C CZ  . ARG A 1 105 ? -12.041 2.457   14.600  1.00 53.02 ? 104  ARG A CZ  1 
ATOM   861  N NH1 . ARG A 1 105 ? -12.368 3.372   13.691  1.00 50.67 ? 104  ARG A NH1 1 
ATOM   862  N NH2 . ARG A 1 105 ? -11.967 2.784   15.884  1.00 53.14 ? 104  ARG A NH2 1 
ATOM   863  N N   . ARG A 1 106 ? -7.215  -0.794  11.601  1.00 29.17 ? 105  ARG A N   1 
ATOM   864  C CA  . ARG A 1 106 ? -6.084  -0.459  12.439  1.00 31.47 ? 105  ARG A CA  1 
ATOM   865  C C   . ARG A 1 106 ? -5.302  0.761   12.027  1.00 31.97 ? 105  ARG A C   1 
ATOM   866  O O   . ARG A 1 106 ? -5.611  1.414   11.027  1.00 34.30 ? 105  ARG A O   1 
ATOM   867  C CB  . ARG A 1 106 ? -5.115  -1.628  12.554  1.00 35.98 ? 105  ARG A CB  1 
ATOM   868  C CG  . ARG A 1 106 ? -5.078  -2.577  11.409  1.00 39.07 ? 105  ARG A CG  1 
ATOM   869  C CD  . ARG A 1 106 ? -4.472  -3.877  11.899  1.00 46.84 ? 105  ARG A CD  1 
ATOM   870  N NE  . ARG A 1 106 ? -5.068  -4.279  13.174  1.00 59.52 ? 105  ARG A NE  1 
ATOM   871  C CZ  . ARG A 1 106 ? -5.020  -5.513  13.677  1.00 66.12 ? 105  ARG A CZ  1 
ATOM   872  N NH1 . ARG A 1 106 ? -4.393  -6.479  13.013  1.00 70.75 ? 105  ARG A NH1 1 
ATOM   873  N NH2 . ARG A 1 106 ? -5.617  -5.792  14.835  1.00 65.30 ? 105  ARG A NH2 1 
ATOM   874  N N   . PHE A 1 107 ? -4.298  1.069   12.845  1.00 28.98 ? 106  PHE A N   1 
ATOM   875  C CA  . PHE A 1 107 ? -3.397  2.176   12.600  1.00 28.51 ? 106  PHE A CA  1 
ATOM   876  C C   . PHE A 1 107 ? -2.465  1.666   11.519  1.00 30.14 ? 106  PHE A C   1 
ATOM   877  O O   . PHE A 1 107 ? -2.152  0.469   11.476  1.00 27.26 ? 106  PHE A O   1 
ATOM   878  C CB  . PHE A 1 107 ? -2.528  2.454   13.816  1.00 30.98 ? 106  PHE A CB  1 
ATOM   879  C CG  . PHE A 1 107 ? -3.278  2.911   15.025  1.00 32.06 ? 106  PHE A CG  1 
ATOM   880  C CD1 . PHE A 1 107 ? -3.695  4.236   15.143  1.00 33.15 ? 106  PHE A CD1 1 
ATOM   881  C CD2 . PHE A 1 107 ? -3.490  2.045   16.084  1.00 32.85 ? 106  PHE A CD2 1 
ATOM   882  C CE1 . PHE A 1 107 ? -4.307  4.695   16.301  1.00 30.22 ? 106  PHE A CE1 1 
ATOM   883  C CE2 . PHE A 1 107 ? -4.099  2.491   17.246  1.00 33.75 ? 106  PHE A CE2 1 
ATOM   884  C CZ  . PHE A 1 107 ? -4.508  3.823   17.355  1.00 33.59 ? 106  PHE A CZ  1 
ATOM   885  N N   . TYR A 1 108 ? -2.012  2.553   10.643  1.00 29.79 ? 107  TYR A N   1 
ATOM   886  C CA  . TYR A 1 108 ? -1.070  2.116   9.630   1.00 28.31 ? 107  TYR A CA  1 
ATOM   887  C C   . TYR A 1 108 ? 0.188   2.939   9.787   1.00 27.57 ? 107  TYR A C   1 
ATOM   888  O O   . TYR A 1 108 ? 0.151   4.051   10.306  1.00 25.09 ? 107  TYR A O   1 
ATOM   889  C CB  . TYR A 1 108 ? -1.641  2.273   8.219   1.00 25.79 ? 107  TYR A CB  1 
ATOM   890  C CG  . TYR A 1 108 ? -2.006  3.681   7.826   1.00 29.39 ? 107  TYR A CG  1 
ATOM   891  C CD1 . TYR A 1 108 ? -1.045  4.549   7.281   1.00 33.14 ? 107  TYR A CD1 1 
ATOM   892  C CD2 . TYR A 1 108 ? -3.324  4.138   7.937   1.00 25.38 ? 107  TYR A CD2 1 
ATOM   893  C CE1 . TYR A 1 108 ? -1.390  5.843   6.851   1.00 30.75 ? 107  TYR A CE1 1 
ATOM   894  C CE2 . TYR A 1 108 ? -3.682  5.417   7.513   1.00 28.66 ? 107  TYR A CE2 1 
ATOM   895  C CZ  . TYR A 1 108 ? -2.710  6.264   6.970   1.00 34.06 ? 107  TYR A CZ  1 
ATOM   896  O OH  . TYR A 1 108 ? -3.064  7.526   6.544   1.00 40.88 ? 107  TYR A OH  1 
ATOM   897  N N   . VAL A 1 109 ? 1.305   2.368   9.366   1.00 28.35 ? 108  VAL A N   1 
ATOM   898  C CA  . VAL A 1 109 ? 2.588   3.041   9.423   1.00 26.12 ? 108  VAL A CA  1 
ATOM   899  C C   . VAL A 1 109 ? 3.093   3.070   7.989   1.00 23.80 ? 108  VAL A C   1 
ATOM   900  O O   . VAL A 1 109 ? 3.203   2.022   7.356   1.00 26.08 ? 108  VAL A O   1 
ATOM   901  C CB  . VAL A 1 109 ? 3.583   2.264   10.302  1.00 28.92 ? 108  VAL A CB  1 
ATOM   902  C CG1 . VAL A 1 109 ? 4.887   3.039   10.431  1.00 34.77 ? 108  VAL A CG1 1 
ATOM   903  C CG2 . VAL A 1 109 ? 2.975   2.021   11.678  1.00 28.94 ? 108  VAL A CG2 1 
ATOM   904  N N   . VAL A 1 110 ? 3.344   4.264   7.460   1.00 21.27 ? 109  VAL A N   1 
ATOM   905  C CA  . VAL A 1 110 ? 3.862   4.403   6.097   1.00 20.37 ? 109  VAL A CA  1 
ATOM   906  C C   . VAL A 1 110 ? 5.232   5.077   6.165   1.00 22.31 ? 109  VAL A C   1 
ATOM   907  O O   . VAL A 1 110 ? 5.539   5.771   7.132   1.00 22.07 ? 109  VAL A O   1 
ATOM   908  C CB  . VAL A 1 110 ? 2.940   5.280   5.183   1.00 20.25 ? 109  VAL A CB  1 
ATOM   909  C CG1 . VAL A 1 110 ? 1.665   4.528   4.837   1.00 13.73 ? 109  VAL A CG1 1 
ATOM   910  C CG2 . VAL A 1 110 ? 2.623   6.618   5.861   1.00 18.91 ? 109  VAL A CG2 1 
ATOM   911  N N   . ALA A 1 111 ? 6.065   4.850   5.156   1.00 22.77 ? 110  ALA A N   1 
ATOM   912  C CA  . ALA A 1 111 ? 7.380   5.486   5.095   1.00 18.67 ? 110  ALA A CA  1 
ATOM   913  C C   . ALA A 1 111 ? 7.208   6.591   4.066   1.00 20.36 ? 110  ALA A C   1 
ATOM   914  O O   . ALA A 1 111 ? 6.642   6.358   3.004   1.00 21.38 ? 110  ALA A O   1 
ATOM   915  C CB  . ALA A 1 111 ? 8.431   4.495   4.629   1.00 14.88 ? 110  ALA A CB  1 
ATOM   916  N N   . CYS A 1 112 ? 7.666   7.796   4.369   1.00 22.67 ? 111  CYS A N   1 
ATOM   917  C CA  . CYS A 1 112 ? 7.508   8.886   3.416   1.00 27.18 ? 111  CYS A CA  1 
ATOM   918  C C   . CYS A 1 112 ? 8.844   9.411   2.937   1.00 26.81 ? 111  CYS A C   1 
ATOM   919  O O   . CYS A 1 112 ? 9.850   9.315   3.641   1.00 26.94 ? 111  CYS A O   1 
ATOM   920  C CB  . CYS A 1 112 ? 6.679   10.014  4.034   1.00 28.38 ? 111  CYS A CB  1 
ATOM   921  S SG  . CYS A 1 112 ? 5.106   9.426   4.767   1.00 35.15 ? 111  CYS A SG  1 
ATOM   922  N N   . ASP A 1 113 ? 8.842   9.962   1.731   1.00 26.71 ? 112  ASP A N   1 
ATOM   923  C CA  . ASP A 1 113 ? 10.055  10.493  1.137   1.00 30.04 ? 112  ASP A CA  1 
ATOM   924  C C   . ASP A 1 113 ? 9.698   11.632  0.211   1.00 32.62 ? 112  ASP A C   1 
ATOM   925  O O   . ASP A 1 113 ? 8.520   11.857  -0.069  1.00 34.28 ? 112  ASP A O   1 
ATOM   926  C CB  . ASP A 1 113 ? 10.756  9.399   0.336   1.00 33.05 ? 112  ASP A CB  1 
ATOM   927  C CG  . ASP A 1 113 ? 12.256  9.610   0.229   1.00 34.70 ? 112  ASP A CG  1 
ATOM   928  O OD1 . ASP A 1 113 ? 12.809  10.548  0.869   1.00 34.42 ? 112  ASP A OD1 1 
ATOM   929  O OD2 . ASP A 1 113 ? 12.881  8.810   -0.502  1.00 36.73 ? 112  ASP A OD2 1 
ATOM   930  N N   . ASN A 1 114 ? 10.718  12.339  -0.272  1.00 34.26 ? 113  ASN A N   1 
ATOM   931  C CA  . ASN A 1 114 ? 10.528  13.464  -1.183  1.00 35.13 ? 113  ASN A CA  1 
ATOM   932  C C   . ASN A 1 114 ? 9.905   12.960  -2.462  1.00 35.86 ? 113  ASN A C   1 
ATOM   933  O O   . ASN A 1 114 ? 10.245  11.875  -2.916  1.00 38.68 ? 113  ASN A O   1 
ATOM   934  C CB  . ASN A 1 114 ? 11.875  14.101  -1.503  1.00 39.33 ? 113  ASN A CB  1 
ATOM   935  C CG  . ASN A 1 114 ? 12.533  14.709  -0.287  1.00 40.22 ? 113  ASN A CG  1 
ATOM   936  O OD1 . ASN A 1 114 ? 12.012  15.662  0.307   1.00 40.80 ? 113  ASN A OD1 1 
ATOM   937  N ND2 . ASN A 1 114 ? 13.685  14.164  0.094   1.00 42.04 ? 113  ASN A ND2 1 
ATOM   938  N N   . ARG A 1 115 ? 9.002   13.734  -3.056  1.00 36.99 ? 114  ARG A N   1 
ATOM   939  C CA  . ARG A 1 115 ? 8.355   13.307  -4.294  1.00 39.78 ? 114  ARG A CA  1 
ATOM   940  C C   . ARG A 1 115 ? 9.380   13.062  -5.395  1.00 40.28 ? 114  ARG A C   1 
ATOM   941  O O   . ARG A 1 115 ? 10.528  13.478  -5.295  1.00 40.25 ? 114  ARG A O   1 
ATOM   942  C CB  . ARG A 1 115 ? 7.346   14.359  -4.775  1.00 44.05 ? 114  ARG A CB  1 
ATOM   943  C CG  . ARG A 1 115 ? 7.700   15.808  -4.406  1.00 50.83 ? 114  ARG A CG  1 
ATOM   944  C CD  . ARG A 1 115 ? 6.994   16.859  -5.300  1.00 52.56 ? 114  ARG A CD  1 
ATOM   945  N NE  . ARG A 1 115 ? 7.782   17.202  -6.486  1.00 52.35 ? 114  ARG A NE  1 
ATOM   946  C CZ  . ARG A 1 115 ? 7.358   17.023  -7.734  1.00 52.71 ? 114  ARG A CZ  1 
ATOM   947  N NH1 . ARG A 1 115 ? 6.155   16.510  -7.947  1.00 55.36 ? 114  ARG A NH1 1 
ATOM   948  N NH2 . ARG A 1 115 ? 8.140   17.317  -8.767  1.00 50.52 ? 114  ARG A NH2 1 
ATOM   949  N N   . ASP A 1 116 ? 8.960   12.347  -6.430  1.00 41.84 ? 115  ASP A N   1 
ATOM   950  C CA  . ASP A 1 116 ? 9.808   12.073  -7.577  1.00 44.74 ? 115  ASP A CA  1 
ATOM   951  C C   . ASP A 1 116 ? 9.441   13.242  -8.494  1.00 47.07 ? 115  ASP A C   1 
ATOM   952  O O   . ASP A 1 116 ? 8.321   13.762  -8.431  1.00 46.08 ? 115  ASP A O   1 
ATOM   953  C CB  . ASP A 1 116 ? 9.427   10.718  -8.212  1.00 46.35 ? 115  ASP A CB  1 
ATOM   954  C CG  . ASP A 1 116 ? 9.944   10.549  -9.645  1.00 50.64 ? 115  ASP A CG  1 
ATOM   955  O OD1 . ASP A 1 116 ? 9.643   11.393  -10.513 1.00 53.76 ? 115  ASP A OD1 1 
ATOM   956  O OD2 . ASP A 1 116 ? 10.645  9.554   -9.921  1.00 54.05 ? 115  ASP A OD2 1 
ATOM   957  N N   . PRO A 1 117 ? 10.378  13.682  -9.339  1.00 48.52 ? 116  PRO A N   1 
ATOM   958  C CA  . PRO A 1 117 ? 10.146  14.798  -10.269 1.00 47.89 ? 116  PRO A CA  1 
ATOM   959  C C   . PRO A 1 117 ? 8.815   14.718  -11.036 1.00 48.31 ? 116  PRO A C   1 
ATOM   960  O O   . PRO A 1 117 ? 8.155   15.742  -11.256 1.00 47.79 ? 116  PRO A O   1 
ATOM   961  C CB  . PRO A 1 117 ? 11.346  14.725  -11.215 1.00 48.83 ? 116  PRO A CB  1 
ATOM   962  C CG  . PRO A 1 117 ? 12.009  13.354  -10.929 1.00 48.77 ? 116  PRO A CG  1 
ATOM   963  C CD  . PRO A 1 117 ? 11.730  13.117  -9.488  1.00 47.80 ? 116  PRO A CD  1 
ATOM   964  N N   . ARG A 1 118 ? 8.432   13.501  -11.434 1.00 47.69 ? 117  ARG A N   1 
ATOM   965  C CA  . ARG A 1 118 ? 7.199   13.259  -12.193 1.00 48.28 ? 117  ARG A CA  1 
ATOM   966  C C   . ARG A 1 118 ? 5.913   13.182  -11.368 1.00 48.75 ? 117  ARG A C   1 
ATOM   967  O O   . ARG A 1 118 ? 4.820   13.032  -11.922 1.00 46.90 ? 117  ARG A O   1 
ATOM   968  C CB  . ARG A 1 118 ? 7.334   11.981  -13.018 1.00 48.46 ? 117  ARG A CB  1 
ATOM   969  C CG  . ARG A 1 118 ? 8.767   11.619  -13.344 1.00 54.66 ? 117  ARG A CG  1 
ATOM   970  C CD  . ARG A 1 118 ? 8.860   10.331  -14.148 1.00 57.27 ? 117  ARG A CD  1 
ATOM   971  N NE  . ARG A 1 118 ? 9.027   9.167   -13.283 1.00 58.09 ? 117  ARG A NE  1 
ATOM   972  C CZ  . ARG A 1 118 ? 8.726   7.927   -13.650 1.00 59.36 ? 117  ARG A CZ  1 
ATOM   973  N NH1 . ARG A 1 118 ? 8.251   7.698   -14.869 1.00 60.37 ? 117  ARG A NH1 1 
ATOM   974  N NH2 . ARG A 1 118 ? 8.906   6.917   -12.804 1.00 60.82 ? 117  ARG A NH2 1 
ATOM   975  N N   . ASP A 1 119 ? 6.040   13.277  -10.048 1.00 48.30 ? 118  ASP A N   1 
ATOM   976  C CA  . ASP A 1 119 ? 4.872   13.240  -9.171  1.00 49.63 ? 118  ASP A CA  1 
ATOM   977  C C   . ASP A 1 119 ? 4.244   14.625  -9.211  1.00 51.21 ? 118  ASP A C   1 
ATOM   978  O O   . ASP A 1 119 ? 4.855   15.569  -9.696  1.00 53.36 ? 118  ASP A O   1 
ATOM   979  C CB  . ASP A 1 119 ? 5.289   12.911  -7.726  1.00 45.81 ? 118  ASP A CB  1 
ATOM   980  C CG  . ASP A 1 119 ? 5.403   11.414  -7.472  1.00 43.69 ? 118  ASP A CG  1 
ATOM   981  O OD1 . ASP A 1 119 ? 4.534   10.654  -7.953  1.00 41.13 ? 118  ASP A OD1 1 
ATOM   982  O OD2 . ASP A 1 119 ? 6.365   10.999  -6.792  1.00 35.77 ? 118  ASP A OD2 1 
ATOM   983  N N   . SER A 1 120 ? 3.022   14.753  -8.713  1.00 55.19 ? 119  SER A N   1 
ATOM   984  C CA  . SER A 1 120 ? 2.381   16.060  -8.683  1.00 55.17 ? 119  SER A CA  1 
ATOM   985  C C   . SER A 1 120 ? 3.177   16.918  -7.704  1.00 54.22 ? 119  SER A C   1 
ATOM   986  O O   . SER A 1 120 ? 3.469   16.503  -6.577  1.00 53.85 ? 119  SER A O   1 
ATOM   987  C CB  . SER A 1 120 ? 0.921   15.952  -8.225  1.00 56.70 ? 119  SER A CB  1 
ATOM   988  O OG  . SER A 1 120 ? 0.404   17.222  -7.864  1.00 60.20 ? 119  SER A OG  1 
ATOM   989  N N   . PRO A 1 121 ? 3.543   18.131  -8.128  1.00 54.82 ? 120  PRO A N   1 
ATOM   990  C CA  . PRO A 1 121 ? 4.314   19.050  -7.287  1.00 54.18 ? 120  PRO A CA  1 
ATOM   991  C C   . PRO A 1 121 ? 3.492   19.504  -6.102  1.00 55.12 ? 120  PRO A C   1 
ATOM   992  O O   . PRO A 1 121 ? 4.020   20.116  -5.175  1.00 54.30 ? 120  PRO A O   1 
ATOM   993  C CB  . PRO A 1 121 ? 4.635   20.205  -8.220  1.00 54.74 ? 120  PRO A CB  1 
ATOM   994  C CG  . PRO A 1 121 ? 3.539   20.160  -9.245  1.00 55.82 ? 120  PRO A CG  1 
ATOM   995  C CD  . PRO A 1 121 ? 3.214   18.718  -9.439  1.00 53.82 ? 120  PRO A CD  1 
ATOM   996  N N   . ARG A 1 122 ? 2.198   19.198  -6.146  1.00 55.26 ? 121  ARG A N   1 
ATOM   997  C CA  . ARG A 1 122 ? 1.281   19.572  -5.081  1.00 55.38 ? 121  ARG A CA  1 
ATOM   998  C C   . ARG A 1 122 ? 1.742   19.059  -3.725  1.00 55.92 ? 121  ARG A C   1 
ATOM   999  O O   . ARG A 1 122 ? 1.447   19.681  -2.707  1.00 55.43 ? 121  ARG A O   1 
ATOM   1000 C CB  . ARG A 1 122 ? -0.118  19.044  -5.381  1.00 56.89 ? 121  ARG A CB  1 
ATOM   1001 C CG  . ARG A 1 122 ? -1.232  19.852  -4.730  1.00 65.68 ? 121  ARG A CG  1 
ATOM   1002 C CD  . ARG A 1 122 ? -2.626  19.314  -5.099  1.00 73.02 ? 121  ARG A CD  1 
ATOM   1003 N NE  . ARG A 1 122 ? -2.691  18.821  -6.479  1.00 78.31 ? 121  ARG A NE  1 
ATOM   1004 C CZ  . ARG A 1 122 ? -3.678  18.068  -6.968  1.00 77.85 ? 121  ARG A CZ  1 
ATOM   1005 N NH1 . ARG A 1 122 ? -4.692  17.715  -6.187  1.00 78.28 ? 121  ARG A NH1 1 
ATOM   1006 N NH2 . ARG A 1 122 ? -3.648  17.665  -8.235  1.00 75.87 ? 121  ARG A NH2 1 
ATOM   1007 N N   . TYR A 1 123 ? 2.457   17.926  -3.709  1.00 56.07 ? 122  TYR A N   1 
ATOM   1008 C CA  . TYR A 1 123 ? 2.960   17.335  -2.459  1.00 53.45 ? 122  TYR A CA  1 
ATOM   1009 C C   . TYR A 1 123 ? 4.458   17.041  -2.464  1.00 51.52 ? 122  TYR A C   1 
ATOM   1010 O O   . TYR A 1 123 ? 4.926   16.115  -3.133  1.00 50.80 ? 122  TYR A O   1 
ATOM   1011 C CB  . TYR A 1 123 ? 2.234   16.033  -2.140  1.00 54.95 ? 122  TYR A CB  1 
ATOM   1012 C CG  . TYR A 1 123 ? 0.742   16.087  -2.311  1.00 55.99 ? 122  TYR A CG  1 
ATOM   1013 C CD1 . TYR A 1 123 ? -0.069  16.693  -1.347  1.00 56.40 ? 122  TYR A CD1 1 
ATOM   1014 C CD2 . TYR A 1 123 ? 0.129   15.475  -3.402  1.00 55.96 ? 122  TYR A CD2 1 
ATOM   1015 C CE1 . TYR A 1 123 ? -1.459  16.680  -1.461  1.00 57.02 ? 122  TYR A CE1 1 
ATOM   1016 C CE2 . TYR A 1 123 ? -1.257  15.455  -3.529  1.00 58.45 ? 122  TYR A CE2 1 
ATOM   1017 C CZ  . TYR A 1 123 ? -2.046  16.055  -2.552  1.00 59.76 ? 122  TYR A CZ  1 
ATOM   1018 O OH  . TYR A 1 123 ? -3.420  15.996  -2.655  1.00 62.68 ? 122  TYR A OH  1 
ATOM   1019 N N   . PRO A 1 124 ? 5.226   17.819  -1.693  1.00 49.19 ? 123  PRO A N   1 
ATOM   1020 C CA  . PRO A 1 124 ? 6.681   17.662  -1.593  1.00 47.72 ? 123  PRO A CA  1 
ATOM   1021 C C   . PRO A 1 124 ? 7.071   16.327  -0.972  1.00 47.59 ? 123  PRO A C   1 
ATOM   1022 O O   . PRO A 1 124 ? 8.050   15.707  -1.385  1.00 49.58 ? 123  PRO A O   1 
ATOM   1023 C CB  . PRO A 1 124 ? 7.117   18.841  -0.726  1.00 48.93 ? 123  PRO A CB  1 
ATOM   1024 C CG  . PRO A 1 124 ? 5.882   19.239  0.038   1.00 48.14 ? 123  PRO A CG  1 
ATOM   1025 C CD  . PRO A 1 124 ? 4.717   18.920  -0.852  1.00 47.29 ? 123  PRO A CD  1 
ATOM   1026 N N   . VAL A 1 125 ? 6.314   15.903  0.036   1.00 46.11 ? 124  VAL A N   1 
ATOM   1027 C CA  . VAL A 1 125 ? 6.566   14.628  0.698   1.00 42.98 ? 124  VAL A CA  1 
ATOM   1028 C C   . VAL A 1 125 ? 5.395   13.680  0.447   1.00 41.59 ? 124  VAL A C   1 
ATOM   1029 O O   . VAL A 1 125 ? 4.255   13.970  0.801   1.00 40.59 ? 124  VAL A O   1 
ATOM   1030 C CB  . VAL A 1 125 ? 6.762   14.804  2.209   1.00 42.17 ? 124  VAL A CB  1 
ATOM   1031 C CG1 . VAL A 1 125 ? 6.898   13.450  2.872   1.00 41.09 ? 124  VAL A CG1 1 
ATOM   1032 C CG2 . VAL A 1 125 ? 8.004   15.623  2.470   1.00 42.27 ? 124  VAL A CG2 1 
ATOM   1033 N N   . VAL A 1 126 ? 5.698   12.543  -0.173  1.00 40.12 ? 125  VAL A N   1 
ATOM   1034 C CA  . VAL A 1 126 ? 4.697   11.543  -0.522  1.00 34.26 ? 125  VAL A CA  1 
ATOM   1035 C C   . VAL A 1 126 ? 4.940   10.212  0.180   1.00 31.95 ? 125  VAL A C   1 
ATOM   1036 O O   . VAL A 1 126 ? 6.072   9.907   0.587   1.00 30.05 ? 125  VAL A O   1 
ATOM   1037 C CB  . VAL A 1 126 ? 4.716   11.271  -2.049  1.00 35.33 ? 125  VAL A CB  1 
ATOM   1038 C CG1 . VAL A 1 126 ? 4.139   12.447  -2.797  1.00 32.12 ? 125  VAL A CG1 1 
ATOM   1039 C CG2 . VAL A 1 126 ? 6.147   11.015  -2.512  1.00 30.88 ? 125  VAL A CG2 1 
ATOM   1040 N N   . PRO A 1 127 ? 3.866   9.418   0.373   1.00 30.01 ? 126  PRO A N   1 
ATOM   1041 C CA  . PRO A 1 127 ? 3.998   8.102   1.021   1.00 28.44 ? 126  PRO A CA  1 
ATOM   1042 C C   . PRO A 1 127 ? 4.593   7.154   -0.023  1.00 25.99 ? 126  PRO A C   1 
ATOM   1043 O O   . PRO A 1 127 ? 4.101   7.083   -1.146  1.00 25.61 ? 126  PRO A O   1 
ATOM   1044 C CB  . PRO A 1 127 ? 2.560   7.722   1.379   1.00 25.98 ? 126  PRO A CB  1 
ATOM   1045 C CG  . PRO A 1 127 ? 1.723   8.436   0.368   1.00 23.48 ? 126  PRO A CG  1 
ATOM   1046 C CD  . PRO A 1 127 ? 2.461   9.731   0.044   1.00 27.23 ? 126  PRO A CD  1 
ATOM   1047 N N   . VAL A 1 128 ? 5.658   6.440   0.325   1.00 25.22 ? 127  VAL A N   1 
ATOM   1048 C CA  . VAL A 1 128 ? 6.268   5.530   -0.637  1.00 24.47 ? 127  VAL A CA  1 
ATOM   1049 C C   . VAL A 1 128 ? 6.222   4.050   -0.272  1.00 24.46 ? 127  VAL A C   1 
ATOM   1050 O O   . VAL A 1 128 ? 6.484   3.210   -1.120  1.00 24.84 ? 127  VAL A O   1 
ATOM   1051 C CB  . VAL A 1 128 ? 7.745   5.905   -0.914  1.00 24.88 ? 127  VAL A CB  1 
ATOM   1052 C CG1 . VAL A 1 128 ? 7.800   7.258   -1.588  1.00 23.71 ? 127  VAL A CG1 1 
ATOM   1053 C CG2 . VAL A 1 128 ? 8.549   5.909   0.387   1.00 21.02 ? 127  VAL A CG2 1 
ATOM   1054 N N   . HIS A 1 129 ? 5.856   3.723   0.965   1.00 26.48 ? 128  HIS A N   1 
ATOM   1055 C CA  . HIS A 1 129 ? 5.831   2.328   1.397   1.00 25.62 ? 128  HIS A CA  1 
ATOM   1056 C C   . HIS A 1 129 ? 4.936   2.086   2.616   1.00 26.39 ? 128  HIS A C   1 
ATOM   1057 O O   . HIS A 1 129 ? 4.938   2.879   3.561   1.00 26.75 ? 128  HIS A O   1 
ATOM   1058 C CB  . HIS A 1 129 ? 7.274   1.906   1.715   1.00 26.03 ? 128  HIS A CB  1 
ATOM   1059 C CG  . HIS A 1 129 ? 7.406   0.523   2.264   1.00 30.63 ? 128  HIS A CG  1 
ATOM   1060 N ND1 . HIS A 1 129 ? 7.167   -0.603  1.506   1.00 34.31 ? 128  HIS A ND1 1 
ATOM   1061 C CD2 . HIS A 1 129 ? 7.753   0.083   3.496   1.00 33.44 ? 128  HIS A CD2 1 
ATOM   1062 C CE1 . HIS A 1 129 ? 7.360   -1.681  2.250   1.00 35.85 ? 128  HIS A CE1 1 
ATOM   1063 N NE2 . HIS A 1 129 ? 7.716   -1.292  3.461   1.00 34.62 ? 128  HIS A NE2 1 
ATOM   1064 N N   . LEU A 1 130 ? 4.158   1.006   2.589   1.00 23.90 ? 129  LEU A N   1 
ATOM   1065 C CA  . LEU A 1 130 ? 3.319   0.671   3.733   1.00 25.81 ? 129  LEU A CA  1 
ATOM   1066 C C   . LEU A 1 130 ? 4.170   -0.259  4.582   1.00 27.67 ? 129  LEU A C   1 
ATOM   1067 O O   . LEU A 1 130 ? 4.463   -1.382  4.174   1.00 28.31 ? 129  LEU A O   1 
ATOM   1068 C CB  . LEU A 1 130 ? 2.046   -0.050  3.305   1.00 21.48 ? 129  LEU A CB  1 
ATOM   1069 C CG  . LEU A 1 130 ? 1.138   -0.499  4.464   1.00 23.05 ? 129  LEU A CG  1 
ATOM   1070 C CD1 . LEU A 1 130 ? 0.598   0.720   5.234   1.00 19.01 ? 129  LEU A CD1 1 
ATOM   1071 C CD2 . LEU A 1 130 ? -0.021  -1.328  3.917   1.00 14.32 ? 129  LEU A CD2 1 
ATOM   1072 N N   . ASP A 1 131 ? 4.597   0.204   5.749   1.00 30.09 ? 130  ASP A N   1 
ATOM   1073 C CA  . ASP A 1 131 ? 5.431   -0.638  6.586   1.00 35.04 ? 130  ASP A CA  1 
ATOM   1074 C C   . ASP A 1 131 ? 4.656   -1.693  7.374   1.00 36.01 ? 130  ASP A C   1 
ATOM   1075 O O   . ASP A 1 131 ? 5.009   -2.872  7.397   1.00 37.88 ? 130  ASP A O   1 
ATOM   1076 C CB  . ASP A 1 131 ? 6.249   0.212   7.552   1.00 36.83 ? 130  ASP A CB  1 
ATOM   1077 C CG  . ASP A 1 131 ? 7.196   -0.628  8.387   1.00 39.30 ? 130  ASP A CG  1 
ATOM   1078 O OD1 . ASP A 1 131 ? 6.763   -1.161  9.428   1.00 43.01 ? 130  ASP A OD1 1 
ATOM   1079 O OD2 . ASP A 1 131 ? 8.368   -0.771  7.990   1.00 39.63 ? 130  ASP A OD2 1 
ATOM   1080 N N   . THR A 1 132 ? 3.594   -1.266  8.027   1.00 39.16 ? 131  THR A N   1 
ATOM   1081 C CA  . THR A 1 132 ? 2.805   -2.188  8.813   1.00 42.73 ? 131  THR A CA  1 
ATOM   1082 C C   . THR A 1 132 ? 1.530   -1.520  9.296   1.00 44.60 ? 131  THR A C   1 
ATOM   1083 O O   . THR A 1 132 ? 1.300   -0.328  9.072   1.00 44.30 ? 131  THR A O   1 
ATOM   1084 C CB  . THR A 1 132 ? 3.612   -2.689  10.049  1.00 42.32 ? 131  THR A CB  1 
ATOM   1085 O OG1 . THR A 1 132 ? 3.201   -4.019  10.390  1.00 40.59 ? 131  THR A OG1 1 
ATOM   1086 C CG2 . THR A 1 132 ? 3.398   -1.762  11.246  1.00 36.75 ? 131  THR A CG2 1 
ATOM   1087 N N   . THR A 1 133 ? 0.702   -2.310  9.960   1.00 47.31 ? 132  THR A N   1 
ATOM   1088 C CA  . THR A 1 133 ? -0.545  -1.835  10.516  1.00 47.76 ? 132  THR A CA  1 
ATOM   1089 C C   . THR A 1 133 ? -0.508  -2.423  11.915  1.00 50.54 ? 132  THR A C   1 
ATOM   1090 O O   . THR A 1 133 ? -0.054  -3.556  12.092  1.00 50.80 ? 132  THR A O   1 
ATOM   1091 C CB  . THR A 1 133 ? -1.736  -2.385  9.714   1.00 48.30 ? 132  THR A CB  1 
ATOM   1092 O OG1 . THR A 1 133 ? -1.503  -3.765  9.406   1.00 50.28 ? 132  THR A OG1 1 
ATOM   1093 C CG2 . THR A 1 133 ? -1.902  -1.609  8.401   1.00 43.96 ? 132  THR A CG2 1 
ATOM   1094 N N   . ILE A 1 134 ? -0.946  -1.652  12.909  1.00 52.20 ? 133  ILE A N   1 
ATOM   1095 C CA  . ILE A 1 134 ? -0.930  -2.122  14.296  1.00 51.05 ? 133  ILE A CA  1 
ATOM   1096 C C   . ILE A 1 134 ? -2.335  -2.136  14.924  1.00 51.22 ? 133  ILE A C   1 
ATOM   1097 O O   . ILE A 1 134 ? -2.583  -3.008  15.782  1.00 53.20 ? 133  ILE A O   1 
ATOM   1098 C CB  . ILE A 1 134 ? 0.071   -1.262  15.178  1.00 49.59 ? 133  ILE A CB  1 
ATOM   1099 C CG1 . ILE A 1 134 ? -0.697  -0.390  16.184  1.00 54.01 ? 133  ILE A CG1 1 
ATOM   1100 C CG2 . ILE A 1 134 ? 0.959   -0.389  14.277  1.00 44.97 ? 133  ILE A CG2 1 
ATOM   1101 C CD1 . ILE A 1 134 ? 0.159   0.627   16.963  1.00 53.49 ? 133  ILE A CD1 1 
ATOM   1102 O OXT . ILE A 1 134 ? -3.175  -1.286  14.555  1.00 49.19 ? 133  ILE A OXT 1 
HETATM 1103 O O   . HOH B 2 .   ? 4.066   0.381   -2.548  1.00 42.58 ? 2001 HOH A O   1 
HETATM 1104 O O   . HOH B 2 .   ? 4.090   -0.899  0.286   1.00 19.88 ? 2002 HOH A O   1 
HETATM 1105 O O   . HOH B 2 .   ? -9.354  3.338   -5.662  1.00 26.50 ? 2003 HOH A O   1 
HETATM 1106 O O   . HOH B 2 .   ? -12.312 4.034   -4.368  1.00 54.28 ? 2004 HOH A O   1 
HETATM 1107 O O   . HOH B 2 .   ? -12.696 1.379   -6.698  1.00 48.04 ? 2005 HOH A O   1 
HETATM 1108 O O   . HOH B 2 .   ? -14.762 -5.726  -1.165  1.00 39.18 ? 2006 HOH A O   1 
HETATM 1109 O O   . HOH B 2 .   ? -16.502 -6.017  -7.011  1.00 48.52 ? 2007 HOH A O   1 
HETATM 1110 O O   . HOH B 2 .   ? 6.822   -11.633 -8.436  1.00 34.86 ? 2008 HOH A O   1 
HETATM 1111 O O   . HOH B 2 .   ? 3.635   -12.195 -2.068  1.00 40.41 ? 2009 HOH A O   1 
HETATM 1112 O O   . HOH B 2 .   ? 2.712   -10.498 0.639   1.00 58.66 ? 2010 HOH A O   1 
HETATM 1113 O O   . HOH B 2 .   ? 0.146   -5.156  2.087   1.00 31.31 ? 2011 HOH A O   1 
HETATM 1114 O O   . HOH B 2 .   ? -9.549  13.672  1.032   1.00 46.71 ? 2012 HOH A O   1 
HETATM 1115 O O   . HOH B 2 .   ? -6.700  9.003   -3.380  1.00 40.36 ? 2013 HOH A O   1 
HETATM 1116 O O   . HOH B 2 .   ? -6.766  12.452  -2.200  1.00 40.27 ? 2014 HOH A O   1 
HETATM 1117 O O   . HOH B 2 .   ? 4.487   9.403   13.458  1.00 36.29 ? 2015 HOH A O   1 
HETATM 1118 O O   . HOH B 2 .   ? -5.575  9.121   10.195  1.00 45.38 ? 2016 HOH A O   1 
HETATM 1119 O O   . HOH B 2 .   ? -9.073  5.407   16.139  1.00 23.87 ? 2017 HOH A O   1 
HETATM 1120 O O   . HOH B 2 .   ? -10.961 6.941   9.852   1.00 47.64 ? 2018 HOH A O   1 
HETATM 1121 O O   . HOH B 2 .   ? -13.288 -2.396  5.210   1.00 31.44 ? 2019 HOH A O   1 
HETATM 1122 O O   . HOH B 2 .   ? -6.796  -6.584  10.529  1.00 27.02 ? 2020 HOH A O   1 
HETATM 1123 O O   . HOH B 2 .   ? -9.236  -1.372  16.122  1.00 49.46 ? 2021 HOH A O   1 
HETATM 1124 O O   . HOH B 2 .   ? -13.050 4.323   11.520  1.00 32.47 ? 2022 HOH A O   1 
HETATM 1125 O O   . HOH B 2 .   ? -9.131  -5.714  12.533  1.00 37.14 ? 2023 HOH A O   1 
HETATM 1126 O O   . HOH B 2 .   ? 7.355   8.866   -5.718  1.00 24.12 ? 2024 HOH A O   1 
HETATM 1127 O O   . HOH B 2 .   ? 6.164   2.036   -3.547  1.00 21.94 ? 2025 HOH A O   1 
HETATM 1128 O O   . HOH B 2 .   ? 3.654   -5.488  7.334   1.00 54.80 ? 2026 HOH A O   1 
HETATM 1129 O O   . HOH B 2 .   ? -5.379  -0.990  15.758  1.00 48.71 ? 2027 HOH A O   1 
# 
